data_9MNA
#
_entry.id   9MNA
#
_cell.length_a   1.00
_cell.length_b   1.00
_cell.length_c   1.00
_cell.angle_alpha   90.00
_cell.angle_beta   90.00
_cell.angle_gamma   90.00
#
_symmetry.space_group_name_H-M   'P 1'
#
loop_
_entity.id
_entity.type
_entity.pdbx_description
1 polymer 'Transcription elongation factor, mitochondrial'
2 polymer 'DNA-directed RNA polymerase, mitochondrial'
3 polymer 'Non-Template Strand DNA'
4 polymer 'Template Strand DNA'
5 polymer RNA
6 non-polymer 'MAGNESIUM ION'
7 non-polymer "ADENOSINE-5'-TRIPHOSPHATE"
#
loop_
_entity_poly.entity_id
_entity_poly.type
_entity_poly.pdbx_seq_one_letter_code
_entity_poly.pdbx_strand_id
1 'polypeptide(L)'
;MSGSVLFTAGERWRCFLTPSRSSLYWALHNFCCRKKSTTPKKITPNVTFCDENAKEPENALDKLFSSEQQASILHVLNTA
STKELEAFRLLRGRRSINIVEHRENFGPFQNLESLMNVPLFKYKSTVQVCNSILCPKTGREKRKSPENRFLRKLLKPDIE
RERLKAVNSIISIVFGTRRIAWAHLDRKLTVLDWQQSDRWSLMRGIYSSSVYLEEISSIISKMPKADFYVLEKTGLSIQN
SSLFPILLHFHIMEAMLYALLNKTFAQDGQHQVLSMNRNAVGKHFELMIGDSRTSGKELVKQFLFDSILKADPRVFFPSD
KIVHYRQMFLSTELQRVEELYDSLLQAIAFYELAVFDSQP
;
A,B
2 'polypeptide(L)'
;MSALCWGRGAAGLKRALRPCGRPGLPGKEGTAGGVCGPRRSSSASPQEQDQDRRKDWGHVELLEVLQARVRQLQAESVSE
VVVNRVDVARLPECGSGDGSLQPPRKVQMGAKDATPVPCGRWAKILEKDKRTQQMRMQRLKAKLQMPFQSGEFKALTRRL
QVEPRLLSKQMAGCLEDCTRQAPESPWEEQLARLLQEAPGKLSLDVEQAPSGQHSQAQLSGQQQRLLAFFKCCLLTDQLP
LAHHLLVVHHGQRQKRKLLTLDMYNAVMLGWARQGAFKELVYVLFMVKDAGLTPDLLSYAAALQCMGRQDQDAGTIERCL
EQMSQEGLKLQALFTAVLLSEEDRATVLKAVHKVKPTFSLPPQLPPPVNTSKLLRDVYAKDGRVSYPKLHLPLKTLQCLF
EKQLHMELASRVCVVSVEKPTLPSKEVKHARKTLKTLRDQWEKALCRALRETKNRLEREVYEGRFSLYPFLCLLDEREVV
RMLLQVLQALPAQGESFTTLARELSARTFSRHVVQRQRVSGQVQALQNHYRKYLCLLASDAEVPEPCLPRQYWEELGAPE
ALREQPWPLPVQMELGKLLAEMLVQATQMPCSLDKPHRSSRLVPVLYHVYSFRNVQQIGILKPHPAYVQLLEKAAEPTLT
FEAVDVPMLCPPLPWTSPHSGAFLLSPTKLMRTVEGATQHQELLETCPPTALHGALDALTQLGNCAWRVNGRVLDLVLQL
FQAKGCPQLGVPAPPSEAPQPPEAHLPHSAAPARKAELRRELAHCQKVAREMHSLRAEALYRLSLAQHLRDRVFWLPHNM
DFRGRTYPCPPHFNHLGSDVARALLEFAQGRPLGPHGLDWLKIHLVNLTGLKKREPLRKRLAFAEEVMDDILDSADQPLT
GRKWWMGAEEPWQTLACCMEVANAVRASDPAAYVSHLPVHQDGSCNGLQHYAALGRDSVGAASVNLEPSDVPQDVYSGVA
AQVEVFRRQDAQRGMRVAQVLEGFITRKVVKQTVMTVVYGVTRYGGRLQIEKRLRELSDFPQEFVWEASHYLVRQVFKSL
QEMFSGTRAIQHWLTESARLISHMGSVVEWVTPLGVPVIQPYRLDSKVKQIGGGIQSITYTHNGDISRKPNTRKQKNGFP
PNFIHSLDSSHMMLTALHCYRKGLTFVSVHDCYWTHAADVSVMNQVCREQFVRLHSEPILQDLSRFLVKRFCSEPQKILE
ASQLKETLQAVPKPGAFDLEQVKRSTYFFS
;
E
3 'polydeoxyribonucleotide'
;(DG)(DT)(DG)(DT)(DT)(DA)(DG)(DT)(DT)(DA)(DG)(DG)(DG)(DA)(DG)(DT)(DG)(DA)(DC)(DT)
(DG)(DT)(DT)(DA)(DA)(DA)(DA)(DG)(DT)(DG)(DC)(DA)(DT)(DA)(DC)(DC)(DG)(DC)(DC)(DA)
(DA)(DG)(DA)(DG)(DA)(DA)(DA)(DA)(DA)(DG)(DA)(DA)(DA)(DC)(DC)(DC)(DA)(DA)(DT)(DT)
(DG)(DT)(DG)(DG)(DC)(DC)
;
N
4 'polydeoxyribonucleotide'
;(DG)(DG)(DC)(DC)(DA)(DC)(DA)(DA)(DT)(DT)(DG)(DG)(DG)(DT)(DT)(DT)(DC)(DT)(DT)(DT)
(DT)(DT)(DC)(DT)(DC)(DT)(DT)(DG)(DG)(DC)(DG)(DG)(DT)(DA)(DT)(DG)(DC)(DA)(DC)(DT)
(DT)(DT)(DT)(DA)(DA)(DC)(DA)(DG)(DT)(DC)(DA)(DC)(DT)(DC)(DC)(DC)(DT)(DA)(DA)(DC)
(DT)(DA)(DA)(DC)(DA)(DC)
;
T
5 'polyribonucleotide' GAGAAAAAG R
#
# COMPACT_ATOMS: atom_id res chain seq x y z
N ARG A 149 42.55 13.80 -20.91
CA ARG A 149 42.21 12.54 -20.28
C ARG A 149 41.54 12.76 -18.93
N PHE A 150 42.35 13.15 -17.94
CA PHE A 150 41.84 13.36 -16.58
C PHE A 150 40.87 14.54 -16.54
N LEU A 151 41.27 15.68 -17.10
CA LEU A 151 40.35 16.79 -17.29
C LEU A 151 39.23 16.42 -18.25
N ARG A 152 39.52 15.54 -19.21
CA ARG A 152 38.47 15.03 -20.08
C ARG A 152 37.55 14.07 -19.34
N LYS A 153 38.06 13.37 -18.32
CA LYS A 153 37.18 12.59 -17.46
C LYS A 153 36.26 13.50 -16.66
N LEU A 154 36.78 14.64 -16.19
CA LEU A 154 35.91 15.56 -15.46
C LEU A 154 34.96 16.27 -16.40
N LEU A 155 35.49 17.03 -17.34
CA LEU A 155 34.69 17.91 -18.20
C LEU A 155 34.22 17.15 -19.43
N LYS A 156 32.92 17.27 -19.73
CA LYS A 156 32.42 16.69 -20.98
C LYS A 156 32.69 17.60 -22.18
N PRO A 157 32.47 18.92 -22.14
CA PRO A 157 32.99 19.76 -23.22
C PRO A 157 34.51 19.88 -23.12
N ASP A 158 35.13 20.17 -24.26
CA ASP A 158 36.59 20.25 -24.35
C ASP A 158 36.98 21.72 -24.44
N ILE A 159 37.44 22.28 -23.32
CA ILE A 159 37.94 23.65 -23.26
C ILE A 159 39.40 23.59 -22.89
N GLU A 160 40.24 24.26 -23.68
CA GLU A 160 41.68 24.27 -23.41
C GLU A 160 41.99 25.13 -22.19
N ARG A 161 43.20 24.95 -21.65
CA ARG A 161 43.49 25.40 -20.30
C ARG A 161 43.68 26.90 -20.18
N GLU A 162 44.04 27.60 -21.26
CA GLU A 162 44.42 29.01 -21.15
C GLU A 162 43.24 29.88 -20.75
N ARG A 163 42.06 29.61 -21.29
CA ARG A 163 40.87 30.32 -20.84
C ARG A 163 40.50 29.93 -19.42
N LEU A 164 40.72 28.66 -19.07
CA LEU A 164 40.40 28.18 -17.74
C LEU A 164 41.36 28.67 -16.66
N LYS A 165 42.48 29.28 -17.04
CA LYS A 165 43.39 29.85 -16.06
C LYS A 165 42.74 31.01 -15.30
N ALA A 166 41.96 31.83 -16.00
CA ALA A 166 41.30 32.99 -15.38
C ALA A 166 39.89 33.08 -15.98
N VAL A 167 38.90 32.59 -15.24
CA VAL A 167 37.53 32.59 -15.72
C VAL A 167 36.72 33.74 -15.12
N ASN A 168 36.97 34.09 -13.85
CA ASN A 168 36.59 35.33 -13.19
C ASN A 168 35.08 35.36 -12.89
N SER A 169 34.31 34.40 -13.39
CA SER A 169 32.87 34.35 -13.15
C SER A 169 32.35 32.96 -13.48
N ILE A 170 31.87 32.23 -12.47
CA ILE A 170 31.33 30.89 -12.64
C ILE A 170 29.98 30.80 -11.94
N ILE A 171 28.98 30.24 -12.62
CA ILE A 171 27.68 29.95 -12.04
C ILE A 171 27.49 28.44 -12.04
N SER A 172 27.11 27.89 -10.90
CA SER A 172 26.83 26.46 -10.76
C SER A 172 25.36 26.25 -10.45
N ILE A 173 24.69 25.44 -11.26
CA ILE A 173 23.28 25.13 -11.08
C ILE A 173 23.14 23.63 -10.91
N VAL A 174 22.07 23.22 -10.24
CA VAL A 174 21.78 21.79 -10.07
C VAL A 174 20.34 21.55 -10.47
N PHE A 175 20.13 20.69 -11.46
CA PHE A 175 18.79 20.34 -11.90
C PHE A 175 18.13 19.39 -10.92
N GLY A 176 16.84 19.58 -10.72
CA GLY A 176 16.05 18.66 -9.93
C GLY A 176 14.67 18.50 -10.54
N THR A 177 14.11 17.30 -10.38
CA THR A 177 12.83 17.00 -11.00
C THR A 177 11.67 17.69 -10.31
N ARG A 178 11.85 18.19 -9.09
CA ARG A 178 10.83 18.91 -8.37
C ARG A 178 11.18 20.37 -8.12
N ARG A 179 12.45 20.67 -7.90
CA ARG A 179 12.89 22.00 -7.51
C ARG A 179 14.24 22.29 -8.15
N ILE A 180 14.54 23.59 -8.28
CA ILE A 180 15.73 24.05 -8.98
C ILE A 180 16.54 24.92 -8.03
N ALA A 181 17.86 24.93 -8.23
CA ALA A 181 18.75 25.67 -7.35
C ALA A 181 20.02 26.06 -8.10
N TRP A 182 20.63 27.15 -7.64
CA TRP A 182 21.81 27.71 -8.29
C TRP A 182 22.59 28.53 -7.29
N ALA A 183 23.86 28.77 -7.63
CA ALA A 183 24.74 29.61 -6.83
C ALA A 183 25.89 30.08 -7.71
N HIS A 184 26.30 31.33 -7.50
CA HIS A 184 27.41 31.92 -8.24
C HIS A 184 28.64 31.93 -7.33
N LEU A 185 29.76 31.40 -7.82
CA LEU A 185 31.00 31.48 -7.07
C LEU A 185 32.11 31.64 -8.09
N ASP A 186 33.03 32.57 -7.86
CA ASP A 186 34.03 32.88 -8.88
C ASP A 186 35.18 31.87 -8.83
N ARG A 187 36.24 32.14 -9.60
CA ARG A 187 37.48 31.37 -9.44
C ARG A 187 38.16 31.73 -8.13
N LYS A 188 37.99 32.97 -7.67
CA LYS A 188 38.35 33.33 -6.31
C LYS A 188 37.32 32.77 -5.33
N LEU A 189 37.52 33.03 -4.04
CA LEU A 189 36.69 32.41 -3.02
C LEU A 189 35.31 33.04 -2.91
N THR A 190 35.05 34.15 -3.60
CA THR A 190 33.84 34.94 -3.37
C THR A 190 32.59 34.22 -3.87
N VAL A 191 31.56 34.19 -3.02
CA VAL A 191 30.24 33.68 -3.39
C VAL A 191 29.34 34.88 -3.63
N LEU A 192 28.70 34.93 -4.79
CA LEU A 192 27.88 36.09 -5.14
C LEU A 192 26.43 35.92 -4.72
N ASP A 193 25.81 34.78 -5.05
CA ASP A 193 24.39 34.62 -4.79
C ASP A 193 24.07 33.15 -4.56
N TRP A 194 22.94 32.91 -3.90
CA TRP A 194 22.42 31.56 -3.67
C TRP A 194 20.90 31.67 -3.55
N GLN A 195 20.18 31.08 -4.50
CA GLN A 195 18.72 31.09 -4.48
C GLN A 195 18.21 29.75 -5.01
N GLN A 196 16.98 29.42 -4.62
CA GLN A 196 16.26 28.29 -5.19
C GLN A 196 14.86 28.74 -5.57
N SER A 197 14.31 28.12 -6.60
CA SER A 197 12.94 28.37 -7.04
C SER A 197 12.15 27.08 -6.97
N ASP A 198 10.94 27.16 -6.43
CA ASP A 198 10.08 26.00 -6.22
C ASP A 198 8.80 26.16 -7.04
N ARG A 199 7.86 25.23 -6.80
CA ARG A 199 6.50 25.29 -7.34
C ARG A 199 6.49 25.30 -8.86
N TRP A 200 7.14 24.31 -9.45
CA TRP A 200 6.98 24.09 -10.88
C TRP A 200 5.58 23.58 -11.18
N SER A 201 5.08 23.93 -12.35
CA SER A 201 3.85 23.36 -12.87
C SER A 201 4.09 22.04 -13.57
N LEU A 202 5.26 21.43 -13.40
CA LEU A 202 5.77 20.44 -14.34
C LEU A 202 5.91 19.08 -13.65
N MET A 203 6.18 18.05 -14.46
CA MET A 203 6.06 16.63 -14.08
C MET A 203 4.68 16.34 -13.52
N ARG A 204 3.66 16.87 -14.20
CA ARG A 204 2.27 16.67 -13.82
C ARG A 204 1.56 15.69 -14.76
N GLY A 205 2.32 14.93 -15.55
CA GLY A 205 1.78 13.92 -16.43
C GLY A 205 1.74 14.29 -17.89
N ILE A 206 1.89 15.57 -18.24
CA ILE A 206 1.80 16.02 -19.63
C ILE A 206 3.11 16.73 -19.97
N TYR A 207 3.73 16.33 -21.08
CA TYR A 207 5.01 16.86 -21.53
C TYR A 207 4.76 17.81 -22.69
N SER A 208 5.00 19.10 -22.45
CA SER A 208 4.79 20.14 -23.45
C SER A 208 5.98 21.09 -23.46
N SER A 209 6.45 21.44 -24.66
CA SER A 209 7.67 22.22 -24.79
C SER A 209 7.46 23.71 -24.50
N SER A 210 6.24 24.22 -24.73
CA SER A 210 5.98 25.64 -24.52
C SER A 210 6.12 26.02 -23.06
N VAL A 211 5.51 25.24 -22.16
CA VAL A 211 5.65 25.51 -20.74
C VAL A 211 7.06 25.18 -20.26
N TYR A 212 7.77 24.28 -20.96
CA TYR A 212 9.19 24.06 -20.69
C TYR A 212 9.97 25.36 -20.83
N LEU A 213 9.84 26.02 -21.99
CA LEU A 213 10.65 27.22 -22.17
C LEU A 213 10.08 28.38 -21.35
N GLU A 214 8.79 28.35 -21.01
CA GLU A 214 8.27 29.34 -20.06
C GLU A 214 8.95 29.19 -18.70
N GLU A 215 9.07 27.97 -18.20
CA GLU A 215 9.72 27.74 -16.90
C GLU A 215 11.21 28.05 -16.96
N ILE A 216 11.88 27.65 -18.03
CA ILE A 216 13.32 27.92 -18.15
C ILE A 216 13.58 29.41 -18.30
N SER A 217 12.69 30.15 -19.00
CA SER A 217 12.84 31.58 -19.09
C SER A 217 12.57 32.26 -17.75
N SER A 218 11.59 31.76 -17.00
CA SER A 218 11.34 32.29 -15.66
C SER A 218 12.54 32.04 -14.75
N ILE A 219 13.24 30.93 -14.92
CA ILE A 219 14.46 30.69 -14.15
C ILE A 219 15.58 31.62 -14.60
N ILE A 220 15.79 31.75 -15.92
CA ILE A 220 16.90 32.54 -16.44
C ILE A 220 16.72 34.04 -16.15
N SER A 221 15.48 34.49 -15.92
CA SER A 221 15.23 35.91 -15.68
C SER A 221 15.91 36.39 -14.40
N LYS A 222 16.09 35.51 -13.43
CA LYS A 222 16.83 35.84 -12.22
C LYS A 222 18.32 35.49 -12.30
N MET A 223 18.73 34.76 -13.34
CA MET A 223 20.12 34.32 -13.41
C MET A 223 21.03 35.43 -13.92
N PRO A 224 22.28 35.50 -13.42
CA PRO A 224 23.25 36.44 -13.98
C PRO A 224 24.03 35.85 -15.14
N LYS A 225 25.01 36.59 -15.65
CA LYS A 225 25.83 36.16 -16.78
C LYS A 225 27.26 35.94 -16.33
N ALA A 226 27.86 34.82 -16.73
CA ALA A 226 29.21 34.46 -16.32
C ALA A 226 29.96 33.84 -17.49
N ASP A 227 31.26 33.64 -17.28
CA ASP A 227 32.14 33.19 -18.36
C ASP A 227 31.91 31.72 -18.69
N PHE A 228 31.81 30.87 -17.68
CA PHE A 228 31.55 29.45 -17.89
C PHE A 228 30.46 28.99 -16.95
N TYR A 229 29.65 28.05 -17.43
CA TYR A 229 28.41 27.65 -16.76
C TYR A 229 28.51 26.19 -16.35
N VAL A 230 28.30 25.92 -15.07
CA VAL A 230 28.48 24.58 -14.51
C VAL A 230 27.15 23.84 -14.53
N LEU A 231 27.16 22.62 -15.08
CA LEU A 231 26.02 21.73 -15.10
C LEU A 231 26.38 20.44 -14.37
N GLU A 232 25.37 19.75 -13.84
CA GLU A 232 25.57 18.45 -13.20
C GLU A 232 24.79 17.39 -13.96
N LYS A 233 25.48 16.66 -14.83
CA LYS A 233 24.86 15.54 -15.53
C LYS A 233 24.54 14.42 -14.56
N THR A 234 23.44 13.72 -14.82
CA THR A 234 23.05 12.61 -13.98
C THR A 234 23.97 11.41 -14.19
N GLY A 235 23.96 10.51 -13.23
CA GLY A 235 24.63 9.24 -13.39
C GLY A 235 23.81 8.21 -14.13
N LEU A 236 22.57 8.54 -14.49
CA LEU A 236 21.70 7.60 -15.17
C LEU A 236 22.16 7.37 -16.61
N SER A 237 21.80 6.21 -17.14
CA SER A 237 22.01 5.87 -18.52
C SER A 237 20.67 5.67 -19.22
N ILE A 238 20.69 5.75 -20.55
CA ILE A 238 19.47 5.52 -21.33
C ILE A 238 19.06 4.05 -21.27
N GLN A 239 20.00 3.13 -21.01
CA GLN A 239 19.70 1.71 -20.97
C GLN A 239 18.83 1.33 -19.76
N ASN A 240 18.79 2.17 -18.73
CA ASN A 240 17.95 1.90 -17.58
C ASN A 240 16.49 2.13 -17.94
N SER A 241 15.70 1.06 -17.96
CA SER A 241 14.27 1.19 -18.26
C SER A 241 13.55 1.96 -17.17
N SER A 242 13.86 1.68 -15.91
CA SER A 242 13.31 2.47 -14.82
C SER A 242 13.93 3.87 -14.82
N LEU A 243 13.23 4.80 -14.17
CA LEU A 243 13.61 6.22 -14.05
C LEU A 243 13.70 6.91 -15.40
N PHE A 244 13.01 6.37 -16.41
CA PHE A 244 13.03 6.96 -17.75
C PHE A 244 12.39 8.36 -17.83
N PRO A 245 11.21 8.63 -17.24
CA PRO A 245 10.72 10.02 -17.29
C PRO A 245 11.62 11.01 -16.62
N ILE A 246 12.29 10.62 -15.53
CA ILE A 246 13.24 11.51 -14.88
C ILE A 246 14.44 11.77 -15.78
N LEU A 247 14.92 10.75 -16.48
CA LEU A 247 16.04 10.94 -17.40
C LEU A 247 15.65 11.82 -18.58
N LEU A 248 14.45 11.64 -19.11
CA LEU A 248 13.96 12.50 -20.19
C LEU A 248 13.82 13.93 -19.72
N HIS A 249 13.36 14.11 -18.47
CA HIS A 249 13.27 15.44 -17.86
C HIS A 249 14.64 16.09 -17.74
N PHE A 250 15.64 15.34 -17.28
CA PHE A 250 16.98 15.89 -17.14
C PHE A 250 17.60 16.23 -18.49
N HIS A 251 17.44 15.35 -19.48
CA HIS A 251 17.99 15.61 -20.81
C HIS A 251 17.29 16.79 -21.49
N ILE A 252 15.98 16.91 -21.30
CA ILE A 252 15.26 18.01 -21.92
C ILE A 252 15.62 19.34 -21.25
N MET A 253 15.85 19.34 -19.93
CA MET A 253 16.24 20.60 -19.30
C MET A 253 17.67 20.97 -19.65
N GLU A 254 18.58 19.98 -19.69
CA GLU A 254 19.95 20.30 -20.04
C GLU A 254 20.05 20.75 -21.49
N ALA A 255 19.22 20.21 -22.38
CA ALA A 255 19.19 20.69 -23.75
C ALA A 255 18.65 22.12 -23.83
N MET A 256 17.54 22.39 -23.12
CA MET A 256 16.94 23.72 -23.18
C MET A 256 17.87 24.78 -22.59
N LEU A 257 18.49 24.49 -21.44
CA LEU A 257 19.34 25.47 -20.79
C LEU A 257 20.70 25.61 -21.45
N TYR A 258 21.27 24.51 -21.96
CA TYR A 258 22.51 24.58 -22.72
C TYR A 258 22.27 25.31 -24.04
N ALA A 259 21.06 25.16 -24.60
CA ALA A 259 20.69 25.90 -25.80
C ALA A 259 20.65 27.40 -25.53
N LEU A 260 20.13 27.79 -24.37
CA LEU A 260 20.19 29.18 -23.92
C LEU A 260 21.57 29.47 -23.32
N LEU A 261 21.67 30.60 -22.63
CA LEU A 261 22.82 31.10 -21.89
C LEU A 261 23.99 31.52 -22.78
N ASN A 262 23.88 31.38 -24.11
CA ASN A 262 24.97 31.66 -25.03
C ASN A 262 24.42 32.58 -26.12
N LYS A 263 24.45 33.88 -25.86
CA LYS A 263 23.97 34.84 -26.85
C LYS A 263 24.91 34.97 -28.03
N THR A 264 26.21 34.76 -27.81
CA THR A 264 27.23 35.00 -28.81
C THR A 264 27.91 33.72 -29.27
N PHE A 265 27.14 32.64 -29.43
CA PHE A 265 27.73 31.37 -29.87
C PHE A 265 28.20 31.45 -31.32
N ALA A 266 27.41 32.09 -32.19
CA ALA A 266 27.78 32.17 -33.60
C ALA A 266 28.95 33.12 -33.82
N GLN A 267 29.18 34.06 -32.89
CA GLN A 267 30.26 35.01 -33.05
C GLN A 267 31.60 34.44 -32.60
N ASP A 268 31.68 33.90 -31.37
CA ASP A 268 32.96 33.41 -30.88
C ASP A 268 33.33 32.06 -31.48
N GLY A 269 32.33 31.21 -31.74
CA GLY A 269 32.59 29.88 -32.22
C GLY A 269 33.07 28.90 -31.19
N GLN A 270 33.02 29.25 -29.91
CA GLN A 270 33.50 28.40 -28.83
C GLN A 270 32.37 28.08 -27.87
N HIS A 271 32.39 26.87 -27.32
CA HIS A 271 31.37 26.45 -26.38
C HIS A 271 31.51 27.20 -25.06
N GLN A 272 30.40 27.34 -24.34
CA GLN A 272 30.40 28.13 -23.13
C GLN A 272 29.87 27.40 -21.90
N VAL A 273 29.01 26.40 -22.07
CA VAL A 273 28.41 25.68 -20.95
C VAL A 273 29.08 24.31 -20.84
N LEU A 274 29.53 23.98 -19.63
CA LEU A 274 30.22 22.73 -19.35
C LEU A 274 29.46 21.91 -18.32
N SER A 275 29.57 20.58 -18.42
CA SER A 275 28.84 19.68 -17.54
C SER A 275 29.80 18.81 -16.73
N MET A 276 29.27 18.23 -15.66
CA MET A 276 30.05 17.44 -14.71
C MET A 276 29.47 16.05 -14.53
N ASN A 277 30.36 15.06 -14.51
CA ASN A 277 30.00 13.76 -13.96
C ASN A 277 29.87 13.88 -12.45
N ARG A 278 28.73 13.44 -11.91
CA ARG A 278 28.52 13.57 -10.47
C ARG A 278 29.43 12.62 -9.68
N ASN A 279 29.74 11.46 -10.24
CA ASN A 279 30.62 10.52 -9.57
C ASN A 279 32.04 11.07 -9.47
N ALA A 280 32.54 11.70 -10.54
CA ALA A 280 33.89 12.25 -10.50
C ALA A 280 33.99 13.45 -9.56
N VAL A 281 32.97 14.29 -9.54
CA VAL A 281 33.04 15.49 -8.71
C VAL A 281 32.83 15.10 -7.25
N GLY A 282 32.17 13.97 -7.00
CA GLY A 282 32.28 13.34 -5.70
C GLY A 282 33.66 12.75 -5.45
N LYS A 283 34.31 12.28 -6.51
CA LYS A 283 35.58 11.57 -6.37
C LYS A 283 36.74 12.50 -6.06
N HIS A 284 36.61 13.80 -6.36
CA HIS A 284 37.56 14.74 -5.79
C HIS A 284 37.46 14.76 -4.28
N PHE A 285 36.24 14.62 -3.75
CA PHE A 285 36.02 14.48 -2.32
C PHE A 285 36.08 13.00 -1.94
N GLU A 286 35.64 12.67 -0.72
CA GLU A 286 35.68 11.31 -0.20
C GLU A 286 34.29 10.71 -0.01
N LEU A 287 33.26 11.33 -0.60
CA LEU A 287 31.89 11.07 -0.16
C LEU A 287 31.33 9.74 -0.64
N MET A 288 31.95 9.10 -1.64
CA MET A 288 31.34 7.88 -2.15
C MET A 288 31.59 6.72 -1.20
N ILE A 289 30.72 5.72 -1.30
CA ILE A 289 31.06 4.34 -0.94
C ILE A 289 30.12 3.43 -1.73
N GLY A 290 30.67 2.36 -2.30
CA GLY A 290 29.89 1.52 -3.19
C GLY A 290 29.47 2.22 -4.45
N ASP A 291 30.29 3.15 -4.97
CA ASP A 291 30.06 3.92 -6.19
C ASP A 291 28.77 4.74 -6.13
N SER A 292 28.38 5.19 -4.95
CA SER A 292 27.19 6.00 -4.78
C SER A 292 27.50 7.22 -3.92
N ARG A 293 27.01 8.38 -4.34
CA ARG A 293 27.23 9.62 -3.60
C ARG A 293 26.29 9.71 -2.41
N THR A 294 26.85 10.09 -1.27
CA THR A 294 26.03 10.39 -0.09
C THR A 294 25.58 11.85 -0.16
N SER A 295 25.03 12.36 0.94
CA SER A 295 24.34 13.64 0.88
C SER A 295 25.30 14.80 0.70
N GLY A 296 26.39 14.81 1.45
CA GLY A 296 27.22 15.99 1.52
C GLY A 296 26.65 17.10 2.36
N LYS A 297 25.54 16.86 3.05
CA LYS A 297 24.95 17.89 3.90
C LYS A 297 25.86 18.24 5.06
N GLU A 298 26.47 17.24 5.69
CA GLU A 298 27.42 17.52 6.76
C GLU A 298 28.69 18.18 6.23
N LEU A 299 29.13 17.79 5.03
CA LEU A 299 30.29 18.42 4.43
C LEU A 299 30.00 19.87 4.03
N VAL A 300 28.83 20.14 3.47
CA VAL A 300 28.52 21.52 3.10
C VAL A 300 28.23 22.35 4.34
N LYS A 301 27.79 21.72 5.43
CA LYS A 301 27.63 22.43 6.69
C LYS A 301 28.99 22.78 7.28
N GLN A 302 29.96 21.87 7.18
CA GLN A 302 31.31 22.15 7.67
C GLN A 302 32.01 23.18 6.80
N PHE A 303 31.74 23.17 5.49
CA PHE A 303 32.38 24.13 4.60
C PHE A 303 31.77 25.51 4.75
N LEU A 304 30.45 25.58 4.92
CA LEU A 304 29.80 26.88 5.15
C LEU A 304 30.18 27.44 6.52
N PHE A 305 30.02 26.64 7.57
CA PHE A 305 30.40 27.05 8.92
C PHE A 305 30.52 25.84 9.84
N PRO A 313 40.95 27.86 4.28
CA PRO A 313 39.61 27.28 4.22
C PRO A 313 39.25 26.73 2.84
N ARG A 314 38.35 25.75 2.80
CA ARG A 314 37.93 25.17 1.53
C ARG A 314 37.11 26.16 0.73
N VAL A 315 36.23 26.92 1.38
CA VAL A 315 35.43 27.94 0.73
C VAL A 315 35.16 29.05 1.75
N PHE A 316 35.16 30.29 1.28
CA PHE A 316 34.87 31.43 2.13
C PHE A 316 33.60 32.11 1.63
N PHE A 317 32.59 32.15 2.46
CA PHE A 317 31.36 32.83 2.12
C PHE A 317 31.44 34.30 2.53
N PRO A 318 31.17 35.23 1.63
CA PRO A 318 31.15 36.65 2.01
C PRO A 318 30.06 36.95 3.02
N SER A 319 30.33 37.94 3.88
CA SER A 319 29.47 38.25 5.01
C SER A 319 28.27 39.10 4.63
N ASP A 320 28.14 39.50 3.37
CA ASP A 320 27.02 40.34 2.96
C ASP A 320 25.70 39.56 3.00
N LYS A 321 25.73 38.28 2.64
CA LYS A 321 24.53 37.48 2.54
C LYS A 321 24.59 36.21 3.39
N ILE A 322 25.58 36.09 4.29
CA ILE A 322 25.76 34.86 5.04
C ILE A 322 24.65 34.67 6.08
N VAL A 323 24.03 35.75 6.55
CA VAL A 323 22.91 35.63 7.49
C VAL A 323 21.71 34.99 6.81
N HIS A 324 21.40 35.44 5.59
CA HIS A 324 20.33 34.84 4.81
C HIS A 324 20.67 33.40 4.44
N TYR A 325 21.96 33.13 4.17
CA TYR A 325 22.39 31.77 3.88
C TYR A 325 22.16 30.84 5.07
N ARG A 326 22.48 31.30 6.28
CA ARG A 326 22.25 30.50 7.48
C ARG A 326 20.75 30.30 7.74
N GLN A 327 19.96 31.37 7.57
CA GLN A 327 18.52 31.29 7.82
C GLN A 327 17.84 30.33 6.86
N MET A 328 18.23 30.35 5.59
CA MET A 328 17.70 29.39 4.63
C MET A 328 18.32 28.01 4.83
N PHE A 329 19.52 27.94 5.39
CA PHE A 329 20.17 26.65 5.59
C PHE A 329 19.51 25.87 6.71
N LEU A 330 18.97 26.56 7.72
CA LEU A 330 18.21 25.85 8.75
C LEU A 330 16.99 25.16 8.16
N SER A 331 16.27 25.85 7.26
CA SER A 331 15.10 25.25 6.62
C SER A 331 15.50 24.12 5.68
N THR A 332 16.56 24.31 4.89
CA THR A 332 17.00 23.25 3.98
C THR A 332 17.70 22.11 4.69
N GLU A 333 18.04 22.28 5.97
CA GLU A 333 18.55 21.17 6.77
C GLU A 333 17.44 20.42 7.46
N LEU A 334 16.36 21.12 7.84
CA LEU A 334 15.19 20.44 8.38
C LEU A 334 14.53 19.56 7.33
N GLN A 335 14.41 20.06 6.10
CA GLN A 335 13.82 19.32 5.00
C GLN A 335 14.92 18.62 4.20
N ARG A 336 14.54 17.58 3.46
CA ARG A 336 15.50 16.86 2.62
C ARG A 336 15.56 17.54 1.26
N VAL A 337 16.41 18.57 1.19
CA VAL A 337 16.64 19.33 -0.03
C VAL A 337 18.12 19.15 -0.37
N GLU A 338 18.43 18.17 -1.22
CA GLU A 338 19.81 17.82 -1.53
C GLU A 338 20.36 18.54 -2.75
N GLU A 339 19.53 19.23 -3.51
CA GLU A 339 19.98 19.76 -4.80
C GLU A 339 20.91 20.96 -4.62
N LEU A 340 20.58 21.89 -3.73
CA LEU A 340 21.44 23.06 -3.56
C LEU A 340 22.72 22.73 -2.82
N TYR A 341 22.74 21.58 -2.11
CA TYR A 341 23.93 21.20 -1.37
C TYR A 341 25.04 20.73 -2.29
N ASP A 342 24.70 20.12 -3.42
CA ASP A 342 25.73 19.67 -4.35
C ASP A 342 26.27 20.81 -5.21
N SER A 343 25.57 21.95 -5.27
CA SER A 343 25.98 23.03 -6.16
C SER A 343 27.30 23.67 -5.70
N LEU A 344 27.40 24.00 -4.41
CA LEU A 344 28.64 24.56 -3.88
C LEU A 344 29.78 23.54 -3.95
N LEU A 345 29.48 22.27 -3.67
CA LEU A 345 30.52 21.24 -3.71
C LEU A 345 31.08 21.07 -5.12
N GLN A 346 30.21 21.05 -6.14
CA GLN A 346 30.71 20.91 -7.50
C GLN A 346 31.40 22.17 -7.98
N ALA A 347 30.97 23.34 -7.49
CA ALA A 347 31.70 24.57 -7.79
C ALA A 347 33.12 24.52 -7.24
N ILE A 348 33.24 24.12 -5.96
CA ILE A 348 34.55 24.08 -5.30
C ILE A 348 35.46 23.07 -6.00
N ALA A 349 34.91 21.91 -6.37
CA ALA A 349 35.74 20.94 -7.08
C ALA A 349 36.10 21.39 -8.49
N PHE A 350 35.24 22.19 -9.15
CA PHE A 350 35.65 22.82 -10.41
C PHE A 350 36.82 23.78 -10.20
N TYR A 351 36.78 24.58 -9.13
CA TYR A 351 37.84 25.55 -8.92
C TYR A 351 39.11 24.89 -8.39
N GLU A 352 39.03 23.65 -7.92
CA GLU A 352 40.24 22.98 -7.47
C GLU A 352 40.85 22.09 -8.54
N LEU A 353 40.05 21.28 -9.23
CA LEU A 353 40.62 20.17 -9.99
C LEU A 353 41.02 20.58 -11.40
N ALA A 354 40.29 21.51 -12.02
CA ALA A 354 40.65 22.02 -13.33
C ALA A 354 41.20 23.44 -13.29
N VAL A 355 41.05 24.14 -12.17
CA VAL A 355 41.52 25.51 -11.99
C VAL A 355 42.52 25.49 -10.84
N PHE A 356 43.55 26.36 -10.94
CA PHE A 356 44.55 26.56 -9.89
C PHE A 356 45.38 25.30 -9.66
N ASP A 357 45.80 24.66 -10.75
CA ASP A 357 46.62 23.45 -10.66
C ASP A 357 48.07 23.80 -10.32
N LEU B 151 -9.26 24.05 -34.08
CA LEU B 151 -8.23 25.00 -33.69
C LEU B 151 -7.42 24.48 -32.51
N ARG B 152 -8.10 24.28 -31.38
CA ARG B 152 -7.43 23.79 -30.18
C ARG B 152 -6.95 22.36 -30.35
N LYS B 153 -7.74 21.53 -31.05
CA LYS B 153 -7.31 20.17 -31.32
C LYS B 153 -6.18 20.14 -32.35
N LEU B 154 -6.23 21.06 -33.32
CA LEU B 154 -5.18 21.12 -34.33
C LEU B 154 -3.91 21.78 -33.79
N LEU B 155 -4.06 22.76 -32.89
CA LEU B 155 -2.93 23.51 -32.34
C LEU B 155 -2.96 23.39 -30.82
N LYS B 156 -2.00 22.64 -30.26
CA LYS B 156 -1.87 22.57 -28.81
C LYS B 156 -1.54 23.92 -28.18
N PRO B 157 -0.64 24.75 -28.70
CA PRO B 157 -0.59 26.15 -28.25
C PRO B 157 -1.64 26.99 -28.97
N ASP B 158 -1.81 28.22 -28.49
CA ASP B 158 -2.81 29.13 -29.03
C ASP B 158 -2.17 30.47 -29.34
N ILE B 159 -2.65 31.11 -30.42
CA ILE B 159 -2.19 32.42 -30.86
C ILE B 159 -3.42 33.19 -31.34
N GLU B 160 -3.28 34.51 -31.44
CA GLU B 160 -4.36 35.36 -31.95
C GLU B 160 -4.70 35.00 -33.40
N ARG B 161 -5.99 35.08 -33.73
CA ARG B 161 -6.46 34.66 -35.05
C ARG B 161 -5.96 35.59 -36.15
N GLU B 162 -5.86 36.89 -35.87
CA GLU B 162 -5.36 37.83 -36.86
C GLU B 162 -3.87 37.62 -37.13
N ARG B 163 -3.11 37.21 -36.11
CA ARG B 163 -1.71 36.87 -36.33
C ARG B 163 -1.59 35.56 -37.09
N LEU B 164 -2.52 34.63 -36.89
CA LEU B 164 -2.46 33.35 -37.58
C LEU B 164 -2.85 33.50 -39.04
N LYS B 165 -3.81 34.37 -39.35
CA LYS B 165 -4.29 34.51 -40.71
C LYS B 165 -3.28 35.25 -41.58
N ALA B 166 -2.70 36.33 -41.08
CA ALA B 166 -1.84 37.20 -41.87
C ALA B 166 -0.41 37.09 -41.36
N VAL B 167 0.45 36.46 -42.16
CA VAL B 167 1.88 36.39 -41.91
C VAL B 167 2.62 36.71 -43.20
N ASN B 168 3.75 37.42 -43.07
CA ASN B 168 4.50 37.80 -44.26
C ASN B 168 5.18 36.59 -44.89
N SER B 169 5.83 35.77 -44.08
CA SER B 169 6.50 34.57 -44.58
C SER B 169 6.70 33.61 -43.42
N ILE B 170 6.58 32.31 -43.71
CA ILE B 170 6.87 31.27 -42.72
C ILE B 170 7.85 30.28 -43.33
N ILE B 171 8.35 29.41 -42.46
CA ILE B 171 9.20 28.29 -42.86
C ILE B 171 8.50 27.01 -42.41
N SER B 172 9.01 25.88 -42.89
CA SER B 172 8.57 24.56 -42.42
C SER B 172 9.68 23.95 -41.56
N ILE B 173 9.60 24.12 -40.25
CA ILE B 173 10.52 23.44 -39.34
C ILE B 173 10.00 22.02 -39.16
N VAL B 174 10.48 21.11 -39.99
CA VAL B 174 10.14 19.69 -39.89
C VAL B 174 11.43 18.91 -40.04
N PHE B 175 11.79 18.15 -39.01
CA PHE B 175 13.02 17.37 -39.00
C PHE B 175 12.69 15.88 -39.03
N GLY B 176 13.46 15.13 -39.82
CA GLY B 176 13.41 13.69 -39.80
C GLY B 176 14.38 13.12 -38.80
N THR B 177 14.51 11.79 -38.83
CA THR B 177 15.52 11.12 -38.02
C THR B 177 16.92 11.45 -38.53
N ARG B 178 17.08 11.52 -39.85
CA ARG B 178 18.40 11.68 -40.46
C ARG B 178 18.76 13.14 -40.72
N ARG B 179 17.81 13.97 -41.12
CA ARG B 179 18.10 15.34 -41.49
C ARG B 179 16.84 16.19 -41.39
N ILE B 180 17.01 17.50 -41.50
CA ILE B 180 15.93 18.47 -41.45
C ILE B 180 15.85 19.18 -42.80
N ALA B 181 14.63 19.54 -43.20
CA ALA B 181 14.38 20.26 -44.45
C ALA B 181 13.44 21.41 -44.18
N TRP B 182 13.77 22.60 -44.70
CA TRP B 182 12.99 23.80 -44.46
C TRP B 182 12.59 24.44 -45.78
N ALA B 183 11.32 24.79 -45.90
CA ALA B 183 10.76 25.42 -47.10
C ALA B 183 10.17 26.77 -46.72
N HIS B 184 10.41 27.79 -47.54
CA HIS B 184 10.05 29.18 -47.21
C HIS B 184 8.68 29.46 -47.84
N LEU B 185 7.65 29.53 -47.00
CA LEU B 185 6.29 29.76 -47.44
C LEU B 185 5.85 31.16 -47.03
N ASP B 186 5.44 31.96 -48.01
CA ASP B 186 5.08 33.36 -47.77
C ASP B 186 3.59 33.57 -47.49
N ARG B 187 2.80 32.49 -47.43
CA ARG B 187 1.38 32.44 -47.11
C ARG B 187 0.48 33.09 -48.16
N LYS B 188 1.04 33.70 -49.20
CA LYS B 188 0.26 34.16 -50.33
C LYS B 188 0.23 33.13 -51.46
N LEU B 189 0.43 31.85 -51.11
CA LEU B 189 0.52 30.71 -52.01
C LEU B 189 1.70 30.81 -52.98
N THR B 190 2.60 31.76 -52.79
CA THR B 190 3.82 31.90 -53.57
C THR B 190 4.99 31.70 -52.62
N VAL B 191 5.72 30.61 -52.79
CA VAL B 191 6.71 30.16 -51.82
C VAL B 191 8.10 30.30 -52.41
N LEU B 192 9.07 30.67 -51.57
CA LEU B 192 10.35 31.18 -52.08
C LEU B 192 11.44 30.12 -52.18
N ASP B 193 11.82 29.51 -51.05
CA ASP B 193 13.05 28.73 -51.00
C ASP B 193 12.85 27.47 -50.17
N TRP B 194 13.34 26.34 -50.67
CA TRP B 194 13.34 25.10 -49.90
C TRP B 194 14.71 24.44 -50.00
N GLN B 195 15.30 24.14 -48.84
CA GLN B 195 16.60 23.47 -48.76
C GLN B 195 16.53 22.44 -47.64
N GLN B 196 17.66 21.77 -47.41
CA GLN B 196 17.73 20.76 -46.36
C GLN B 196 19.16 20.68 -45.84
N SER B 197 19.30 20.12 -44.64
CA SER B 197 20.61 19.92 -44.06
C SER B 197 21.34 18.77 -44.77
N ASP B 198 22.63 18.99 -45.04
CA ASP B 198 23.40 18.00 -45.80
C ASP B 198 23.66 16.75 -44.97
N ARG B 199 24.10 16.91 -43.73
CA ARG B 199 24.42 15.77 -42.89
C ARG B 199 24.28 16.15 -41.43
N TRP B 200 23.93 15.16 -40.62
CA TRP B 200 23.81 15.31 -39.17
C TRP B 200 24.93 14.54 -38.49
N SER B 201 25.70 15.24 -37.66
CA SER B 201 26.81 14.62 -36.95
C SER B 201 26.45 14.20 -35.52
N LEU B 202 25.25 14.55 -35.05
CA LEU B 202 24.89 14.27 -33.66
C LEU B 202 24.55 12.80 -33.42
N MET B 203 24.09 12.08 -34.44
CA MET B 203 23.69 10.69 -34.26
C MET B 203 24.90 9.78 -34.03
N ARG B 204 26.09 10.20 -34.44
CA ARG B 204 27.29 9.41 -34.16
C ARG B 204 27.72 9.60 -32.72
N GLY B 205 28.11 8.51 -32.08
CA GLY B 205 28.55 8.58 -30.69
C GLY B 205 27.40 8.42 -29.74
N ILE B 206 27.32 9.31 -28.75
CA ILE B 206 26.25 9.30 -27.75
C ILE B 206 25.59 10.66 -27.74
N TYR B 207 24.38 10.70 -27.18
CA TYR B 207 23.65 11.96 -27.01
C TYR B 207 24.40 12.87 -26.05
N SER B 208 24.89 14.00 -26.56
CA SER B 208 25.65 14.95 -25.76
C SER B 208 25.43 16.34 -26.31
N SER B 209 25.44 17.33 -25.42
CA SER B 209 24.98 18.68 -25.75
C SER B 209 25.82 19.35 -26.84
N SER B 210 27.09 18.96 -26.96
CA SER B 210 28.00 19.63 -27.89
C SER B 210 27.60 19.40 -29.34
N VAL B 211 27.31 18.14 -29.71
CA VAL B 211 26.97 17.85 -31.10
C VAL B 211 25.58 18.38 -31.43
N TYR B 212 24.66 18.38 -30.44
CA TYR B 212 23.37 19.05 -30.64
C TYR B 212 23.54 20.54 -30.94
N LEU B 213 24.40 21.24 -30.19
CA LEU B 213 24.59 22.66 -30.44
C LEU B 213 25.31 22.89 -31.76
N GLU B 214 26.26 22.01 -32.12
CA GLU B 214 26.96 22.14 -33.39
C GLU B 214 26.03 21.92 -34.58
N GLU B 215 25.00 21.09 -34.42
CA GLU B 215 23.99 21.00 -35.45
C GLU B 215 23.13 22.27 -35.48
N ILE B 216 22.57 22.66 -34.33
CA ILE B 216 21.55 23.70 -34.32
C ILE B 216 22.11 25.05 -34.74
N SER B 217 23.40 25.31 -34.48
CA SER B 217 24.01 26.54 -34.97
C SER B 217 24.09 26.53 -36.49
N SER B 218 24.33 25.37 -37.10
CA SER B 218 24.42 25.29 -38.56
C SER B 218 23.05 25.44 -39.21
N ILE B 219 22.03 24.79 -38.67
CA ILE B 219 20.70 24.95 -39.25
C ILE B 219 20.14 26.36 -39.03
N ILE B 220 20.31 26.94 -37.84
CA ILE B 220 19.80 28.28 -37.62
C ILE B 220 20.71 29.32 -38.31
N SER B 221 21.91 28.94 -38.70
CA SER B 221 22.76 29.84 -39.48
C SER B 221 22.35 29.88 -40.94
N LYS B 222 21.95 28.74 -41.50
CA LYS B 222 21.43 28.68 -42.87
C LYS B 222 20.01 29.22 -42.98
N MET B 223 19.40 29.56 -41.86
CA MET B 223 17.99 29.87 -41.66
C MET B 223 17.64 31.25 -42.20
N PRO B 224 16.65 31.34 -43.10
CA PRO B 224 16.13 32.64 -43.51
C PRO B 224 15.15 33.19 -42.48
N LYS B 225 15.06 34.52 -42.45
CA LYS B 225 14.16 35.18 -41.50
C LYS B 225 12.71 35.05 -41.98
N ALA B 226 11.82 34.66 -41.06
CA ALA B 226 10.41 34.50 -41.38
C ALA B 226 9.56 35.18 -40.31
N ASP B 227 8.36 35.62 -40.71
CA ASP B 227 7.45 36.27 -39.78
C ASP B 227 6.93 35.29 -38.74
N PHE B 228 6.60 34.07 -39.16
CA PHE B 228 6.07 33.05 -38.27
C PHE B 228 6.79 31.74 -38.55
N TYR B 229 6.75 30.83 -37.58
CA TYR B 229 7.44 29.55 -37.71
C TYR B 229 6.48 28.46 -37.21
N VAL B 230 6.40 27.36 -37.93
CA VAL B 230 5.58 26.22 -37.52
C VAL B 230 6.52 25.06 -37.19
N LEU B 231 6.35 24.49 -36.00
CA LEU B 231 7.08 23.31 -35.58
C LEU B 231 6.12 22.13 -35.55
N GLU B 232 6.58 21.00 -36.07
CA GLU B 232 5.77 19.78 -36.02
C GLU B 232 5.63 19.29 -34.58
N LYS B 233 4.61 18.46 -34.35
CA LYS B 233 4.47 17.76 -33.08
C LYS B 233 4.07 16.32 -33.36
N THR B 234 4.92 15.39 -32.96
CA THR B 234 4.67 13.96 -33.13
C THR B 234 4.07 13.42 -31.84
N GLY B 235 3.11 12.51 -31.98
CA GLY B 235 2.49 11.88 -30.82
C GLY B 235 3.13 10.57 -30.43
N LEU B 236 4.44 10.56 -30.22
CA LEU B 236 5.09 9.35 -29.70
C LEU B 236 4.72 9.16 -28.24
N SER B 237 4.13 8.01 -27.93
CA SER B 237 3.59 7.77 -26.60
C SER B 237 4.71 7.49 -25.61
N ILE B 238 4.66 8.17 -24.46
CA ILE B 238 5.62 7.92 -23.40
C ILE B 238 5.40 6.54 -22.79
N GLN B 239 4.16 6.06 -22.80
CA GLN B 239 3.82 4.77 -22.21
C GLN B 239 4.44 3.60 -22.95
N ASN B 240 4.82 3.77 -24.22
CA ASN B 240 5.45 2.69 -24.97
C ASN B 240 6.89 2.51 -24.47
N SER B 241 7.23 1.28 -24.07
CA SER B 241 8.56 1.01 -23.53
C SER B 241 9.63 1.05 -24.61
N SER B 242 9.29 0.68 -25.84
CA SER B 242 10.24 0.73 -26.93
C SER B 242 10.33 2.16 -27.48
N LEU B 243 11.17 2.33 -28.51
CA LEU B 243 11.33 3.58 -29.25
C LEU B 243 11.79 4.73 -28.36
N PHE B 244 12.50 4.42 -27.28
CA PHE B 244 13.07 5.47 -26.45
C PHE B 244 14.11 6.35 -27.15
N PRO B 245 15.10 5.82 -27.90
CA PRO B 245 16.09 6.74 -28.50
C PRO B 245 15.50 7.74 -29.48
N ILE B 246 14.53 7.32 -30.31
CA ILE B 246 13.89 8.28 -31.19
C ILE B 246 12.99 9.23 -30.41
N LEU B 247 12.49 8.82 -29.24
CA LEU B 247 11.73 9.71 -28.39
C LEU B 247 12.60 10.84 -27.86
N LEU B 248 13.77 10.50 -27.32
CA LEU B 248 14.71 11.54 -26.91
C LEU B 248 15.18 12.36 -28.09
N HIS B 249 15.43 11.73 -29.24
CA HIS B 249 15.90 12.45 -30.42
C HIS B 249 14.90 13.52 -30.83
N PHE B 250 13.62 13.13 -30.95
CA PHE B 250 12.59 14.06 -31.40
C PHE B 250 12.32 15.14 -30.36
N HIS B 251 12.26 14.78 -29.07
CA HIS B 251 11.99 15.78 -28.05
C HIS B 251 13.14 16.77 -27.89
N ILE B 252 14.38 16.29 -27.87
CA ILE B 252 15.51 17.19 -27.67
C ILE B 252 15.73 18.05 -28.92
N MET B 253 15.55 17.48 -30.12
CA MET B 253 15.63 18.29 -31.33
C MET B 253 14.53 19.35 -31.36
N GLU B 254 13.31 18.97 -30.95
CA GLU B 254 12.22 19.92 -30.86
C GLU B 254 12.52 21.02 -29.85
N ALA B 255 13.09 20.66 -28.71
CA ALA B 255 13.40 21.64 -27.67
C ALA B 255 14.46 22.63 -28.14
N MET B 256 15.49 22.16 -28.84
CA MET B 256 16.52 23.10 -29.24
C MET B 256 16.13 23.89 -30.48
N LEU B 257 15.29 23.34 -31.36
CA LEU B 257 14.65 24.17 -32.37
C LEU B 257 13.75 25.22 -31.74
N TYR B 258 13.05 24.85 -30.67
CA TYR B 258 12.14 25.76 -30.00
C TYR B 258 12.90 26.79 -29.16
N ALA B 259 14.18 26.53 -28.92
CA ALA B 259 15.03 27.46 -28.17
C ALA B 259 15.81 28.40 -29.08
N LEU B 260 16.61 27.87 -30.00
CA LEU B 260 17.47 28.73 -30.83
C LEU B 260 16.66 29.55 -31.83
N LEU B 261 15.72 28.91 -32.54
CA LEU B 261 14.95 29.63 -33.54
C LEU B 261 14.04 30.68 -32.91
N ASN B 262 13.42 30.36 -31.78
CA ASN B 262 12.51 31.29 -31.12
C ASN B 262 13.36 32.34 -30.43
N LYS B 263 13.59 33.44 -31.13
CA LYS B 263 14.27 34.57 -30.54
C LYS B 263 13.26 35.44 -29.79
N THR B 264 13.78 36.52 -29.20
CA THR B 264 13.05 37.62 -28.52
C THR B 264 11.89 37.14 -27.62
N PHE B 265 12.08 35.98 -26.98
CA PHE B 265 11.09 35.50 -26.03
C PHE B 265 11.13 36.29 -24.73
N ALA B 266 12.33 36.58 -24.22
CA ALA B 266 12.44 37.42 -23.04
C ALA B 266 12.13 38.87 -23.35
N GLN B 267 12.51 39.35 -24.53
CA GLN B 267 12.28 40.74 -24.89
C GLN B 267 10.82 41.00 -25.25
N ASP B 268 10.20 40.09 -25.99
CA ASP B 268 8.82 40.24 -26.42
C ASP B 268 8.01 39.06 -25.88
N GLY B 269 6.87 39.36 -25.25
CA GLY B 269 6.13 38.37 -24.48
C GLY B 269 5.43 37.31 -25.32
N GLN B 270 5.43 37.43 -26.64
CA GLN B 270 4.72 36.46 -27.47
C GLN B 270 5.55 35.18 -27.64
N HIS B 271 4.97 34.05 -27.27
CA HIS B 271 5.54 32.76 -27.64
C HIS B 271 5.33 32.56 -29.13
N GLN B 272 6.43 32.47 -29.88
CA GLN B 272 6.39 32.80 -31.29
C GLN B 272 6.18 31.60 -32.21
N VAL B 273 6.75 30.44 -31.88
CA VAL B 273 6.63 29.26 -32.73
C VAL B 273 5.75 28.21 -32.05
N LEU B 274 4.84 27.63 -32.82
CA LEU B 274 3.78 26.76 -32.32
C LEU B 274 3.90 25.37 -32.91
N SER B 275 3.47 24.37 -32.13
CA SER B 275 3.53 22.97 -32.53
C SER B 275 2.22 22.54 -33.14
N MET B 276 2.31 21.76 -34.21
CA MET B 276 1.15 21.35 -35.01
C MET B 276 0.86 19.87 -34.83
N ASN B 277 -0.42 19.55 -34.61
CA ASN B 277 -0.92 18.18 -34.50
C ASN B 277 -0.85 17.54 -35.88
N ARG B 278 0.05 16.57 -36.04
CA ARG B 278 0.27 15.97 -37.35
C ARG B 278 -0.86 15.01 -37.71
N ASN B 279 -1.39 14.28 -36.73
CA ASN B 279 -2.40 13.26 -37.00
C ASN B 279 -3.73 13.88 -37.42
N ALA B 280 -4.08 15.03 -36.84
CA ALA B 280 -5.30 15.72 -37.24
C ALA B 280 -5.17 16.33 -38.63
N VAL B 281 -3.97 16.79 -38.98
CA VAL B 281 -3.70 17.29 -40.33
C VAL B 281 -3.76 16.14 -41.34
N GLY B 282 -3.39 14.92 -40.91
CA GLY B 282 -3.49 13.76 -41.78
C GLY B 282 -4.92 13.46 -42.23
N LYS B 283 -5.92 13.88 -41.45
CA LYS B 283 -7.30 13.80 -41.91
C LYS B 283 -7.57 14.79 -43.04
N HIS B 284 -7.00 15.99 -42.95
CA HIS B 284 -7.10 16.96 -44.04
C HIS B 284 -6.36 16.49 -45.28
N PHE B 285 -5.29 15.71 -45.10
CA PHE B 285 -4.62 15.08 -46.23
C PHE B 285 -5.54 14.08 -46.93
N GLU B 286 -6.31 13.32 -46.15
CA GLU B 286 -7.08 12.16 -46.63
C GLU B 286 -6.17 11.18 -47.37
N LEU B 287 -5.00 10.93 -46.80
CA LEU B 287 -3.95 10.18 -47.48
C LEU B 287 -3.99 8.70 -47.16
N MET B 288 -4.48 8.34 -45.98
CA MET B 288 -4.53 6.96 -45.53
C MET B 288 -5.63 6.84 -44.48
N ILE B 289 -5.66 5.69 -43.79
CA ILE B 289 -6.67 5.48 -42.76
C ILE B 289 -6.40 6.34 -41.53
N GLY B 290 -5.14 6.65 -41.26
CA GLY B 290 -4.81 7.49 -40.12
C GLY B 290 -3.75 6.88 -39.22
N ASP B 291 -3.59 5.57 -39.28
CA ASP B 291 -2.57 4.90 -38.47
C ASP B 291 -1.16 5.28 -38.93
N SER B 292 -0.94 5.37 -40.23
CA SER B 292 0.34 5.75 -40.79
C SER B 292 0.13 6.79 -41.89
N ARG B 293 1.16 7.59 -42.14
CA ARG B 293 1.11 8.65 -43.14
C ARG B 293 2.06 8.30 -44.27
N THR B 294 1.53 8.26 -45.49
CA THR B 294 2.33 8.01 -46.68
C THR B 294 3.04 9.28 -47.12
N SER B 295 3.93 9.13 -48.10
CA SER B 295 4.69 10.26 -48.62
C SER B 295 3.80 11.19 -49.44
N GLY B 296 4.12 12.47 -49.39
CA GLY B 296 3.40 13.47 -50.15
C GLY B 296 4.12 13.90 -51.42
N LYS B 297 5.07 13.07 -51.87
CA LYS B 297 5.80 13.38 -53.10
C LYS B 297 4.89 13.34 -54.33
N GLU B 298 3.87 12.48 -54.31
CA GLU B 298 2.93 12.42 -55.42
C GLU B 298 2.11 13.70 -55.51
N LEU B 299 1.71 14.26 -54.36
CA LEU B 299 0.85 15.44 -54.41
C LEU B 299 1.63 16.70 -54.75
N VAL B 300 2.90 16.80 -54.35
CA VAL B 300 3.70 17.94 -54.81
C VAL B 300 4.12 17.75 -56.26
N LYS B 301 4.22 16.50 -56.73
CA LYS B 301 4.44 16.26 -58.16
C LYS B 301 3.21 16.64 -58.98
N GLN B 302 2.02 16.44 -58.42
CA GLN B 302 0.81 16.94 -59.06
C GLN B 302 0.71 18.45 -58.96
N PHE B 303 1.31 19.04 -57.93
CA PHE B 303 1.32 20.50 -57.79
C PHE B 303 2.17 21.14 -58.88
N LEU B 304 3.36 20.62 -59.13
CA LEU B 304 4.22 21.12 -60.18
C LEU B 304 5.11 20.01 -60.68
N PHE B 305 5.59 20.16 -61.92
CA PHE B 305 6.49 19.22 -62.59
C PHE B 305 5.91 17.80 -62.64
N PRO B 313 -1.28 23.31 -59.04
CA PRO B 313 -0.53 24.57 -59.01
C PRO B 313 -0.67 25.31 -57.68
N ARG B 314 -0.54 24.57 -56.57
CA ARG B 314 -0.64 25.17 -55.25
C ARG B 314 0.71 25.67 -54.72
N VAL B 315 1.80 25.39 -55.43
CA VAL B 315 3.13 25.76 -54.94
C VAL B 315 3.48 27.18 -55.39
N PHE B 316 3.45 27.42 -56.71
CA PHE B 316 3.74 28.72 -57.33
C PHE B 316 5.13 29.23 -56.95
N PHE B 317 6.14 28.48 -57.37
CA PHE B 317 7.52 28.95 -57.26
C PHE B 317 7.74 30.15 -58.18
N PRO B 318 8.70 31.02 -57.86
CA PRO B 318 9.07 32.09 -58.79
C PRO B 318 9.68 31.52 -60.07
N SER B 319 9.58 32.32 -61.14
CA SER B 319 9.97 31.86 -62.47
C SER B 319 11.46 31.52 -62.53
N ASP B 320 12.30 32.30 -61.84
CA ASP B 320 13.72 31.96 -61.78
C ASP B 320 13.97 30.77 -60.87
N LYS B 321 13.08 30.51 -59.91
CA LYS B 321 13.30 29.44 -58.95
C LYS B 321 12.64 28.13 -59.35
N ILE B 322 11.59 28.19 -60.18
CA ILE B 322 10.79 26.99 -60.46
C ILE B 322 11.59 25.98 -61.28
N VAL B 323 12.41 26.45 -62.23
CA VAL B 323 13.16 25.54 -63.06
C VAL B 323 14.28 24.87 -62.26
N HIS B 324 14.95 25.62 -61.38
CA HIS B 324 16.01 25.06 -60.58
C HIS B 324 15.45 24.10 -59.53
N TYR B 325 14.27 24.41 -58.97
CA TYR B 325 13.67 23.52 -57.99
C TYR B 325 13.11 22.27 -58.64
N ARG B 326 12.60 22.38 -59.87
CA ARG B 326 12.20 21.19 -60.62
C ARG B 326 13.40 20.31 -60.94
N GLN B 327 14.52 20.93 -61.33
CA GLN B 327 15.74 20.16 -61.59
C GLN B 327 16.26 19.48 -60.34
N MET B 328 16.21 20.17 -59.20
CA MET B 328 16.69 19.58 -57.96
C MET B 328 15.74 18.48 -57.46
N PHE B 329 14.44 18.64 -57.66
CA PHE B 329 13.49 17.58 -57.31
C PHE B 329 13.65 16.37 -58.21
N LEU B 330 13.93 16.59 -59.50
CA LEU B 330 14.17 15.47 -60.39
C LEU B 330 15.52 14.81 -60.12
N SER B 331 16.48 15.57 -59.58
CA SER B 331 17.78 14.98 -59.26
C SER B 331 17.73 14.12 -58.01
N THR B 332 16.91 14.51 -57.04
CA THR B 332 16.81 13.80 -55.76
C THR B 332 15.48 13.06 -55.73
N GLU B 333 15.53 11.74 -55.96
CA GLU B 333 14.34 10.91 -55.90
C GLU B 333 14.54 9.60 -55.16
N LEU B 334 15.77 9.19 -54.85
CA LEU B 334 16.04 7.92 -54.18
C LEU B 334 16.70 8.12 -52.83
N GLN B 335 16.63 9.34 -52.27
CA GLN B 335 17.22 9.58 -50.95
C GLN B 335 16.44 8.88 -49.85
N ARG B 336 15.11 8.77 -50.03
CA ARG B 336 14.17 8.09 -49.13
C ARG B 336 14.10 8.72 -47.74
N VAL B 337 14.72 9.87 -47.56
CA VAL B 337 14.60 10.66 -46.34
C VAL B 337 13.88 11.97 -46.57
N GLU B 338 13.43 12.23 -47.79
CA GLU B 338 12.73 13.45 -48.14
C GLU B 338 11.22 13.34 -47.95
N GLU B 339 10.77 12.37 -47.13
CA GLU B 339 9.35 12.18 -46.86
C GLU B 339 8.72 13.40 -46.22
N LEU B 340 9.53 14.23 -45.55
CA LEU B 340 9.14 15.53 -45.02
C LEU B 340 8.50 16.45 -46.06
N TYR B 341 8.64 16.12 -47.35
CA TYR B 341 7.93 16.84 -48.41
C TYR B 341 6.43 16.90 -48.16
N ASP B 342 5.85 15.84 -47.57
CA ASP B 342 4.42 15.91 -47.24
C ASP B 342 4.14 17.03 -46.25
N SER B 343 5.00 17.16 -45.24
CA SER B 343 4.88 18.26 -44.29
C SER B 343 5.08 19.61 -44.97
N LEU B 344 5.85 19.64 -46.08
CA LEU B 344 6.03 20.89 -46.80
C LEU B 344 4.74 21.38 -47.44
N LEU B 345 3.71 20.52 -47.56
CA LEU B 345 2.41 21.04 -47.97
C LEU B 345 1.43 21.12 -46.82
N GLN B 346 1.75 20.55 -45.65
CA GLN B 346 0.80 20.63 -44.54
C GLN B 346 0.70 22.04 -44.00
N ALA B 347 1.76 22.85 -44.16
CA ALA B 347 1.65 24.27 -43.86
C ALA B 347 0.63 24.93 -44.78
N ILE B 348 0.56 24.48 -46.04
CA ILE B 348 -0.54 24.86 -46.93
C ILE B 348 -1.87 24.44 -46.31
N ALA B 349 -1.93 23.23 -45.75
CA ALA B 349 -3.11 22.81 -45.01
C ALA B 349 -3.31 23.68 -43.77
N PHE B 350 -2.21 24.14 -43.16
CA PHE B 350 -2.31 25.08 -42.05
C PHE B 350 -2.93 26.40 -42.50
N TYR B 351 -2.75 26.76 -43.78
CA TYR B 351 -3.39 27.95 -44.30
C TYR B 351 -4.90 27.81 -44.40
N GLU B 352 -5.43 26.59 -44.32
CA GLU B 352 -6.87 26.41 -44.17
C GLU B 352 -7.35 27.04 -42.86
N LEU B 353 -6.53 26.99 -41.81
CA LEU B 353 -6.82 27.76 -40.62
C LEU B 353 -6.52 29.25 -40.84
N ALA B 354 -5.55 29.58 -41.69
CA ALA B 354 -5.21 30.97 -41.94
C ALA B 354 -6.14 31.62 -42.95
N VAL B 355 -6.90 30.82 -43.70
CA VAL B 355 -7.87 31.28 -44.71
C VAL B 355 -7.24 32.20 -45.76
N SER C 220 -6.41 24.83 12.33
CA SER C 220 -5.06 25.05 11.85
C SER C 220 -4.12 23.93 12.29
N GLY C 221 -3.01 23.78 11.57
CA GLY C 221 -2.05 22.72 11.90
C GLY C 221 -1.34 22.98 13.21
N GLN C 222 -0.96 24.23 13.47
CA GLN C 222 -0.23 24.56 14.70
C GLN C 222 -1.11 24.34 15.92
N GLN C 223 -2.41 24.61 15.81
CA GLN C 223 -3.34 24.30 16.89
C GLN C 223 -3.42 22.79 17.13
N GLN C 224 -3.39 22.00 16.05
CA GLN C 224 -3.38 20.54 16.20
C GLN C 224 -2.13 20.06 16.92
N ARG C 225 -0.97 20.62 16.56
CA ARG C 225 0.27 20.21 17.22
C ARG C 225 0.30 20.64 18.69
N LEU C 226 -0.23 21.82 19.00
CA LEU C 226 -0.29 22.27 20.39
C LEU C 226 -1.24 21.40 21.21
N LEU C 227 -2.39 21.04 20.63
CA LEU C 227 -3.32 20.15 21.31
C LEU C 227 -2.72 18.77 21.52
N ALA C 228 -1.97 18.27 20.55
CA ALA C 228 -1.29 16.99 20.70
C ALA C 228 -0.26 17.04 21.82
N PHE C 229 0.51 18.13 21.89
CA PHE C 229 1.50 18.30 22.94
C PHE C 229 0.86 18.30 24.32
N PHE C 230 -0.17 19.13 24.50
CA PHE C 230 -0.79 19.22 25.81
C PHE C 230 -1.63 17.99 26.15
N LYS C 231 -2.06 17.22 25.16
CA LYS C 231 -2.71 15.96 25.45
C LYS C 231 -1.70 14.91 25.90
N CYS C 232 -0.58 14.79 25.19
CA CYS C 232 0.33 13.71 25.45
C CYS C 232 1.23 13.99 26.65
N CYS C 233 1.29 15.24 27.12
CA CYS C 233 2.07 15.50 28.32
C CYS C 233 1.36 14.99 29.58
N LEU C 234 0.04 14.84 29.53
CA LEU C 234 -0.66 14.12 30.59
C LEU C 234 -0.33 12.64 30.64
N LEU C 235 -0.01 12.04 29.50
CA LEU C 235 0.28 10.61 29.52
C LEU C 235 1.69 10.34 30.03
N THR C 236 2.54 11.37 30.07
CA THR C 236 3.75 11.34 30.89
C THR C 236 3.50 12.15 32.16
N ASP C 237 4.54 12.39 32.94
CA ASP C 237 4.40 13.05 34.24
C ASP C 237 5.00 14.45 34.27
N GLN C 238 5.15 15.11 33.12
CA GLN C 238 5.85 16.39 33.06
C GLN C 238 4.90 17.58 33.19
N LEU C 239 4.05 17.56 34.23
CA LEU C 239 3.09 18.65 34.44
C LEU C 239 3.73 20.01 34.72
N PRO C 240 4.77 20.16 35.56
CA PRO C 240 5.40 21.48 35.68
C PRO C 240 6.03 21.97 34.38
N LEU C 241 6.48 21.06 33.52
CA LEU C 241 6.91 21.46 32.18
C LEU C 241 5.72 21.87 31.32
N ALA C 242 4.54 21.27 31.56
CA ALA C 242 3.35 21.65 30.81
C ALA C 242 2.87 23.04 31.17
N HIS C 243 3.00 23.43 32.44
CA HIS C 243 2.49 24.74 32.86
C HIS C 243 3.29 25.88 32.24
N HIS C 244 4.59 25.69 32.03
CA HIS C 244 5.44 26.77 31.54
C HIS C 244 5.08 27.19 30.12
N LEU C 245 4.84 26.23 29.22
CA LEU C 245 4.55 26.58 27.83
C LEU C 245 3.14 27.13 27.69
N LEU C 246 2.20 26.66 28.52
CA LEU C 246 0.88 27.27 28.57
C LEU C 246 0.94 28.72 29.03
N VAL C 247 1.73 28.99 30.07
CA VAL C 247 1.89 30.37 30.55
C VAL C 247 2.55 31.23 29.48
N VAL C 248 3.54 30.67 28.77
CA VAL C 248 4.25 31.42 27.72
C VAL C 248 3.29 31.77 26.58
N HIS C 249 2.46 30.81 26.17
CA HIS C 249 1.49 31.13 25.11
C HIS C 249 0.41 32.09 25.58
N HIS C 250 0.03 32.04 26.86
CA HIS C 250 -0.95 33.02 27.33
C HIS C 250 -0.34 34.40 27.56
N GLY C 251 0.99 34.48 27.69
CA GLY C 251 1.63 35.77 27.91
C GLY C 251 1.54 36.70 26.71
N GLN C 252 1.67 36.15 25.50
CA GLN C 252 1.66 36.94 24.28
C GLN C 252 0.29 36.87 23.63
N ARG C 253 -0.21 38.02 23.17
CA ARG C 253 -1.51 38.09 22.52
C ARG C 253 -1.51 37.35 21.20
N GLN C 254 -0.41 37.45 20.43
CA GLN C 254 -0.30 36.69 19.19
C GLN C 254 -0.21 35.20 19.47
N LYS C 255 0.39 34.82 20.59
CA LYS C 255 0.38 33.43 21.01
C LYS C 255 -0.89 33.04 21.75
N ARG C 256 -1.70 34.02 22.14
CA ARG C 256 -2.94 33.72 22.85
C ARG C 256 -4.00 33.12 21.93
N LYS C 257 -3.93 33.41 20.64
CA LYS C 257 -4.85 32.81 19.69
C LYS C 257 -4.49 31.35 19.47
N LEU C 258 -5.51 30.55 19.17
CA LEU C 258 -5.46 29.08 19.03
C LEU C 258 -4.98 28.39 20.31
N LEU C 259 -5.06 29.06 21.46
CA LEU C 259 -4.70 28.44 22.72
C LEU C 259 -5.92 27.96 23.49
N THR C 260 -7.08 28.56 23.26
CA THR C 260 -8.29 28.24 24.00
C THR C 260 -8.91 26.91 23.57
N LEU C 261 -8.55 26.41 22.39
CA LEU C 261 -9.28 25.32 21.74
C LEU C 261 -9.00 23.99 22.46
N ASP C 262 -9.79 23.74 23.51
CA ASP C 262 -9.93 22.48 24.22
C ASP C 262 -8.64 22.02 24.90
N MET C 263 -7.66 22.91 25.07
CA MET C 263 -6.47 22.57 25.84
C MET C 263 -6.58 23.01 27.29
N TYR C 264 -7.48 23.94 27.59
CA TYR C 264 -7.59 24.46 28.95
C TYR C 264 -8.19 23.42 29.89
N ASN C 265 -9.23 22.72 29.45
CA ASN C 265 -9.74 21.62 30.25
C ASN C 265 -8.76 20.44 30.30
N ALA C 266 -7.92 20.29 29.28
CA ALA C 266 -6.89 19.25 29.31
C ALA C 266 -5.87 19.52 30.40
N VAL C 267 -5.36 20.76 30.48
CA VAL C 267 -4.39 21.08 31.53
C VAL C 267 -5.08 21.18 32.90
N MET C 268 -6.37 21.53 32.94
CA MET C 268 -7.11 21.49 34.20
C MET C 268 -7.23 20.08 34.72
N LEU C 269 -7.54 19.12 33.83
CA LEU C 269 -7.55 17.71 34.20
C LEU C 269 -6.15 17.24 34.59
N GLY C 270 -5.12 17.82 33.96
CA GLY C 270 -3.76 17.49 34.33
C GLY C 270 -3.42 17.88 35.75
N TRP C 271 -3.78 19.11 36.14
CA TRP C 271 -3.58 19.52 37.52
C TRP C 271 -4.54 18.80 38.47
N ALA C 272 -5.66 18.30 37.94
CA ALA C 272 -6.63 17.60 38.77
C ALA C 272 -6.15 16.20 39.15
N ARG C 273 -5.54 15.48 38.20
CA ARG C 273 -5.06 14.13 38.49
C ARG C 273 -3.96 14.13 39.54
N GLN C 274 -3.03 15.07 39.43
CA GLN C 274 -1.98 15.18 40.43
C GLN C 274 -2.53 15.79 41.71
N GLY C 275 -1.78 15.65 42.79
CA GLY C 275 -2.19 16.18 44.07
C GLY C 275 -1.94 17.66 44.21
N ALA C 276 -2.57 18.47 43.36
CA ALA C 276 -2.40 19.93 43.36
C ALA C 276 -3.75 20.55 43.05
N PHE C 277 -4.45 20.98 44.09
CA PHE C 277 -5.77 21.60 43.91
C PHE C 277 -5.69 23.11 43.78
N LYS C 278 -4.55 23.71 44.16
CA LYS C 278 -4.44 25.16 44.19
C LYS C 278 -4.30 25.75 42.79
N GLU C 279 -3.65 25.02 41.88
CA GLU C 279 -3.33 25.59 40.58
C GLU C 279 -4.56 25.76 39.69
N LEU C 280 -5.64 25.03 39.99
CA LEU C 280 -6.81 25.13 39.13
C LEU C 280 -7.51 26.48 39.27
N VAL C 281 -7.27 27.19 40.37
CA VAL C 281 -7.75 28.56 40.48
C VAL C 281 -7.08 29.44 39.43
N TYR C 282 -5.77 29.28 39.26
CA TYR C 282 -5.05 30.00 38.21
C TYR C 282 -5.50 29.54 36.83
N VAL C 283 -5.79 28.25 36.68
CA VAL C 283 -6.30 27.73 35.40
C VAL C 283 -7.65 28.36 35.06
N LEU C 284 -8.57 28.43 36.02
CA LEU C 284 -9.88 29.01 35.77
C LEU C 284 -9.79 30.52 35.55
N PHE C 285 -8.86 31.18 36.24
CA PHE C 285 -8.63 32.61 35.98
C PHE C 285 -8.10 32.82 34.57
N MET C 286 -7.24 31.92 34.10
CA MET C 286 -6.76 31.98 32.72
C MET C 286 -7.89 31.78 31.72
N VAL C 287 -8.80 30.83 32.01
CA VAL C 287 -9.95 30.61 31.14
C VAL C 287 -10.85 31.84 31.12
N LYS C 288 -11.05 32.47 32.28
CA LYS C 288 -11.83 33.70 32.34
C LYS C 288 -11.15 34.84 31.57
N ASP C 289 -9.82 34.89 31.60
CA ASP C 289 -9.09 35.84 30.78
C ASP C 289 -9.27 35.55 29.29
N ALA C 290 -9.40 34.28 28.92
CA ALA C 290 -9.64 33.94 27.52
C ALA C 290 -11.02 34.40 27.07
N GLY C 291 -12.00 34.35 27.97
CA GLY C 291 -13.34 34.82 27.67
C GLY C 291 -14.29 33.75 27.14
N LEU C 292 -13.79 32.57 26.82
CA LEU C 292 -14.67 31.50 26.36
C LEU C 292 -15.38 30.85 27.55
N THR C 293 -16.54 30.27 27.27
CA THR C 293 -17.33 29.63 28.31
C THR C 293 -16.64 28.37 28.82
N PRO C 294 -16.63 28.14 30.13
CA PRO C 294 -16.02 26.91 30.65
C PRO C 294 -16.76 25.66 30.20
N ASP C 295 -16.00 24.60 29.94
CA ASP C 295 -16.58 23.34 29.51
C ASP C 295 -17.05 22.55 30.72
N LEU C 296 -17.97 21.61 30.48
CA LEU C 296 -18.39 20.69 31.52
C LEU C 296 -17.23 19.78 31.95
N LEU C 297 -16.28 19.55 31.05
CA LEU C 297 -15.06 18.83 31.42
C LEU C 297 -14.25 19.63 32.44
N SER C 298 -14.24 20.96 32.31
CA SER C 298 -13.56 21.80 33.30
C SER C 298 -14.25 21.71 34.66
N TYR C 299 -15.58 21.65 34.66
CA TYR C 299 -16.31 21.48 35.91
C TYR C 299 -16.05 20.10 36.52
N ALA C 300 -15.91 19.08 35.67
CA ALA C 300 -15.54 17.75 36.16
C ALA C 300 -14.12 17.77 36.73
N ALA C 301 -13.22 18.54 36.12
CA ALA C 301 -11.87 18.67 36.65
C ALA C 301 -11.87 19.41 37.99
N ALA C 302 -12.74 20.41 38.13
CA ALA C 302 -12.88 21.09 39.42
C ALA C 302 -13.42 20.15 40.49
N LEU C 303 -14.41 19.32 40.14
CA LEU C 303 -14.90 18.32 41.09
C LEU C 303 -13.83 17.28 41.40
N GLN C 304 -12.97 16.99 40.43
CA GLN C 304 -11.88 16.05 40.66
C GLN C 304 -10.82 16.62 41.61
N CYS C 305 -10.51 17.91 41.46
CA CYS C 305 -9.51 18.51 42.35
C CYS C 305 -10.10 18.76 43.73
N MET C 306 -11.43 18.87 43.83
CA MET C 306 -12.06 18.79 45.15
C MET C 306 -11.92 17.39 45.73
N GLY C 307 -11.83 16.38 44.88
CA GLY C 307 -11.54 15.04 45.33
C GLY C 307 -10.06 14.84 45.57
N ARG C 308 -9.72 13.64 46.09
CA ARG C 308 -8.37 13.23 46.46
C ARG C 308 -7.73 14.15 47.50
N GLN C 309 -8.54 14.85 48.29
CA GLN C 309 -8.05 15.83 49.25
C GLN C 309 -9.11 16.05 50.31
N ASP C 310 -8.68 16.54 51.47
CA ASP C 310 -9.58 16.71 52.60
C ASP C 310 -10.58 17.83 52.33
N GLN C 311 -11.87 17.47 52.35
CA GLN C 311 -12.92 18.38 51.95
C GLN C 311 -13.01 19.56 52.90
N ASP C 312 -13.25 20.75 52.33
CA ASP C 312 -13.38 21.97 53.11
C ASP C 312 -14.72 22.09 53.80
N ALA C 313 -15.67 21.20 53.48
CA ALA C 313 -17.04 21.17 54.01
C ALA C 313 -17.81 22.45 53.73
N GLY C 314 -17.41 23.20 52.71
CA GLY C 314 -18.08 24.45 52.37
C GLY C 314 -17.68 24.91 50.99
N THR C 315 -18.57 25.67 50.37
CA THR C 315 -18.44 26.29 49.04
C THR C 315 -18.35 25.27 47.90
N ILE C 316 -18.36 23.97 48.22
CA ILE C 316 -18.50 22.97 47.18
C ILE C 316 -19.93 22.93 46.68
N GLU C 317 -20.90 23.10 47.58
CA GLU C 317 -22.28 23.30 47.17
C GLU C 317 -22.46 24.62 46.43
N ARG C 318 -21.69 25.64 46.81
CA ARG C 318 -21.69 26.89 46.05
C ARG C 318 -21.13 26.67 44.65
N CYS C 319 -20.09 25.85 44.53
CA CYS C 319 -19.57 25.49 43.21
C CYS C 319 -20.60 24.69 42.41
N LEU C 320 -21.35 23.82 43.09
CA LEU C 320 -22.42 23.07 42.43
C LEU C 320 -23.51 24.00 41.92
N GLU C 321 -23.87 25.02 42.71
CA GLU C 321 -24.84 26.01 42.26
C GLU C 321 -24.30 26.83 41.09
N GLN C 322 -23.02 27.18 41.14
CA GLN C 322 -22.40 27.94 40.06
C GLN C 322 -22.39 27.14 38.75
N MET C 323 -22.08 25.84 38.83
CA MET C 323 -22.12 25.04 37.62
C MET C 323 -23.56 24.71 37.19
N SER C 324 -24.49 24.68 38.13
CA SER C 324 -25.90 24.56 37.77
C SER C 324 -26.35 25.78 36.98
N GLN C 325 -25.82 26.95 37.33
CA GLN C 325 -25.98 28.12 36.48
C GLN C 325 -25.25 27.92 35.16
N GLU C 326 -25.69 28.67 34.15
CA GLU C 326 -25.21 28.62 32.76
C GLU C 326 -25.43 27.26 32.11
N GLY C 327 -26.44 26.51 32.54
CA GLY C 327 -26.97 25.40 31.78
C GLY C 327 -26.30 24.05 31.97
N LEU C 328 -25.27 23.94 32.80
CA LEU C 328 -24.62 22.66 33.03
C LEU C 328 -25.31 21.93 34.18
N LYS C 329 -25.41 20.61 34.06
CA LYS C 329 -26.15 19.79 35.01
C LYS C 329 -25.20 18.85 35.74
N LEU C 330 -25.43 18.68 37.04
CA LEU C 330 -24.63 17.75 37.84
C LEU C 330 -24.92 16.31 37.46
N GLN C 331 -26.17 16.01 37.12
CA GLN C 331 -26.54 14.64 36.74
C GLN C 331 -25.92 14.23 35.42
N ALA C 332 -25.74 15.16 34.50
CA ALA C 332 -25.32 14.82 33.15
C ALA C 332 -23.81 14.66 33.00
N LEU C 333 -23.02 15.11 33.97
CA LEU C 333 -21.57 15.06 33.79
C LEU C 333 -21.02 13.66 34.01
N PHE C 334 -21.74 12.80 34.73
CA PHE C 334 -21.30 11.43 34.90
C PHE C 334 -21.42 10.64 33.60
N THR C 335 -22.32 11.04 32.71
CA THR C 335 -22.55 10.32 31.46
C THR C 335 -22.06 11.04 30.22
N ALA C 336 -21.80 12.35 30.30
CA ALA C 336 -21.45 13.13 29.12
C ALA C 336 -19.99 13.55 29.06
N VAL C 337 -19.33 13.72 30.20
CA VAL C 337 -17.94 14.16 30.22
C VAL C 337 -17.02 13.07 29.67
N LEU C 338 -17.32 11.80 29.99
CA LEU C 338 -16.48 10.64 29.67
C LEU C 338 -15.08 10.81 30.25
N LEU C 339 -15.04 11.12 31.55
CA LEU C 339 -13.79 11.34 32.28
C LEU C 339 -13.20 9.99 32.67
N SER C 340 -12.05 10.02 33.35
CA SER C 340 -11.48 8.81 33.91
C SER C 340 -12.40 8.23 34.98
N GLU C 341 -12.60 6.91 34.94
CA GLU C 341 -13.60 6.29 35.80
C GLU C 341 -13.20 6.28 37.26
N GLU C 342 -11.90 6.17 37.56
CA GLU C 342 -11.45 6.32 38.94
C GLU C 342 -11.64 7.76 39.41
N ASP C 343 -11.34 8.72 38.53
CA ASP C 343 -11.64 10.11 38.84
C ASP C 343 -13.14 10.36 38.94
N ARG C 344 -13.94 9.63 38.15
CA ARG C 344 -15.39 9.72 38.26
C ARG C 344 -15.87 9.21 39.61
N ALA C 345 -15.27 8.11 40.10
CA ALA C 345 -15.59 7.61 41.42
C ALA C 345 -15.16 8.58 42.51
N THR C 346 -14.01 9.25 42.31
CA THR C 346 -13.58 10.27 43.27
C THR C 346 -14.54 11.46 43.29
N VAL C 347 -15.04 11.86 42.12
CA VAL C 347 -16.03 12.93 42.03
C VAL C 347 -17.32 12.52 42.73
N LEU C 348 -17.74 11.26 42.55
CA LEU C 348 -18.91 10.75 43.25
C LEU C 348 -18.69 10.73 44.76
N LYS C 349 -17.46 10.42 45.19
CA LYS C 349 -17.15 10.47 46.62
C LYS C 349 -17.23 11.89 47.16
N ALA C 350 -16.75 12.87 46.39
CA ALA C 350 -16.86 14.27 46.80
C ALA C 350 -18.31 14.72 46.87
N VAL C 351 -19.13 14.29 45.90
CA VAL C 351 -20.55 14.63 45.91
C VAL C 351 -21.25 14.00 47.11
N HIS C 352 -20.94 12.73 47.40
CA HIS C 352 -21.52 12.07 48.57
C HIS C 352 -21.06 12.71 49.87
N LYS C 353 -19.84 13.25 49.90
CA LYS C 353 -19.42 14.06 51.03
C LYS C 353 -20.23 15.35 51.11
N VAL C 354 -20.60 15.91 49.95
CA VAL C 354 -21.44 17.11 49.94
C VAL C 354 -22.89 16.74 50.26
N LYS C 355 -23.46 15.81 49.50
CA LYS C 355 -24.86 15.41 49.68
C LYS C 355 -25.11 14.02 49.11
N PRO C 356 -25.74 13.13 49.87
CA PRO C 356 -26.01 11.78 49.36
C PRO C 356 -27.31 11.68 48.58
N THR C 357 -27.85 12.84 48.17
CA THR C 357 -29.16 12.86 47.51
C THR C 357 -29.12 12.19 46.15
N PHE C 358 -28.07 12.39 45.38
CA PHE C 358 -28.00 11.92 44.01
C PHE C 358 -27.01 10.77 43.88
N SER C 359 -27.45 9.69 43.23
CA SER C 359 -26.57 8.57 42.89
C SER C 359 -27.22 7.83 41.73
N LEU C 360 -26.68 7.99 40.53
CA LEU C 360 -27.28 7.31 39.39
C LEU C 360 -26.78 5.88 39.29
N PRO C 361 -27.68 4.90 39.10
CA PRO C 361 -27.24 3.53 38.88
C PRO C 361 -26.94 3.28 37.40
N PRO C 362 -25.70 2.97 37.05
CA PRO C 362 -25.39 2.60 35.66
C PRO C 362 -25.67 1.14 35.35
N GLN C 363 -26.04 0.34 36.34
CA GLN C 363 -26.20 -1.10 36.17
C GLN C 363 -27.65 -1.41 35.78
N LEU C 364 -27.98 -1.00 34.56
CA LEU C 364 -29.19 -1.49 33.92
C LEU C 364 -28.99 -2.96 33.55
N PRO C 365 -30.07 -3.72 33.40
CA PRO C 365 -29.93 -5.10 32.93
C PRO C 365 -29.33 -5.12 31.52
N PRO C 366 -28.53 -6.14 31.22
CA PRO C 366 -27.82 -6.18 29.93
C PRO C 366 -28.78 -6.27 28.77
N PRO C 367 -28.70 -5.35 27.81
CA PRO C 367 -29.64 -5.36 26.68
C PRO C 367 -29.40 -6.54 25.77
N VAL C 368 -30.50 -7.06 25.23
CA VAL C 368 -30.49 -8.27 24.41
C VAL C 368 -31.10 -7.93 23.05
N ASN C 369 -30.49 -8.46 21.99
CA ASN C 369 -31.00 -8.27 20.64
C ASN C 369 -32.40 -8.83 20.50
N THR C 370 -33.23 -8.12 19.72
CA THR C 370 -34.61 -8.51 19.49
C THR C 370 -34.86 -8.98 18.06
N SER C 371 -33.81 -9.26 17.29
CA SER C 371 -33.98 -9.74 15.93
C SER C 371 -34.53 -11.16 15.92
N LYS C 372 -35.26 -11.48 14.85
CA LYS C 372 -35.94 -12.77 14.78
C LYS C 372 -34.96 -13.91 14.56
N LEU C 373 -33.87 -13.65 13.82
CA LEU C 373 -32.91 -14.71 13.50
C LEU C 373 -32.07 -15.07 14.72
N LEU C 374 -31.75 -14.09 15.55
CA LEU C 374 -30.88 -14.28 16.70
C LEU C 374 -31.64 -14.53 18.00
N ARG C 375 -32.96 -14.72 17.91
CA ARG C 375 -33.78 -14.84 19.12
C ARG C 375 -33.52 -16.16 19.84
N ASP C 376 -33.27 -17.24 19.10
CA ASP C 376 -33.07 -18.53 19.72
C ASP C 376 -31.70 -18.63 20.39
N VAL C 377 -30.70 -17.91 19.87
CA VAL C 377 -29.37 -17.94 20.46
C VAL C 377 -29.37 -17.34 21.86
N TYR C 378 -30.05 -16.22 22.04
CA TYR C 378 -30.03 -15.48 23.29
C TYR C 378 -31.17 -15.85 24.23
N ALA C 379 -31.99 -16.84 23.88
CA ALA C 379 -33.11 -17.23 24.71
C ALA C 379 -32.62 -17.92 25.98
N LYS C 380 -33.24 -17.56 27.11
CA LYS C 380 -32.82 -18.11 28.39
C LYS C 380 -33.21 -19.58 28.53
N ASP C 381 -34.38 -19.95 28.02
CA ASP C 381 -34.89 -21.30 28.19
C ASP C 381 -34.16 -22.28 27.27
N GLY C 382 -34.39 -23.55 27.50
CA GLY C 382 -33.83 -24.61 26.68
C GLY C 382 -32.61 -25.25 27.32
N ARG C 383 -32.39 -26.51 26.99
CA ARG C 383 -31.21 -27.24 27.44
C ARG C 383 -30.04 -26.86 26.54
N VAL C 384 -29.03 -26.22 27.12
CA VAL C 384 -27.89 -25.71 26.37
C VAL C 384 -26.61 -26.25 27.01
N SER C 385 -25.64 -26.60 26.15
CA SER C 385 -24.36 -27.11 26.60
C SER C 385 -23.24 -26.33 25.91
N TYR C 386 -22.20 -26.02 26.66
CA TYR C 386 -21.09 -25.22 26.17
C TYR C 386 -19.81 -26.05 26.13
N PRO C 387 -18.90 -25.76 25.20
CA PRO C 387 -17.61 -26.47 25.18
C PRO C 387 -16.73 -26.08 26.35
N LYS C 388 -15.95 -27.05 26.83
CA LYS C 388 -15.02 -26.87 27.93
C LYS C 388 -13.61 -27.16 27.44
N LEU C 389 -12.68 -26.26 27.73
CA LEU C 389 -11.30 -26.46 27.33
C LEU C 389 -10.66 -27.56 28.18
N HIS C 390 -9.56 -28.11 27.67
CA HIS C 390 -8.96 -29.29 28.30
C HIS C 390 -8.09 -28.92 29.49
N LEU C 391 -7.38 -27.81 29.44
CA LEU C 391 -6.39 -27.51 30.45
C LEU C 391 -7.05 -27.04 31.75
N PRO C 392 -6.39 -27.25 32.90
CA PRO C 392 -6.90 -26.71 34.16
C PRO C 392 -6.76 -25.20 34.21
N LEU C 393 -7.32 -24.64 35.29
CA LEU C 393 -7.34 -23.19 35.44
C LEU C 393 -5.94 -22.61 35.69
N LYS C 394 -5.15 -23.29 36.53
CA LYS C 394 -3.83 -22.76 36.88
C LYS C 394 -2.88 -22.78 35.69
N THR C 395 -2.98 -23.81 34.84
CA THR C 395 -2.15 -23.85 33.64
C THR C 395 -2.50 -22.72 32.69
N LEU C 396 -3.79 -22.42 32.55
CA LEU C 396 -4.20 -21.28 31.73
C LEU C 396 -3.75 -19.96 32.33
N GLN C 397 -3.70 -19.86 33.67
CA GLN C 397 -3.19 -18.63 34.28
C GLN C 397 -1.69 -18.48 34.05
N CYS C 398 -0.93 -19.58 34.09
CA CYS C 398 0.49 -19.51 33.76
C CYS C 398 0.70 -19.13 32.30
N LEU C 399 -0.15 -19.64 31.40
CA LEU C 399 -0.10 -19.25 30.00
C LEU C 399 -0.40 -17.76 29.83
N PHE C 400 -1.37 -17.25 30.59
CA PHE C 400 -1.68 -15.83 30.57
C PHE C 400 -0.49 -15.00 31.04
N GLU C 401 0.21 -15.47 32.08
CA GLU C 401 1.41 -14.80 32.55
C GLU C 401 2.49 -14.78 31.47
N LYS C 402 2.68 -15.91 30.79
CA LYS C 402 3.70 -15.98 29.74
C LYS C 402 3.36 -15.04 28.58
N GLN C 403 2.08 -14.96 28.19
CA GLN C 403 1.74 -14.04 27.11
C GLN C 403 1.83 -12.59 27.56
N LEU C 404 1.57 -12.30 28.83
CA LEU C 404 1.76 -10.95 29.33
C LEU C 404 3.22 -10.53 29.27
N HIS C 405 4.14 -11.41 29.69
CA HIS C 405 5.56 -11.10 29.55
C HIS C 405 5.99 -11.02 28.09
N MET C 406 5.37 -11.83 27.22
CA MET C 406 5.73 -11.81 25.80
C MET C 406 5.17 -10.57 25.10
N GLU C 407 4.13 -9.96 25.66
CA GLU C 407 3.54 -8.77 25.05
C GLU C 407 4.15 -7.48 25.58
N LEU C 408 4.62 -7.47 26.83
CA LEU C 408 5.25 -6.26 27.36
C LEU C 408 6.54 -5.92 26.63
N ALA C 409 7.31 -6.92 26.25
CA ALA C 409 8.44 -6.74 25.33
C ALA C 409 7.93 -7.10 23.94
N SER C 410 7.72 -6.07 23.10
CA SER C 410 6.92 -6.23 21.89
C SER C 410 7.57 -7.17 20.89
N ARG C 411 8.89 -7.12 20.77
CA ARG C 411 9.57 -8.06 19.89
C ARG C 411 9.59 -9.45 20.52
N VAL C 412 9.65 -10.46 19.66
CA VAL C 412 9.86 -11.83 20.12
C VAL C 412 10.95 -12.46 19.25
N CYS C 413 11.88 -13.16 19.90
CA CYS C 413 13.03 -13.76 19.24
C CYS C 413 12.72 -15.22 18.94
N VAL C 414 12.89 -15.60 17.68
CA VAL C 414 12.56 -16.93 17.20
C VAL C 414 13.84 -17.57 16.67
N VAL C 415 14.09 -18.82 17.08
CA VAL C 415 15.22 -19.56 16.56
C VAL C 415 14.92 -20.00 15.14
N SER C 416 15.86 -19.74 14.23
CA SER C 416 15.64 -20.05 12.83
C SER C 416 15.69 -21.55 12.57
N VAL C 417 15.05 -21.96 11.48
CA VAL C 417 15.10 -23.35 11.04
C VAL C 417 16.15 -23.49 9.96
N GLU C 418 16.88 -22.41 9.70
CA GLU C 418 18.07 -22.51 8.86
C GLU C 418 19.14 -23.29 9.60
N LYS C 419 19.86 -24.15 8.87
CA LYS C 419 20.85 -25.02 9.49
C LYS C 419 22.03 -24.21 10.01
N PRO C 420 22.40 -24.34 11.28
CA PRO C 420 23.67 -23.77 11.73
C PRO C 420 24.83 -24.58 11.17
N THR C 421 25.50 -24.04 10.15
CA THR C 421 26.45 -24.79 9.34
C THR C 421 27.84 -24.23 9.50
N LEU C 422 28.79 -25.10 9.84
CA LEU C 422 30.23 -24.86 9.86
C LEU C 422 30.65 -23.69 10.76
N PRO C 423 30.59 -23.82 12.08
CA PRO C 423 31.18 -22.79 12.94
C PRO C 423 32.70 -22.83 12.81
N SER C 424 33.27 -21.74 12.28
CA SER C 424 34.69 -21.68 11.96
C SER C 424 35.33 -20.50 12.67
N LYS C 425 36.62 -20.30 12.40
CA LYS C 425 37.37 -19.23 13.06
C LYS C 425 36.95 -17.86 12.57
N GLU C 426 36.69 -17.73 11.26
CA GLU C 426 36.22 -16.46 10.72
C GLU C 426 34.85 -16.10 11.29
N VAL C 427 33.99 -17.11 11.45
CA VAL C 427 32.67 -16.90 12.05
C VAL C 427 32.82 -16.40 13.48
N LYS C 428 33.71 -17.02 14.26
CA LYS C 428 33.91 -16.62 15.65
C LYS C 428 34.49 -15.22 15.74
N HIS C 429 35.42 -14.88 14.83
CA HIS C 429 35.96 -13.52 14.79
C HIS C 429 34.87 -12.49 14.49
N ALA C 430 33.99 -12.81 13.54
CA ALA C 430 32.89 -11.92 13.19
C ALA C 430 31.94 -11.74 14.37
N ARG C 431 31.63 -12.83 15.07
CA ARG C 431 30.74 -12.75 16.24
C ARG C 431 31.36 -11.90 17.34
N LYS C 432 32.65 -12.08 17.60
CA LYS C 432 33.31 -11.34 18.67
C LYS C 432 33.35 -9.85 18.37
N THR C 433 33.79 -9.48 17.16
CA THR C 433 33.83 -8.06 16.82
C THR C 433 32.43 -7.48 16.72
N LEU C 434 31.43 -8.28 16.32
CA LEU C 434 30.06 -7.79 16.25
C LEU C 434 29.49 -7.52 17.63
N LYS C 435 29.75 -8.42 18.58
CA LYS C 435 29.28 -8.20 19.95
C LYS C 435 29.95 -6.99 20.58
N THR C 436 31.26 -6.84 20.37
CA THR C 436 31.96 -5.71 20.97
C THR C 436 31.48 -4.40 20.37
N LEU C 437 31.39 -4.31 19.04
CA LEU C 437 30.86 -3.10 18.43
C LEU C 437 29.39 -2.89 18.77
N ARG C 438 28.61 -3.95 19.01
CA ARG C 438 27.21 -3.81 19.40
C ARG C 438 27.08 -3.15 20.76
N ASP C 439 27.90 -3.58 21.72
CA ASP C 439 27.94 -2.88 23.01
C ASP C 439 28.37 -1.43 22.82
N GLN C 440 29.32 -1.19 21.91
CA GLN C 440 29.75 0.17 21.61
C GLN C 440 28.62 1.04 21.06
N TRP C 441 27.86 0.54 20.07
CA TRP C 441 26.87 1.46 19.53
C TRP C 441 25.66 1.56 20.45
N GLU C 442 25.42 0.56 21.31
CA GLU C 442 24.39 0.71 22.33
C GLU C 442 24.75 1.86 23.29
N LYS C 443 26.01 1.90 23.72
CA LYS C 443 26.46 3.00 24.57
C LYS C 443 26.38 4.34 23.83
N ALA C 444 26.76 4.36 22.55
CA ALA C 444 26.72 5.59 21.77
C ALA C 444 25.29 6.10 21.59
N LEU C 445 24.35 5.18 21.33
CA LEU C 445 22.95 5.56 21.17
C LEU C 445 22.37 6.11 22.46
N CYS C 446 22.71 5.48 23.60
CA CYS C 446 22.25 6.00 24.89
C CYS C 446 22.79 7.40 25.15
N ARG C 447 24.07 7.62 24.85
CA ARG C 447 24.67 8.94 25.06
C ARG C 447 24.02 9.99 24.17
N ALA C 448 23.73 9.63 22.91
CA ALA C 448 23.12 10.58 21.99
C ALA C 448 21.68 10.90 22.41
N LEU C 449 20.93 9.90 22.89
CA LEU C 449 19.60 10.15 23.41
C LEU C 449 19.64 11.10 24.60
N ARG C 450 20.60 10.89 25.52
CA ARG C 450 20.70 11.77 26.67
C ARG C 450 21.01 13.20 26.26
N GLU C 451 21.97 13.38 25.34
CA GLU C 451 22.35 14.72 24.92
C GLU C 451 21.21 15.42 24.18
N THR C 452 20.54 14.71 23.26
CA THR C 452 19.49 15.34 22.47
C THR C 452 18.24 15.61 23.30
N LYS C 453 17.91 14.72 24.25
CA LYS C 453 16.79 14.98 25.14
C LYS C 453 17.07 16.16 26.05
N ASN C 454 18.32 16.30 26.51
CA ASN C 454 18.68 17.50 27.28
C ASN C 454 18.56 18.76 26.43
N ARG C 455 18.94 18.67 25.15
CA ARG C 455 18.81 19.82 24.26
C ARG C 455 17.35 20.22 24.06
N LEU C 456 16.46 19.25 23.86
CA LEU C 456 15.05 19.58 23.69
C LEU C 456 14.42 20.05 25.00
N GLU C 457 14.89 19.55 26.15
CA GLU C 457 14.40 20.05 27.42
C GLU C 457 14.85 21.48 27.66
N ARG C 458 16.03 21.85 27.13
CA ARG C 458 16.41 23.27 27.14
C ARG C 458 15.57 24.06 26.15
N GLU C 459 15.17 23.45 25.03
CA GLU C 459 14.42 24.15 24.01
C GLU C 459 12.98 24.45 24.44
N VAL C 460 12.38 23.58 25.27
CA VAL C 460 10.99 23.78 25.66
C VAL C 460 10.83 24.98 26.60
N TYR C 461 11.89 25.39 27.28
CA TYR C 461 11.81 26.54 28.17
C TYR C 461 11.63 27.85 27.39
N GLU C 462 12.24 27.94 26.21
CA GLU C 462 12.22 29.17 25.43
C GLU C 462 11.57 28.99 24.07
N GLY C 463 10.63 28.06 23.94
CA GLY C 463 10.02 27.81 22.65
C GLY C 463 8.74 27.03 22.79
N ARG C 464 8.29 26.48 21.66
CA ARG C 464 7.06 25.71 21.60
C ARG C 464 7.31 24.44 20.78
N PHE C 465 6.42 23.45 20.99
CA PHE C 465 6.34 22.18 20.26
C PHE C 465 7.56 21.29 20.52
N SER C 466 8.44 21.67 21.45
CA SER C 466 9.67 20.93 21.70
C SER C 466 9.37 19.51 22.16
N LEU C 467 10.19 18.58 21.68
CA LEU C 467 9.87 17.17 21.61
C LEU C 467 10.20 16.41 22.88
N TYR C 468 10.51 17.12 23.97
CA TYR C 468 10.97 16.44 25.19
C TYR C 468 9.91 15.53 25.81
N PRO C 469 8.65 15.94 25.99
CA PRO C 469 7.65 14.94 26.45
C PRO C 469 7.37 13.86 25.44
N PHE C 470 7.52 14.14 24.14
CA PHE C 470 7.31 13.10 23.13
C PHE C 470 8.43 12.07 23.15
N LEU C 471 9.65 12.48 23.50
CA LEU C 471 10.78 11.54 23.52
C LEU C 471 10.90 10.79 24.84
N CYS C 472 10.54 11.43 25.96
CA CYS C 472 10.57 10.76 27.25
C CYS C 472 9.27 10.04 27.56
N LEU C 473 8.43 9.85 26.54
CA LEU C 473 7.19 9.12 26.69
C LEU C 473 7.46 7.67 27.07
N LEU C 474 8.54 7.11 26.53
CA LEU C 474 9.05 5.79 26.87
C LEU C 474 10.30 5.93 27.72
N ASP C 475 10.75 4.80 28.26
CA ASP C 475 12.03 4.76 28.92
C ASP C 475 13.15 4.66 27.89
N GLU C 476 14.38 4.97 28.32
CA GLU C 476 15.49 5.02 27.39
C GLU C 476 15.92 3.64 26.91
N ARG C 477 15.68 2.59 27.71
CA ARG C 477 16.08 1.25 27.31
C ARG C 477 15.24 0.75 26.13
N GLU C 478 13.95 1.05 26.13
CA GLU C 478 13.12 0.53 25.06
C GLU C 478 13.43 1.25 23.75
N VAL C 479 13.77 2.55 23.82
CA VAL C 479 14.10 3.23 22.56
C VAL C 479 15.49 2.85 22.07
N VAL C 480 16.45 2.52 22.96
CA VAL C 480 17.73 2.04 22.41
C VAL C 480 17.54 0.67 21.78
N ARG C 481 16.70 -0.20 22.36
CA ARG C 481 16.42 -1.48 21.73
C ARG C 481 15.67 -1.31 20.41
N MET C 482 14.75 -0.33 20.35
CA MET C 482 14.00 -0.08 19.13
C MET C 482 14.90 0.43 18.00
N LEU C 483 15.82 1.34 18.33
CA LEU C 483 16.73 1.86 17.31
C LEU C 483 17.72 0.80 16.87
N LEU C 484 18.20 -0.05 17.78
CA LEU C 484 19.08 -1.14 17.36
C LEU C 484 18.34 -2.15 16.48
N GLN C 485 17.07 -2.42 16.80
CA GLN C 485 16.29 -3.36 15.99
C GLN C 485 16.02 -2.79 14.60
N VAL C 486 15.72 -1.50 14.50
CA VAL C 486 15.48 -0.92 13.18
C VAL C 486 16.80 -0.76 12.41
N LEU C 487 17.94 -0.70 13.12
CA LEU C 487 19.22 -0.77 12.43
C LEU C 487 19.45 -2.18 11.88
N GLN C 488 19.03 -3.20 12.62
CA GLN C 488 19.24 -4.56 12.17
C GLN C 488 18.34 -4.93 11.00
N ALA C 489 17.18 -4.30 10.89
CA ALA C 489 16.20 -4.70 9.88
C ALA C 489 16.47 -4.10 8.51
N LEU C 490 17.42 -3.17 8.39
CA LEU C 490 17.69 -2.54 7.10
C LEU C 490 18.37 -3.53 6.16
N PRO C 491 17.89 -3.68 4.93
CA PRO C 491 18.62 -4.48 3.94
C PRO C 491 19.84 -3.75 3.41
N ALA C 492 20.49 -4.34 2.40
CA ALA C 492 21.67 -3.70 1.80
C ALA C 492 21.29 -2.38 1.13
N GLN C 493 20.18 -2.35 0.42
CA GLN C 493 19.66 -1.12 -0.16
C GLN C 493 18.68 -0.48 0.82
N GLY C 494 19.06 0.67 1.37
CA GLY C 494 18.25 1.28 2.41
C GLY C 494 16.99 1.90 1.84
N GLU C 495 15.90 1.79 2.61
CA GLU C 495 14.63 2.34 2.21
C GLU C 495 14.57 3.85 2.49
N SER C 496 13.45 4.46 2.12
CA SER C 496 13.35 5.91 2.11
C SER C 496 13.28 6.48 3.52
N PHE C 497 13.68 7.75 3.64
CA PHE C 497 13.66 8.42 4.93
C PHE C 497 12.25 8.55 5.48
N THR C 498 11.28 8.77 4.58
CA THR C 498 9.89 8.84 5.00
C THR C 498 9.39 7.50 5.53
N THR C 499 9.81 6.40 4.90
CA THR C 499 9.39 5.07 5.34
C THR C 499 9.92 4.74 6.73
N LEU C 500 11.20 5.03 6.98
CA LEU C 500 11.75 4.78 8.31
C LEU C 500 11.16 5.73 9.35
N ALA C 501 10.81 6.96 8.94
CA ALA C 501 10.14 7.87 9.86
C ALA C 501 8.78 7.33 10.27
N ARG C 502 7.99 6.86 9.29
CA ARG C 502 6.68 6.27 9.57
C ARG C 502 6.81 5.05 10.46
N GLU C 503 7.76 4.16 10.15
CA GLU C 503 7.93 2.92 10.92
C GLU C 503 8.36 3.21 12.34
N LEU C 504 9.32 4.13 12.53
CA LEU C 504 9.81 4.45 13.87
C LEU C 504 8.73 5.10 14.71
N SER C 505 7.96 6.04 14.15
CA SER C 505 6.97 6.69 14.98
C SER C 505 5.76 5.80 15.23
N ALA C 506 5.38 4.94 14.28
CA ALA C 506 4.28 4.00 14.52
C ALA C 506 4.67 2.96 15.56
N ARG C 507 5.93 2.50 15.52
CA ARG C 507 6.39 1.57 16.55
C ARG C 507 6.47 2.26 17.91
N THR C 508 6.82 3.55 17.95
CA THR C 508 6.78 4.30 19.19
C THR C 508 5.36 4.40 19.73
N PHE C 509 4.38 4.60 18.85
CA PHE C 509 2.98 4.67 19.28
C PHE C 509 2.49 3.35 19.85
N SER C 510 2.80 2.24 19.15
CA SER C 510 2.39 0.93 19.64
C SER C 510 3.09 0.59 20.94
N ARG C 511 4.35 1.00 21.07
CA ARG C 511 5.10 0.82 22.31
C ARG C 511 4.48 1.62 23.45
N HIS C 512 4.02 2.84 23.16
CA HIS C 512 3.37 3.64 24.20
C HIS C 512 2.07 3.00 24.65
N VAL C 513 1.29 2.47 23.70
CA VAL C 513 0.04 1.82 24.07
C VAL C 513 0.31 0.56 24.90
N VAL C 514 1.38 -0.17 24.58
CA VAL C 514 1.73 -1.36 25.35
C VAL C 514 2.20 -0.99 26.75
N GLN C 515 3.09 0.01 26.87
CA GLN C 515 3.78 0.30 28.11
C GLN C 515 3.09 1.35 28.97
N ARG C 516 1.99 1.95 28.54
CA ARG C 516 1.28 2.88 29.41
C ARG C 516 0.57 2.14 30.53
N GLN C 517 0.05 0.94 30.23
CA GLN C 517 -0.81 0.25 31.18
C GLN C 517 -0.03 -0.35 32.34
N ARG C 518 1.29 -0.51 32.22
CA ARG C 518 2.09 -0.91 33.38
C ARG C 518 2.08 0.17 34.45
N VAL C 519 2.40 1.40 34.07
CA VAL C 519 2.51 2.47 35.06
C VAL C 519 1.15 3.07 35.42
N SER C 520 0.15 2.91 34.56
CA SER C 520 -1.19 3.37 34.91
C SER C 520 -1.86 2.46 35.92
N GLY C 521 -1.58 1.16 35.85
CA GLY C 521 -2.14 0.20 36.78
C GLY C 521 -3.24 -0.69 36.23
N GLN C 522 -3.52 -0.62 34.93
CA GLN C 522 -4.59 -1.43 34.37
C GLN C 522 -4.19 -2.88 34.13
N VAL C 523 -2.90 -3.19 34.14
CA VAL C 523 -2.46 -4.56 33.87
C VAL C 523 -2.85 -5.47 35.03
N GLN C 524 -2.68 -5.02 36.27
CA GLN C 524 -3.04 -5.85 37.42
C GLN C 524 -4.55 -6.04 37.51
N ALA C 525 -5.32 -4.99 37.21
CA ALA C 525 -6.78 -5.12 37.18
C ALA C 525 -7.24 -6.05 36.08
N LEU C 526 -6.57 -5.98 34.91
CA LEU C 526 -6.87 -6.91 33.83
C LEU C 526 -6.54 -8.34 34.24
N GLN C 527 -5.45 -8.53 34.98
CA GLN C 527 -5.09 -9.86 35.47
C GLN C 527 -6.13 -10.39 36.44
N ASN C 528 -6.61 -9.55 37.36
CA ASN C 528 -7.64 -10.00 38.30
C ASN C 528 -8.95 -10.33 37.60
N HIS C 529 -9.37 -9.47 36.67
CA HIS C 529 -10.61 -9.74 35.93
C HIS C 529 -10.47 -10.95 35.04
N TYR C 530 -9.28 -11.19 34.49
CA TYR C 530 -9.03 -12.39 33.71
C TYR C 530 -9.07 -13.63 34.60
N ARG C 531 -8.57 -13.52 35.83
CA ARG C 531 -8.63 -14.64 36.76
C ARG C 531 -10.07 -14.98 37.12
N LYS C 532 -10.92 -13.95 37.27
CA LYS C 532 -12.33 -14.23 37.54
C LYS C 532 -13.05 -14.76 36.32
N TYR C 533 -12.69 -14.29 35.12
CA TYR C 533 -13.38 -14.70 33.90
C TYR C 533 -12.96 -16.08 33.41
N LEU C 534 -11.71 -16.48 33.65
CA LEU C 534 -11.15 -17.69 33.09
C LEU C 534 -11.74 -18.95 33.68
N CYS C 535 -12.50 -18.85 34.77
CA CYS C 535 -13.20 -19.99 35.32
C CYS C 535 -14.31 -20.48 34.41
N LEU C 536 -14.77 -19.65 33.47
CA LEU C 536 -15.83 -20.05 32.56
C LEU C 536 -15.33 -21.05 31.52
N LEU C 537 -14.04 -20.99 31.16
CA LEU C 537 -13.47 -21.89 30.18
C LEU C 537 -12.56 -22.95 30.82
N ALA C 538 -12.54 -23.04 32.14
CA ALA C 538 -11.65 -23.95 32.84
C ALA C 538 -12.37 -25.26 33.14
N SER C 539 -11.63 -26.37 33.09
CA SER C 539 -12.23 -27.67 33.34
C SER C 539 -12.55 -27.87 34.81
N ASP C 540 -11.67 -27.43 35.70
CA ASP C 540 -11.86 -27.68 37.13
C ASP C 540 -12.96 -26.79 37.73
N ALA C 541 -13.04 -25.54 37.29
CA ALA C 541 -13.96 -24.58 37.88
C ALA C 541 -15.32 -24.65 37.21
N GLU C 542 -16.35 -24.25 37.95
CA GLU C 542 -17.73 -24.28 37.47
C GLU C 542 -18.34 -22.90 37.62
N VAL C 543 -18.82 -22.35 36.51
CA VAL C 543 -19.57 -21.10 36.52
C VAL C 543 -20.90 -21.35 37.23
N PRO C 544 -21.39 -20.43 38.09
CA PRO C 544 -22.65 -20.72 38.79
C PRO C 544 -23.87 -20.85 37.89
N GLU C 545 -23.91 -20.14 36.76
CA GLU C 545 -24.90 -20.42 35.75
C GLU C 545 -24.24 -20.27 34.39
N PRO C 546 -24.50 -21.18 33.45
CA PRO C 546 -23.80 -21.14 32.15
C PRO C 546 -24.29 -19.96 31.33
N CYS C 547 -23.34 -19.24 30.74
CA CYS C 547 -23.67 -18.08 29.92
C CYS C 547 -22.59 -17.88 28.88
N LEU C 548 -22.82 -16.91 28.00
CA LEU C 548 -21.95 -16.69 26.86
C LEU C 548 -20.60 -16.14 27.31
N PRO C 549 -19.53 -16.37 26.52
CA PRO C 549 -18.22 -15.81 26.87
C PRO C 549 -18.19 -14.29 26.94
N ARG C 550 -18.98 -13.60 26.12
CA ARG C 550 -18.99 -12.15 26.20
C ARG C 550 -19.80 -11.65 27.38
N GLN C 551 -20.93 -12.30 27.69
CA GLN C 551 -21.84 -11.78 28.70
C GLN C 551 -21.28 -11.94 30.11
N TYR C 552 -20.45 -12.96 30.34
CA TYR C 552 -19.76 -13.07 31.62
C TYR C 552 -18.72 -11.97 31.79
N TRP C 553 -18.18 -11.48 30.67
CA TRP C 553 -17.29 -10.33 30.72
C TRP C 553 -18.07 -9.03 30.88
N GLU C 554 -19.28 -8.96 30.34
CA GLU C 554 -20.11 -7.77 30.47
C GLU C 554 -20.52 -7.55 31.93
N GLU C 555 -20.95 -8.61 32.60
CA GLU C 555 -21.17 -8.56 34.04
C GLU C 555 -19.85 -8.94 34.74
N LEU C 556 -19.92 -9.16 36.05
CA LEU C 556 -18.77 -9.54 36.88
C LEU C 556 -17.62 -8.54 36.72
N GLY C 557 -17.97 -7.26 36.79
CA GLY C 557 -17.00 -6.20 36.62
C GLY C 557 -16.74 -5.90 35.15
N ALA C 558 -16.20 -4.70 34.92
CA ALA C 558 -15.89 -4.25 33.58
C ALA C 558 -14.55 -3.51 33.59
N PRO C 559 -13.64 -3.84 32.69
CA PRO C 559 -12.40 -3.07 32.58
C PRO C 559 -12.63 -1.74 31.89
N GLU C 560 -11.67 -0.85 32.06
CA GLU C 560 -11.73 0.50 31.49
C GLU C 560 -10.78 0.61 30.32
N ALA C 561 -11.29 1.05 29.18
CA ALA C 561 -10.50 1.24 27.97
C ALA C 561 -10.38 2.74 27.71
N LEU C 562 -9.14 3.23 27.61
CA LEU C 562 -8.92 4.66 27.41
C LEU C 562 -9.31 5.08 26.00
N ARG C 563 -9.00 4.24 24.99
CA ARG C 563 -9.23 4.52 23.57
C ARG C 563 -8.56 5.83 23.15
N GLU C 564 -7.23 5.84 23.24
CA GLU C 564 -6.46 7.05 22.98
C GLU C 564 -6.44 7.36 21.48
N GLN C 565 -6.82 8.59 21.14
CA GLN C 565 -6.73 9.03 19.76
C GLN C 565 -5.27 9.27 19.39
N PRO C 566 -4.81 8.77 18.24
CA PRO C 566 -3.41 9.01 17.86
C PRO C 566 -3.15 10.48 17.55
N TRP C 567 -1.92 10.90 17.80
CA TRP C 567 -1.51 12.26 17.52
C TRP C 567 -1.47 12.51 16.01
N PRO C 568 -1.63 13.76 15.58
CA PRO C 568 -1.78 14.03 14.13
C PRO C 568 -0.52 13.72 13.33
N LEU C 569 -0.70 13.83 12.01
CA LEU C 569 0.33 13.41 11.06
C LEU C 569 1.65 14.19 11.13
N PRO C 570 1.69 15.53 11.20
CA PRO C 570 3.00 16.21 11.25
C PRO C 570 3.84 15.87 12.47
N VAL C 571 3.21 15.67 13.62
CA VAL C 571 3.94 15.27 14.83
C VAL C 571 4.58 13.90 14.64
N GLN C 572 3.81 12.96 14.08
CA GLN C 572 4.30 11.62 13.80
C GLN C 572 5.47 11.64 12.83
N MET C 573 5.32 12.38 11.72
CA MET C 573 6.38 12.45 10.72
C MET C 573 7.65 13.10 11.27
N GLU C 574 7.49 14.18 12.05
CA GLU C 574 8.66 14.90 12.52
C GLU C 574 9.39 14.15 13.65
N LEU C 575 8.65 13.44 14.50
CA LEU C 575 9.29 12.56 15.48
C LEU C 575 10.05 11.44 14.79
N GLY C 576 9.48 10.87 13.73
CA GLY C 576 10.21 9.88 12.96
C GLY C 576 11.48 10.43 12.33
N LYS C 577 11.41 11.68 11.86
CA LYS C 577 12.58 12.33 11.27
C LYS C 577 13.70 12.49 12.30
N LEU C 578 13.36 12.97 13.51
CA LEU C 578 14.41 13.13 14.52
C LEU C 578 14.93 11.78 15.01
N LEU C 579 14.10 10.74 15.08
CA LEU C 579 14.62 9.44 15.46
C LEU C 579 15.60 8.89 14.42
N ALA C 580 15.28 9.05 13.13
CA ALA C 580 16.19 8.61 12.09
C ALA C 580 17.49 9.42 12.10
N GLU C 581 17.40 10.74 12.29
CA GLU C 581 18.61 11.55 12.35
C GLU C 581 19.47 11.23 13.56
N MET C 582 18.84 10.90 14.69
CA MET C 582 19.57 10.46 15.88
C MET C 582 20.32 9.17 15.61
N LEU C 583 19.65 8.20 14.96
CA LEU C 583 20.30 6.95 14.59
C LEU C 583 21.47 7.18 13.63
N VAL C 584 21.35 8.17 12.74
CA VAL C 584 22.46 8.46 11.83
C VAL C 584 23.63 9.08 12.57
N GLN C 585 23.39 10.16 13.31
CA GLN C 585 24.48 10.90 13.92
C GLN C 585 25.08 10.20 15.13
N ALA C 586 24.47 9.13 15.61
CA ALA C 586 25.03 8.45 16.78
C ALA C 586 25.89 7.25 16.43
N THR C 587 25.43 6.42 15.52
CA THR C 587 25.87 5.04 15.41
C THR C 587 27.12 4.98 14.51
N GLN C 588 28.28 4.67 15.11
CA GLN C 588 29.58 4.84 14.45
C GLN C 588 30.35 3.53 14.38
N MET C 589 30.85 3.19 13.18
CA MET C 589 31.65 2.01 12.94
C MET C 589 33.12 2.38 12.79
N PRO C 590 34.03 1.67 13.45
CA PRO C 590 35.46 2.04 13.41
C PRO C 590 36.14 1.55 12.14
N CYS C 591 36.56 2.51 11.30
CA CYS C 591 37.45 2.32 10.14
C CYS C 591 36.81 1.33 9.17
N SER C 592 37.55 0.38 8.63
CA SER C 592 37.01 -0.66 7.76
C SER C 592 36.79 -1.93 8.56
N LEU C 593 36.42 -3.01 7.86
CA LEU C 593 36.21 -4.30 8.50
C LEU C 593 37.53 -5.00 8.83
N ASP C 594 38.62 -4.58 8.21
CA ASP C 594 39.89 -5.28 8.34
C ASP C 594 40.46 -5.16 9.76
N LYS C 595 41.25 -6.16 10.13
CA LYS C 595 41.90 -6.17 11.45
C LYS C 595 42.85 -4.99 11.70
N PRO C 596 43.69 -4.54 10.76
CA PRO C 596 44.47 -3.31 11.03
C PRO C 596 43.58 -2.10 11.24
N HIS C 597 44.01 -1.23 12.16
CA HIS C 597 43.28 -0.05 12.58
C HIS C 597 44.18 1.18 12.52
N ARG C 598 44.92 1.31 11.43
CA ARG C 598 45.90 2.38 11.29
C ARG C 598 45.26 3.74 11.02
N SER C 599 44.03 3.77 10.49
CA SER C 599 43.37 5.05 10.23
C SER C 599 42.97 5.74 11.54
N SER C 600 42.59 4.96 12.54
CA SER C 600 42.21 5.44 13.88
C SER C 600 41.06 6.45 13.82
N ARG C 601 40.09 6.18 12.95
CA ARG C 601 38.93 7.04 12.80
C ARG C 601 37.67 6.19 12.75
N LEU C 602 36.57 6.77 13.23
CA LEU C 602 35.27 6.12 13.24
C LEU C 602 34.36 6.88 12.27
N VAL C 603 33.78 6.15 11.31
CA VAL C 603 32.88 6.78 10.36
C VAL C 603 31.46 6.35 10.70
N PRO C 604 30.44 7.17 10.42
CA PRO C 604 29.05 6.73 10.64
C PRO C 604 28.69 5.56 9.74
N VAL C 605 27.79 4.71 10.24
CA VAL C 605 27.46 3.48 9.52
C VAL C 605 26.42 3.74 8.44
N LEU C 606 25.47 4.64 8.69
CA LEU C 606 24.40 4.92 7.76
C LEU C 606 24.48 6.37 7.33
N TYR C 607 24.55 6.61 6.02
CA TYR C 607 24.52 7.94 5.46
C TYR C 607 23.23 8.10 4.67
N HIS C 608 22.59 9.26 4.79
CA HIS C 608 21.43 9.51 3.95
C HIS C 608 21.88 9.94 2.57
N VAL C 609 21.27 9.33 1.56
CA VAL C 609 21.72 9.36 0.18
C VAL C 609 20.59 9.88 -0.69
N TYR C 610 20.91 10.86 -1.54
CA TYR C 610 19.95 11.31 -2.55
C TYR C 610 19.94 10.28 -3.67
N SER C 611 18.78 9.68 -3.91
CA SER C 611 18.66 8.58 -4.85
C SER C 611 17.45 8.79 -5.75
N PHE C 612 17.04 7.75 -6.46
CA PHE C 612 16.11 7.89 -7.56
C PHE C 612 14.82 7.11 -7.40
N ARG C 613 14.82 6.02 -6.62
CA ARG C 613 13.65 5.18 -6.31
C ARG C 613 13.11 4.61 -7.62
N ASN C 614 11.86 4.88 -8.00
CA ASN C 614 11.30 4.37 -9.24
C ASN C 614 10.73 5.47 -10.12
N VAL C 615 10.05 6.46 -9.55
CA VAL C 615 9.45 7.52 -10.36
C VAL C 615 9.79 8.88 -9.75
N GLN C 616 10.18 8.90 -8.48
CA GLN C 616 10.34 10.15 -7.75
C GLN C 616 11.61 10.13 -6.92
N GLN C 617 12.32 11.26 -6.91
CA GLN C 617 13.54 11.41 -6.13
C GLN C 617 13.19 11.56 -4.65
N ILE C 618 13.49 10.51 -3.88
CA ILE C 618 13.25 10.51 -2.43
C ILE C 618 14.54 10.08 -1.75
N GLY C 619 14.99 10.86 -0.76
CA GLY C 619 16.16 10.53 0.02
C GLY C 619 16.05 9.24 0.80
N ILE C 620 17.08 8.40 0.75
CA ILE C 620 17.08 7.12 1.45
C ILE C 620 18.19 7.10 2.49
N LEU C 621 18.32 5.98 3.20
CA LEU C 621 19.27 5.85 4.30
C LEU C 621 20.10 4.59 4.06
N LYS C 622 21.32 4.75 3.53
CA LYS C 622 22.11 3.63 3.08
C LYS C 622 23.17 3.26 4.11
N PRO C 623 23.22 1.99 4.51
CA PRO C 623 24.28 1.53 5.42
C PRO C 623 25.62 1.40 4.70
N HIS C 624 26.69 1.48 5.48
CA HIS C 624 28.03 1.34 4.93
C HIS C 624 28.28 -0.10 4.53
N PRO C 625 28.93 -0.35 3.39
CA PRO C 625 29.10 -1.73 2.90
C PRO C 625 29.93 -2.64 3.80
N ALA C 626 30.84 -2.10 4.62
CA ALA C 626 31.57 -2.97 5.53
C ALA C 626 30.66 -3.51 6.63
N TYR C 627 29.69 -2.70 7.07
CA TYR C 627 28.67 -3.19 7.99
C TYR C 627 27.84 -4.29 7.35
N VAL C 628 27.52 -4.13 6.07
CA VAL C 628 26.76 -5.16 5.37
C VAL C 628 27.58 -6.44 5.24
N GLN C 629 28.89 -6.31 5.00
CA GLN C 629 29.75 -7.48 4.90
C GLN C 629 29.86 -8.20 6.23
N LEU C 630 30.02 -7.46 7.33
CA LEU C 630 30.07 -8.07 8.66
C LEU C 630 28.74 -8.72 9.01
N LEU C 631 27.62 -8.06 8.67
CA LEU C 631 26.30 -8.60 8.97
C LEU C 631 26.04 -9.88 8.19
N GLU C 632 26.50 -9.93 6.93
CA GLU C 632 26.38 -11.13 6.14
C GLU C 632 27.31 -12.23 6.64
N LYS C 633 28.46 -11.85 7.22
CA LYS C 633 29.42 -12.85 7.70
C LYS C 633 28.87 -13.63 8.88
N ALA C 634 28.27 -12.95 9.85
CA ALA C 634 27.64 -13.63 10.98
C ALA C 634 26.33 -14.27 10.53
N ALA C 635 26.03 -15.44 11.09
CA ALA C 635 24.82 -16.15 10.69
C ALA C 635 23.57 -15.48 11.24
N GLU C 636 23.60 -15.10 12.53
CA GLU C 636 22.50 -14.50 13.27
C GLU C 636 21.21 -15.31 13.16
N PRO C 637 21.11 -16.45 13.85
CA PRO C 637 19.90 -17.27 13.75
C PRO C 637 18.66 -16.65 14.38
N THR C 638 18.78 -15.52 15.08
CA THR C 638 17.62 -14.89 15.70
C THR C 638 16.76 -14.20 14.65
N LEU C 639 15.44 -14.40 14.75
CA LEU C 639 14.47 -13.67 13.96
C LEU C 639 13.60 -12.84 14.89
N THR C 640 13.27 -11.61 14.49
CA THR C 640 12.45 -10.73 15.29
C THR C 640 11.05 -10.68 14.71
N PHE C 641 10.06 -11.11 15.49
CA PHE C 641 8.67 -11.02 15.08
C PHE C 641 7.91 -10.08 16.01
N GLU C 642 6.83 -9.50 15.49
CA GLU C 642 6.02 -8.58 16.27
C GLU C 642 5.14 -9.35 17.24
N ALA C 643 4.63 -8.63 18.25
CA ALA C 643 3.75 -9.25 19.24
C ALA C 643 2.39 -9.59 18.65
N VAL C 644 1.89 -8.75 17.74
CA VAL C 644 0.59 -9.02 17.11
C VAL C 644 0.69 -10.21 16.17
N ASP C 645 1.79 -10.32 15.42
CA ASP C 645 1.90 -11.32 14.37
C ASP C 645 2.00 -12.73 14.95
N VAL C 646 2.72 -12.89 16.05
CA VAL C 646 2.79 -14.20 16.71
C VAL C 646 1.43 -14.51 17.34
N PRO C 647 0.96 -15.75 17.32
CA PRO C 647 -0.33 -16.07 17.94
C PRO C 647 -0.34 -15.88 19.45
N MET C 648 -1.54 -15.97 20.01
CA MET C 648 -1.74 -15.84 21.44
C MET C 648 -1.09 -16.99 22.19
N LEU C 649 -0.89 -16.80 23.49
CA LEU C 649 -0.55 -17.89 24.39
C LEU C 649 -1.63 -18.15 25.43
N CYS C 650 -2.62 -17.27 25.55
CA CYS C 650 -3.77 -17.43 26.42
C CYS C 650 -5.02 -17.25 25.57
N PRO C 651 -6.17 -17.72 26.04
CA PRO C 651 -7.41 -17.50 25.28
C PRO C 651 -7.70 -16.02 25.13
N PRO C 652 -8.26 -15.61 24.00
CA PRO C 652 -8.26 -14.19 23.63
C PRO C 652 -9.22 -13.37 24.47
N LEU C 653 -9.05 -12.06 24.38
CA LEU C 653 -9.96 -11.14 25.04
C LEU C 653 -11.28 -11.14 24.28
N PRO C 654 -12.41 -11.25 24.97
CA PRO C 654 -13.71 -11.31 24.29
C PRO C 654 -14.04 -10.00 23.60
N TRP C 655 -14.80 -10.11 22.50
CA TRP C 655 -15.19 -8.94 21.70
C TRP C 655 -16.40 -8.30 22.37
N THR C 656 -16.13 -7.48 23.38
CA THR C 656 -17.20 -6.80 24.10
C THR C 656 -17.85 -5.72 23.24
N SER C 657 -17.05 -5.03 22.44
CA SER C 657 -17.51 -3.90 21.65
C SER C 657 -16.56 -3.73 20.48
N PRO C 658 -16.94 -2.97 19.45
CA PRO C 658 -15.96 -2.66 18.38
C PRO C 658 -14.75 -1.90 18.87
N HIS C 659 -14.87 -1.09 19.92
CA HIS C 659 -13.71 -0.48 20.53
C HIS C 659 -12.86 -1.51 21.27
N SER C 660 -13.51 -2.45 21.94
CA SER C 660 -12.78 -3.53 22.61
C SER C 660 -12.12 -4.45 21.58
N GLY C 661 -11.04 -5.11 22.00
CA GLY C 661 -10.23 -5.87 21.08
C GLY C 661 -10.03 -7.29 21.55
N ALA C 662 -9.48 -8.10 20.65
CA ALA C 662 -9.17 -9.49 20.97
C ALA C 662 -7.80 -9.63 21.62
N PHE C 663 -6.88 -8.73 21.32
CA PHE C 663 -5.56 -8.75 21.92
C PHE C 663 -5.58 -8.18 23.33
N LEU C 664 -4.56 -8.53 24.11
CA LEU C 664 -4.56 -8.23 25.53
C LEU C 664 -4.21 -6.77 25.80
N LEU C 665 -3.07 -6.30 25.27
CA LEU C 665 -2.60 -4.97 25.56
C LEU C 665 -2.56 -4.06 24.34
N SER C 666 -2.79 -4.58 23.14
CA SER C 666 -2.74 -3.80 21.92
C SER C 666 -4.11 -3.69 21.27
N PRO C 667 -4.43 -2.57 20.64
CA PRO C 667 -5.73 -2.43 19.98
C PRO C 667 -5.80 -3.29 18.73
N THR C 668 -7.04 -3.59 18.34
CA THR C 668 -7.28 -4.30 17.09
C THR C 668 -8.61 -3.83 16.53
N LYS C 669 -8.59 -3.28 15.32
CA LYS C 669 -9.80 -2.76 14.70
C LYS C 669 -10.70 -3.89 14.26
N LEU C 670 -12.01 -3.63 14.28
CA LEU C 670 -12.98 -4.66 13.94
C LEU C 670 -12.93 -5.00 12.46
N MET C 671 -13.03 -3.99 11.61
CA MET C 671 -13.03 -4.17 10.16
C MET C 671 -11.73 -3.68 9.55
N ARG C 672 -11.13 -4.49 8.69
CA ARG C 672 -9.89 -4.13 8.04
C ARG C 672 -10.11 -3.10 6.96
N THR C 673 -9.31 -2.05 6.97
CA THR C 673 -9.32 -1.02 5.94
C THR C 673 -7.92 -0.88 5.38
N VAL C 674 -7.83 -0.26 4.21
CA VAL C 674 -6.52 -0.05 3.58
C VAL C 674 -5.84 1.18 4.17
N GLU C 675 -6.45 2.34 3.99
CA GLU C 675 -5.91 3.59 4.52
C GLU C 675 -7.07 4.56 4.71
N GLY C 676 -7.10 5.20 5.88
CA GLY C 676 -8.24 6.03 6.23
C GLY C 676 -9.50 5.20 6.41
N ALA C 677 -10.52 5.51 5.61
CA ALA C 677 -11.79 4.79 5.58
C ALA C 677 -12.46 4.75 6.96
N THR C 678 -12.77 5.94 7.48
CA THR C 678 -13.37 6.04 8.80
C THR C 678 -14.83 5.63 8.82
N GLN C 679 -15.52 5.68 7.68
CA GLN C 679 -16.96 5.43 7.68
C GLN C 679 -17.29 3.96 7.98
N HIS C 680 -16.34 3.05 7.74
CA HIS C 680 -16.54 1.64 8.08
C HIS C 680 -16.75 1.46 9.58
N GLN C 681 -15.92 2.11 10.38
CA GLN C 681 -16.10 2.08 11.82
C GLN C 681 -17.14 3.06 12.29
N GLU C 682 -17.46 4.09 11.49
CA GLU C 682 -18.49 5.04 11.87
C GLU C 682 -19.87 4.40 11.84
N LEU C 683 -20.13 3.51 10.86
CA LEU C 683 -21.39 2.77 10.86
C LEU C 683 -21.48 1.83 12.04
N LEU C 684 -20.35 1.27 12.50
CA LEU C 684 -20.39 0.45 13.71
C LEU C 684 -20.63 1.29 14.94
N GLU C 685 -20.07 2.50 14.99
CA GLU C 685 -20.28 3.39 16.12
C GLU C 685 -21.74 3.85 16.21
N THR C 686 -22.34 4.19 15.07
CA THR C 686 -23.72 4.67 15.04
C THR C 686 -24.73 3.53 14.97
N CYS C 687 -24.27 2.28 14.88
CA CYS C 687 -25.16 1.14 14.86
C CYS C 687 -25.88 1.01 16.22
N PRO C 688 -27.10 0.50 16.24
CA PRO C 688 -27.78 0.22 17.51
C PRO C 688 -26.97 -0.75 18.36
N PRO C 689 -26.94 -0.54 19.68
CA PRO C 689 -25.99 -1.29 20.52
C PRO C 689 -26.20 -2.79 20.55
N THR C 690 -27.44 -3.26 20.41
CA THR C 690 -27.71 -4.69 20.44
C THR C 690 -27.57 -5.35 19.08
N ALA C 691 -27.44 -4.58 18.00
CA ALA C 691 -27.39 -5.16 16.66
C ALA C 691 -26.03 -5.76 16.37
N LEU C 692 -24.96 -5.17 16.92
CA LEU C 692 -23.62 -5.70 16.70
C LEU C 692 -23.27 -6.85 17.63
N HIS C 693 -24.19 -7.21 18.53
CA HIS C 693 -23.89 -8.17 19.59
C HIS C 693 -23.61 -9.57 19.03
N GLY C 694 -24.39 -9.98 18.02
CA GLY C 694 -24.22 -11.31 17.47
C GLY C 694 -22.91 -11.50 16.73
N ALA C 695 -22.50 -10.49 15.95
CA ALA C 695 -21.25 -10.58 15.22
C ALA C 695 -20.05 -10.60 16.16
N LEU C 696 -20.12 -9.82 17.24
CA LEU C 696 -19.04 -9.82 18.23
C LEU C 696 -18.98 -11.15 18.96
N ASP C 697 -20.13 -11.74 19.28
CA ASP C 697 -20.14 -13.08 19.89
C ASP C 697 -19.55 -14.13 18.97
N ALA C 698 -19.86 -14.04 17.67
CA ALA C 698 -19.31 -14.99 16.71
C ALA C 698 -17.80 -14.83 16.56
N LEU C 699 -17.31 -13.59 16.58
CA LEU C 699 -15.88 -13.37 16.54
C LEU C 699 -15.18 -13.89 17.80
N THR C 700 -15.82 -13.72 18.96
CA THR C 700 -15.29 -14.28 20.20
C THR C 700 -15.27 -15.80 20.14
N GLN C 701 -16.30 -16.42 19.56
CA GLN C 701 -16.31 -17.86 19.32
C GLN C 701 -15.14 -18.29 18.44
N LEU C 702 -14.90 -17.56 17.35
CA LEU C 702 -13.77 -17.87 16.49
C LEU C 702 -12.43 -17.66 17.17
N GLY C 703 -12.38 -16.79 18.19
CA GLY C 703 -11.15 -16.61 18.94
C GLY C 703 -10.83 -17.75 19.87
N ASN C 704 -11.85 -18.39 20.45
CA ASN C 704 -11.65 -19.39 21.50
C ASN C 704 -11.25 -20.76 20.97
N CYS C 705 -10.91 -20.88 19.69
CA CYS C 705 -10.46 -22.16 19.17
C CYS C 705 -9.06 -22.49 19.70
N ALA C 706 -8.86 -23.74 20.09
CA ALA C 706 -7.62 -24.19 20.68
C ALA C 706 -6.81 -24.96 19.64
N TRP C 707 -5.55 -24.58 19.47
CA TRP C 707 -4.71 -25.09 18.40
C TRP C 707 -3.40 -25.65 18.96
N ARG C 708 -2.79 -26.51 18.17
CA ARG C 708 -1.41 -26.92 18.37
C ARG C 708 -0.84 -27.34 17.02
N VAL C 709 0.48 -27.46 16.95
CA VAL C 709 1.15 -27.87 15.73
C VAL C 709 1.44 -29.37 15.80
N ASN C 710 1.42 -30.02 14.64
CA ASN C 710 1.78 -31.43 14.58
C ASN C 710 3.27 -31.58 14.83
N GLY C 711 3.65 -32.70 15.45
CA GLY C 711 5.05 -32.99 15.63
C GLY C 711 5.68 -33.59 14.40
N ARG C 712 5.05 -34.63 13.85
CA ARG C 712 5.68 -35.39 12.78
C ARG C 712 5.58 -34.67 11.43
N VAL C 713 4.48 -33.96 11.18
CA VAL C 713 4.39 -33.17 9.96
C VAL C 713 5.41 -32.03 9.98
N LEU C 714 5.57 -31.37 11.13
CA LEU C 714 6.58 -30.33 11.26
C LEU C 714 7.98 -30.90 11.09
N ASP C 715 8.24 -32.08 11.65
CA ASP C 715 9.55 -32.72 11.50
C ASP C 715 9.84 -33.06 10.05
N LEU C 716 8.86 -33.60 9.32
CA LEU C 716 9.07 -33.94 7.92
C LEU C 716 9.26 -32.70 7.06
N VAL C 717 8.48 -31.64 7.31
CA VAL C 717 8.62 -30.42 6.53
C VAL C 717 9.97 -29.78 6.80
N LEU C 718 10.42 -29.78 8.06
CA LEU C 718 11.73 -29.23 8.37
C LEU C 718 12.85 -30.07 7.78
N GLN C 719 12.67 -31.40 7.74
CA GLN C 719 13.70 -32.26 7.15
C GLN C 719 13.83 -32.02 5.66
N LEU C 720 12.70 -31.81 4.97
CA LEU C 720 12.78 -31.39 3.57
C LEU C 720 13.31 -29.97 3.44
N PHE C 721 13.16 -29.15 4.48
CA PHE C 721 13.61 -27.77 4.40
C PHE C 721 15.13 -27.66 4.51
N GLN C 722 15.75 -28.46 5.39
CA GLN C 722 17.20 -28.39 5.58
C GLN C 722 17.96 -28.79 4.32
N ALA C 723 17.51 -29.84 3.65
CA ALA C 723 18.10 -30.26 2.39
C ALA C 723 17.53 -29.41 1.26
N LYS C 724 17.77 -29.82 0.02
CA LYS C 724 17.22 -29.09 -1.12
C LYS C 724 15.70 -29.20 -1.17
N GLY C 725 15.15 -30.38 -0.85
CA GLY C 725 13.71 -30.55 -0.79
C GLY C 725 13.07 -30.62 -2.17
N CYS C 726 11.73 -30.61 -2.15
CA CYS C 726 10.93 -30.65 -3.36
C CYS C 726 10.12 -29.37 -3.45
N PRO C 727 10.29 -28.56 -4.50
CA PRO C 727 9.53 -27.30 -4.60
C PRO C 727 8.08 -27.48 -5.04
N GLN C 728 7.70 -28.67 -5.51
CA GLN C 728 6.33 -28.89 -5.95
C GLN C 728 5.35 -29.04 -4.80
N LEU C 729 5.84 -29.19 -3.57
CA LEU C 729 4.99 -29.33 -2.40
C LEU C 729 4.70 -28.00 -1.71
N GLY C 730 5.37 -26.92 -2.10
CA GLY C 730 5.26 -25.66 -1.42
C GLY C 730 6.39 -25.36 -0.47
N VAL C 731 7.37 -26.25 -0.34
CA VAL C 731 8.57 -26.00 0.45
C VAL C 731 9.72 -25.67 -0.52
N PRO C 732 10.24 -24.45 -0.50
CA PRO C 732 11.30 -24.07 -1.44
C PRO C 732 12.66 -24.60 -1.04
N ALA C 733 13.59 -24.45 -1.97
CA ALA C 733 14.97 -24.89 -1.91
C ALA C 733 15.89 -23.73 -1.55
N PRO C 734 17.09 -24.02 -1.04
CA PRO C 734 18.08 -22.95 -0.90
C PRO C 734 18.54 -22.45 -2.25
N PRO C 735 19.01 -21.21 -2.33
CA PRO C 735 19.38 -20.63 -3.64
C PRO C 735 20.60 -21.26 -4.30
N SER C 736 21.31 -22.18 -3.62
CA SER C 736 22.39 -22.89 -4.26
C SER C 736 21.88 -23.77 -5.41
N GLU C 737 20.74 -24.44 -5.19
CA GLU C 737 20.12 -25.19 -6.27
C GLU C 737 19.43 -24.29 -7.29
N ALA C 738 19.10 -23.06 -6.91
CA ALA C 738 18.62 -22.09 -7.88
C ALA C 738 19.76 -21.68 -8.81
N PRO C 739 19.46 -21.35 -10.07
CA PRO C 739 20.50 -20.81 -10.95
C PRO C 739 20.96 -19.44 -10.48
N GLN C 740 22.27 -19.28 -10.32
CA GLN C 740 22.85 -18.05 -9.81
C GLN C 740 23.99 -17.56 -10.68
N HIS C 748 35.23 -12.11 -24.73
CA HIS C 748 35.12 -12.12 -26.19
C HIS C 748 33.75 -12.62 -26.62
N SER C 749 33.06 -11.82 -27.42
CA SER C 749 31.74 -12.14 -27.94
C SER C 749 31.80 -12.28 -29.44
N ALA C 750 31.24 -13.36 -29.97
CA ALA C 750 31.30 -13.61 -31.40
C ALA C 750 30.35 -12.71 -32.17
N ALA C 751 29.13 -12.54 -31.68
CA ALA C 751 28.11 -11.79 -32.39
C ALA C 751 27.32 -10.93 -31.40
N PRO C 752 26.75 -9.81 -31.87
CA PRO C 752 25.81 -9.06 -31.01
C PRO C 752 24.57 -9.85 -30.64
N ALA C 753 24.13 -10.79 -31.49
CA ALA C 753 23.03 -11.66 -31.13
C ALA C 753 23.42 -12.58 -29.97
N ARG C 754 24.68 -13.01 -29.93
CA ARG C 754 25.17 -13.78 -28.80
C ARG C 754 25.15 -12.94 -27.52
N LYS C 755 25.49 -11.65 -27.64
CA LYS C 755 25.41 -10.75 -26.49
C LYS C 755 23.97 -10.57 -26.03
N ALA C 756 23.03 -10.48 -26.97
CA ALA C 756 21.61 -10.37 -26.62
C ALA C 756 21.12 -11.63 -25.92
N GLU C 757 21.54 -12.81 -26.41
CA GLU C 757 21.17 -14.06 -25.76
C GLU C 757 21.76 -14.16 -24.36
N LEU C 758 23.02 -13.71 -24.19
CA LEU C 758 23.65 -13.72 -22.87
C LEU C 758 22.95 -12.78 -21.91
N ARG C 759 22.56 -11.59 -22.39
CA ARG C 759 21.82 -10.65 -21.56
C ARG C 759 20.46 -11.21 -21.16
N ARG C 760 19.79 -11.88 -22.11
CA ARG C 760 18.50 -12.51 -21.81
C ARG C 760 18.65 -13.60 -20.76
N GLU C 761 19.70 -14.41 -20.84
CA GLU C 761 19.81 -15.50 -19.88
C GLU C 761 20.32 -15.02 -18.52
N LEU C 762 21.15 -13.97 -18.47
CA LEU C 762 21.40 -13.32 -17.18
C LEU C 762 20.13 -12.74 -16.56
N ALA C 763 19.28 -12.11 -17.37
CA ALA C 763 18.03 -11.56 -16.83
C ALA C 763 17.11 -12.66 -16.31
N HIS C 764 17.02 -13.77 -17.06
CA HIS C 764 16.21 -14.91 -16.62
C HIS C 764 16.75 -15.51 -15.34
N CYS C 765 18.08 -15.67 -15.24
CA CYS C 765 18.69 -16.21 -14.04
C CYS C 765 18.47 -15.30 -12.84
N GLN C 766 18.59 -13.98 -13.05
CA GLN C 766 18.38 -13.04 -11.96
C GLN C 766 16.94 -13.06 -11.45
N LYS C 767 15.96 -13.08 -12.37
CA LYS C 767 14.57 -13.10 -11.94
C LYS C 767 14.21 -14.42 -11.26
N VAL C 768 14.72 -15.55 -11.77
CA VAL C 768 14.42 -16.85 -11.16
C VAL C 768 15.06 -16.94 -9.78
N ALA C 769 16.29 -16.47 -9.63
CA ALA C 769 16.94 -16.48 -8.33
C ALA C 769 16.22 -15.58 -7.33
N ARG C 770 15.77 -14.41 -7.79
CA ARG C 770 15.01 -13.52 -6.92
C ARG C 770 13.69 -14.15 -6.49
N GLU C 771 13.01 -14.83 -7.41
CA GLU C 771 11.74 -15.48 -7.08
C GLU C 771 11.94 -16.62 -6.08
N MET C 772 12.99 -17.43 -6.27
CA MET C 772 13.20 -18.55 -5.36
C MET C 772 13.65 -18.08 -3.99
N HIS C 773 14.48 -17.04 -3.94
CA HIS C 773 14.81 -16.41 -2.66
C HIS C 773 13.59 -15.82 -1.98
N SER C 774 12.68 -15.24 -2.77
CA SER C 774 11.45 -14.67 -2.23
C SER C 774 10.55 -15.73 -1.60
N LEU C 775 10.42 -16.89 -2.26
CA LEU C 775 9.64 -17.97 -1.66
C LEU C 775 10.33 -18.56 -0.44
N ARG C 776 11.66 -18.70 -0.51
CA ARG C 776 12.43 -19.27 0.59
C ARG C 776 12.36 -18.40 1.84
N ALA C 777 12.34 -17.08 1.69
CA ALA C 777 12.28 -16.20 2.84
C ALA C 777 10.96 -16.36 3.60
N GLU C 778 9.84 -16.42 2.87
CA GLU C 778 8.55 -16.61 3.54
C GLU C 778 8.42 -17.99 4.14
N ALA C 779 8.95 -19.01 3.48
CA ALA C 779 8.93 -20.35 4.05
C ALA C 779 9.74 -20.42 5.35
N LEU C 780 10.91 -19.78 5.36
CA LEU C 780 11.72 -19.72 6.58
C LEU C 780 10.98 -18.97 7.69
N TYR C 781 10.37 -17.85 7.34
CA TYR C 781 9.69 -17.03 8.34
C TYR C 781 8.42 -17.70 8.88
N ARG C 782 7.81 -18.61 8.14
CA ARG C 782 6.69 -19.36 8.69
C ARG C 782 7.12 -20.57 9.50
N LEU C 783 8.05 -21.36 8.96
CA LEU C 783 8.44 -22.59 9.64
C LEU C 783 9.29 -22.32 10.87
N SER C 784 9.94 -21.16 10.95
CA SER C 784 10.65 -20.80 12.18
C SER C 784 9.67 -20.56 13.31
N LEU C 785 8.60 -19.82 13.05
CA LEU C 785 7.55 -19.61 14.04
C LEU C 785 6.87 -20.93 14.38
N ALA C 786 6.72 -21.82 13.40
CA ALA C 786 6.16 -23.14 13.67
C ALA C 786 7.07 -23.94 14.61
N GLN C 787 8.39 -23.85 14.40
CA GLN C 787 9.36 -24.50 15.29
C GLN C 787 9.31 -23.92 16.69
N HIS C 788 9.16 -22.59 16.79
CA HIS C 788 9.04 -21.95 18.09
C HIS C 788 7.81 -22.43 18.84
N LEU C 789 6.71 -22.66 18.12
CA LEU C 789 5.41 -22.90 18.73
C LEU C 789 5.06 -24.38 18.82
N ARG C 790 6.05 -25.24 19.04
CA ARG C 790 5.79 -26.63 19.33
C ARG C 790 5.36 -26.78 20.80
N ASP C 791 4.73 -27.91 21.11
CA ASP C 791 4.23 -28.40 22.40
C ASP C 791 3.64 -27.31 23.31
N ARG C 792 2.87 -26.41 22.72
CA ARG C 792 2.12 -25.41 23.47
C ARG C 792 0.74 -25.29 22.83
N VAL C 793 -0.16 -24.58 23.51
CA VAL C 793 -1.52 -24.40 23.03
C VAL C 793 -1.73 -22.93 22.66
N PHE C 794 -2.56 -22.71 21.64
CA PHE C 794 -2.65 -21.42 20.97
C PHE C 794 -4.08 -21.10 20.62
N TRP C 795 -4.34 -19.80 20.45
CA TRP C 795 -5.67 -19.30 20.11
C TRP C 795 -5.48 -18.21 19.06
N LEU C 796 -6.03 -18.43 17.87
CA LEU C 796 -5.96 -17.41 16.84
C LEU C 796 -7.16 -16.47 16.95
N PRO C 797 -6.95 -15.18 17.23
CA PRO C 797 -8.06 -14.23 17.17
C PRO C 797 -8.47 -13.96 15.73
N HIS C 798 -9.69 -13.45 15.57
CA HIS C 798 -10.24 -13.19 14.25
C HIS C 798 -10.84 -11.80 14.18
N ASN C 799 -10.64 -11.15 13.04
CA ASN C 799 -11.16 -9.83 12.71
C ASN C 799 -12.12 -9.95 11.54
N MET C 800 -12.63 -8.81 11.11
CA MET C 800 -13.66 -8.75 10.09
C MET C 800 -13.14 -7.98 8.88
N ASP C 801 -13.65 -8.29 7.70
CA ASP C 801 -13.44 -7.39 6.56
C ASP C 801 -14.58 -6.39 6.55
N PHE C 802 -14.68 -5.58 5.51
CA PHE C 802 -15.78 -4.61 5.51
C PHE C 802 -17.10 -5.24 5.10
N ARG C 803 -17.08 -6.42 4.49
CA ARG C 803 -18.33 -7.14 4.22
C ARG C 803 -18.88 -7.78 5.48
N GLY C 804 -18.02 -8.38 6.28
CA GLY C 804 -18.44 -9.22 7.39
C GLY C 804 -17.71 -10.54 7.41
N ARG C 805 -16.96 -10.84 6.35
CA ARG C 805 -16.25 -12.11 6.24
C ARG C 805 -14.98 -12.07 7.11
N THR C 806 -14.76 -13.12 7.91
CA THR C 806 -13.77 -13.08 8.98
C THR C 806 -12.41 -13.58 8.52
N TYR C 807 -11.36 -12.90 8.99
CA TYR C 807 -9.97 -13.18 8.69
C TYR C 807 -9.15 -13.29 9.98
N PRO C 808 -8.22 -14.24 10.07
CA PRO C 808 -7.38 -14.34 11.27
C PRO C 808 -6.41 -13.17 11.37
N CYS C 809 -6.30 -12.59 12.56
CA CYS C 809 -5.39 -11.47 12.82
C CYS C 809 -3.91 -11.86 12.74
N PRO C 810 -3.43 -12.98 13.28
CA PRO C 810 -2.02 -13.37 13.02
C PRO C 810 -1.83 -13.77 11.57
N PRO C 811 -0.98 -13.04 10.83
CA PRO C 811 -0.92 -13.24 9.38
C PRO C 811 -0.09 -14.42 8.91
N HIS C 812 1.01 -14.73 9.60
CA HIS C 812 1.95 -15.70 9.08
C HIS C 812 1.44 -17.12 9.23
N PHE C 813 0.75 -17.42 10.33
CA PHE C 813 0.43 -18.80 10.70
C PHE C 813 -1.05 -18.87 11.04
N ASN C 814 -1.87 -19.24 10.06
CA ASN C 814 -3.31 -19.34 10.24
C ASN C 814 -3.84 -20.34 9.22
N HIS C 815 -5.14 -20.64 9.34
CA HIS C 815 -5.74 -21.64 8.46
C HIS C 815 -6.11 -21.10 7.09
N LEU C 816 -6.04 -19.79 6.89
CA LEU C 816 -6.18 -19.22 5.54
C LEU C 816 -4.82 -19.04 4.88
N GLY C 817 -4.08 -20.15 4.86
CA GLY C 817 -2.74 -20.12 4.30
C GLY C 817 -2.58 -21.09 3.15
N SER C 818 -1.53 -21.89 3.20
CA SER C 818 -1.24 -22.86 2.15
C SER C 818 -1.59 -24.25 2.65
N ASP C 819 -1.26 -25.24 1.83
CA ASP C 819 -1.49 -26.64 2.22
C ASP C 819 -0.62 -27.04 3.40
N VAL C 820 0.64 -26.60 3.41
CA VAL C 820 1.55 -26.92 4.51
C VAL C 820 1.06 -26.27 5.80
N ALA C 821 0.71 -24.98 5.73
CA ALA C 821 0.28 -24.25 6.91
C ALA C 821 -1.02 -24.80 7.47
N ARG C 822 -1.94 -25.20 6.58
CA ARG C 822 -3.17 -25.84 7.04
C ARG C 822 -2.89 -27.20 7.64
N ALA C 823 -1.90 -27.92 7.12
CA ALA C 823 -1.61 -29.25 7.62
C ALA C 823 -0.94 -29.23 8.98
N LEU C 824 -0.22 -28.15 9.30
CA LEU C 824 0.45 -28.10 10.60
C LEU C 824 -0.54 -28.00 11.76
N LEU C 825 -1.65 -27.31 11.57
CA LEU C 825 -2.57 -27.06 12.66
C LEU C 825 -3.43 -28.28 12.97
N GLU C 826 -3.62 -28.57 14.26
CA GLU C 826 -4.67 -29.46 14.72
C GLU C 826 -5.32 -28.85 15.96
N PHE C 827 -6.46 -29.41 16.33
CA PHE C 827 -7.15 -28.99 17.55
C PHE C 827 -6.36 -29.41 18.78
N ALA C 828 -6.31 -28.53 19.78
CA ALA C 828 -5.69 -28.91 21.04
C ALA C 828 -6.60 -29.80 21.88
N GLN C 829 -7.91 -29.60 21.79
CA GLN C 829 -8.89 -30.43 22.49
C GLN C 829 -9.46 -31.45 21.51
N GLY C 830 -9.53 -32.70 21.94
CA GLY C 830 -9.96 -33.76 21.05
C GLY C 830 -11.21 -34.47 21.49
N ARG C 831 -12.27 -34.35 20.69
CA ARG C 831 -13.47 -35.12 20.93
C ARG C 831 -13.24 -36.58 20.58
N PRO C 832 -13.84 -37.52 21.32
CA PRO C 832 -13.88 -38.90 20.85
C PRO C 832 -14.68 -39.02 19.57
N LEU C 833 -14.36 -40.03 18.78
CA LEU C 833 -14.91 -40.16 17.43
C LEU C 833 -16.42 -40.39 17.46
N GLY C 834 -16.94 -40.98 18.52
CA GLY C 834 -18.36 -41.22 18.62
C GLY C 834 -18.77 -42.43 17.80
N PRO C 835 -20.09 -42.69 17.75
CA PRO C 835 -20.57 -43.86 17.00
C PRO C 835 -20.30 -43.78 15.51
N HIS C 836 -20.40 -42.59 14.91
CA HIS C 836 -20.17 -42.49 13.47
C HIS C 836 -18.67 -42.49 13.17
N GLY C 837 -17.98 -41.44 13.62
CA GLY C 837 -16.53 -41.49 13.74
C GLY C 837 -15.77 -41.62 12.44
N LEU C 838 -15.00 -42.72 12.37
CA LEU C 838 -13.89 -42.88 11.44
C LEU C 838 -14.29 -42.67 9.98
N ASP C 839 -15.50 -43.11 9.63
CA ASP C 839 -16.02 -42.97 8.27
C ASP C 839 -15.94 -41.53 7.79
N TRP C 840 -16.39 -40.59 8.62
CA TRP C 840 -16.36 -39.17 8.26
C TRP C 840 -14.94 -38.71 8.01
N LEU C 841 -14.00 -39.15 8.87
CA LEU C 841 -12.59 -38.80 8.67
C LEU C 841 -12.12 -39.29 7.30
N LYS C 842 -12.49 -40.53 6.95
CA LYS C 842 -12.11 -41.08 5.67
C LYS C 842 -12.71 -40.26 4.54
N ILE C 843 -13.96 -39.80 4.73
CA ILE C 843 -14.62 -38.97 3.72
C ILE C 843 -13.84 -37.68 3.54
N HIS C 844 -13.39 -37.07 4.65
CA HIS C 844 -12.59 -35.85 4.58
C HIS C 844 -11.32 -36.10 3.77
N LEU C 845 -10.71 -37.28 3.96
CA LEU C 845 -9.51 -37.63 3.22
C LEU C 845 -9.80 -37.63 1.72
N VAL C 846 -10.89 -38.28 1.32
CA VAL C 846 -11.26 -38.29 -0.08
C VAL C 846 -11.63 -36.89 -0.53
N ASN C 847 -12.23 -36.10 0.37
CA ASN C 847 -12.59 -34.72 0.03
C ASN C 847 -11.36 -33.87 -0.23
N LEU C 848 -10.20 -34.27 0.31
CA LEU C 848 -8.96 -33.58 -0.04
C LEU C 848 -8.10 -34.39 -0.99
N THR C 849 -8.49 -35.64 -1.28
CA THR C 849 -7.73 -36.42 -2.25
C THR C 849 -7.91 -35.84 -3.65
N GLY C 850 -9.11 -35.35 -3.94
CA GLY C 850 -9.39 -34.66 -5.17
C GLY C 850 -9.66 -35.57 -6.35
N LEU C 851 -9.41 -36.88 -6.21
CA LEU C 851 -9.70 -37.80 -7.28
C LEU C 851 -11.19 -37.93 -7.55
N LYS C 852 -12.01 -37.92 -6.49
CA LYS C 852 -13.44 -38.18 -6.62
C LYS C 852 -14.19 -37.03 -5.93
N LYS C 853 -14.70 -36.10 -6.74
CA LYS C 853 -15.47 -34.97 -6.24
C LYS C 853 -16.91 -34.99 -6.74
N ARG C 854 -17.18 -35.68 -7.85
CA ARG C 854 -18.49 -35.65 -8.49
C ARG C 854 -19.32 -36.90 -8.19
N GLU C 855 -19.07 -37.57 -7.08
CA GLU C 855 -19.79 -38.80 -6.77
C GLU C 855 -20.36 -38.70 -5.36
N PRO C 856 -21.38 -39.52 -5.02
CA PRO C 856 -21.94 -39.44 -3.67
C PRO C 856 -21.05 -39.98 -2.54
N LEU C 857 -21.53 -39.85 -1.30
CA LEU C 857 -20.71 -40.10 -0.12
C LEU C 857 -20.41 -41.58 0.07
N ARG C 858 -21.35 -42.46 -0.26
CA ARG C 858 -21.10 -43.89 -0.12
C ARG C 858 -19.99 -44.36 -1.04
N LYS C 859 -19.93 -43.81 -2.25
CA LYS C 859 -18.83 -44.15 -3.16
C LYS C 859 -17.51 -43.56 -2.68
N ARG C 860 -17.55 -42.39 -2.02
CA ARG C 860 -16.33 -41.86 -1.41
C ARG C 860 -15.82 -42.76 -0.29
N LEU C 861 -16.73 -43.28 0.53
CA LEU C 861 -16.31 -44.19 1.60
C LEU C 861 -15.79 -45.50 1.03
N ALA C 862 -16.40 -46.00 -0.06
CA ALA C 862 -15.88 -47.19 -0.72
C ALA C 862 -14.50 -46.95 -1.30
N PHE C 863 -14.28 -45.76 -1.88
CA PHE C 863 -12.97 -45.41 -2.40
C PHE C 863 -11.93 -45.31 -1.29
N ALA C 864 -12.33 -44.76 -0.13
CA ALA C 864 -11.42 -44.70 1.01
C ALA C 864 -11.12 -46.10 1.54
N GLU C 865 -12.08 -47.02 1.45
CA GLU C 865 -11.82 -48.41 1.82
C GLU C 865 -10.86 -49.07 0.86
N GLU C 866 -10.91 -48.73 -0.43
CA GLU C 866 -10.06 -49.38 -1.41
C GLU C 866 -8.60 -48.93 -1.33
N VAL C 867 -8.35 -47.71 -0.86
CA VAL C 867 -7.00 -47.14 -0.88
C VAL C 867 -6.33 -47.30 0.48
N MET C 868 -6.82 -48.23 1.30
CA MET C 868 -6.40 -48.33 2.70
C MET C 868 -4.93 -48.71 2.83
N ASP C 869 -4.44 -49.58 1.94
CA ASP C 869 -3.04 -50.00 2.00
C ASP C 869 -2.10 -48.83 1.75
N ASP C 870 -2.45 -47.96 0.79
CA ASP C 870 -1.66 -46.76 0.55
C ASP C 870 -1.69 -45.82 1.75
N ILE C 871 -2.83 -45.76 2.44
CA ILE C 871 -2.94 -44.92 3.64
C ILE C 871 -2.03 -45.44 4.75
N LEU C 872 -2.04 -46.75 4.98
CA LEU C 872 -1.16 -47.32 6.00
C LEU C 872 0.31 -47.13 5.64
N ASP C 873 0.64 -47.30 4.35
CA ASP C 873 2.03 -47.15 3.92
C ASP C 873 2.49 -45.71 4.03
N SER C 874 1.61 -44.75 3.70
CA SER C 874 1.98 -43.35 3.79
C SER C 874 2.09 -42.89 5.24
N ALA C 875 1.28 -43.45 6.14
CA ALA C 875 1.37 -43.04 7.53
C ALA C 875 2.57 -43.69 8.24
N ASP C 876 2.92 -44.92 7.88
CA ASP C 876 4.06 -45.58 8.51
C ASP C 876 5.37 -44.95 8.09
N GLN C 877 5.56 -44.76 6.78
CA GLN C 877 6.80 -44.21 6.22
C GLN C 877 6.46 -43.12 5.20
N PRO C 878 6.43 -41.86 5.63
CA PRO C 878 5.98 -40.78 4.74
C PRO C 878 6.92 -40.49 3.57
N LEU C 879 8.20 -40.30 3.85
CA LEU C 879 9.15 -39.88 2.84
C LEU C 879 10.03 -41.00 2.31
N THR C 880 10.33 -42.01 3.13
CA THR C 880 11.24 -43.05 2.71
C THR C 880 10.56 -44.07 1.81
N GLY C 881 9.37 -44.52 2.18
CA GLY C 881 8.71 -45.62 1.53
C GLY C 881 7.83 -45.23 0.36
N ARG C 882 6.81 -46.06 0.11
CA ARG C 882 5.88 -45.80 -0.98
C ARG C 882 5.08 -44.53 -0.72
N LYS C 883 4.96 -43.70 -1.75
CA LYS C 883 4.55 -42.31 -1.63
C LYS C 883 3.22 -42.13 -2.34
N TRP C 884 2.14 -42.05 -1.56
CA TRP C 884 0.79 -41.90 -2.12
C TRP C 884 0.22 -40.51 -1.95
N TRP C 885 0.63 -39.77 -0.91
CA TRP C 885 0.02 -38.47 -0.66
C TRP C 885 0.46 -37.40 -1.65
N MET C 886 1.37 -37.73 -2.57
CA MET C 886 1.61 -36.90 -3.73
C MET C 886 0.44 -37.01 -4.71
N GLY C 887 0.34 -36.04 -5.60
CA GLY C 887 -0.68 -36.03 -6.63
C GLY C 887 -2.01 -35.47 -6.20
N ALA C 888 -2.31 -35.48 -4.90
CA ALA C 888 -3.52 -34.84 -4.42
C ALA C 888 -3.40 -33.33 -4.52
N GLU C 889 -4.55 -32.67 -4.58
CA GLU C 889 -4.55 -31.21 -4.70
C GLU C 889 -4.05 -30.54 -3.43
N GLU C 890 -4.18 -31.20 -2.28
CA GLU C 890 -3.65 -30.69 -1.02
C GLU C 890 -2.86 -31.81 -0.36
N PRO C 891 -1.56 -31.91 -0.66
CA PRO C 891 -0.80 -33.12 -0.27
C PRO C 891 -0.53 -33.25 1.23
N TRP C 892 -0.10 -32.18 1.89
CA TRP C 892 0.26 -32.32 3.31
C TRP C 892 -0.96 -32.48 4.20
N GLN C 893 -2.07 -31.82 3.88
CA GLN C 893 -3.30 -32.09 4.61
C GLN C 893 -3.76 -33.52 4.41
N THR C 894 -3.55 -34.05 3.20
CA THR C 894 -3.84 -35.45 2.94
C THR C 894 -2.96 -36.35 3.79
N LEU C 895 -1.68 -35.98 3.97
CA LEU C 895 -0.80 -36.73 4.84
C LEU C 895 -1.25 -36.67 6.30
N ALA C 896 -1.71 -35.50 6.74
CA ALA C 896 -2.14 -35.35 8.13
C ALA C 896 -3.40 -36.17 8.41
N CYS C 897 -4.38 -36.10 7.50
CA CYS C 897 -5.59 -36.92 7.66
C CYS C 897 -5.27 -38.40 7.51
N CYS C 898 -4.32 -38.73 6.64
CA CYS C 898 -3.84 -40.10 6.48
C CYS C 898 -3.29 -40.64 7.78
N MET C 899 -2.42 -39.87 8.44
CA MET C 899 -1.82 -40.29 9.69
C MET C 899 -2.85 -40.39 10.80
N GLU C 900 -3.79 -39.44 10.88
CA GLU C 900 -4.80 -39.50 11.92
C GLU C 900 -5.74 -40.68 11.72
N VAL C 901 -6.11 -40.99 10.48
CA VAL C 901 -6.96 -42.15 10.21
C VAL C 901 -6.23 -43.44 10.58
N ALA C 902 -4.95 -43.55 10.21
CA ALA C 902 -4.20 -44.76 10.52
C ALA C 902 -3.98 -44.92 12.02
N ASN C 903 -3.80 -43.81 12.75
CA ASN C 903 -3.74 -43.89 14.21
C ASN C 903 -5.09 -44.27 14.79
N ALA C 904 -6.19 -43.82 14.18
CA ALA C 904 -7.52 -44.12 14.69
C ALA C 904 -7.87 -45.59 14.51
N VAL C 905 -7.41 -46.20 13.41
CA VAL C 905 -7.73 -47.60 13.17
C VAL C 905 -6.98 -48.50 14.14
N ARG C 906 -5.70 -48.20 14.40
CA ARG C 906 -4.90 -49.00 15.33
C ARG C 906 -5.29 -48.64 16.76
N ALA C 907 -6.46 -49.12 17.17
CA ALA C 907 -6.97 -48.90 18.51
C ALA C 907 -7.91 -50.03 18.88
N SER C 908 -8.03 -50.27 20.19
CA SER C 908 -8.96 -51.29 20.66
C SER C 908 -10.40 -50.90 20.38
N ASP C 909 -10.71 -49.61 20.53
CA ASP C 909 -12.04 -49.09 20.23
C ASP C 909 -11.87 -47.85 19.37
N PRO C 910 -12.36 -47.86 18.12
CA PRO C 910 -12.29 -46.66 17.29
C PRO C 910 -13.05 -45.47 17.85
N ALA C 911 -14.14 -45.70 18.56
CA ALA C 911 -14.96 -44.60 19.05
C ALA C 911 -14.31 -43.89 20.23
N ALA C 912 -13.61 -44.63 21.10
CA ALA C 912 -13.01 -44.05 22.29
C ALA C 912 -11.71 -43.33 22.01
N TYR C 913 -11.18 -43.41 20.79
CA TYR C 913 -9.95 -42.72 20.44
C TYR C 913 -10.16 -41.22 20.45
N VAL C 914 -9.12 -40.49 20.84
CA VAL C 914 -9.13 -39.03 20.82
C VAL C 914 -8.61 -38.57 19.47
N SER C 915 -9.43 -37.80 18.75
CA SER C 915 -9.08 -37.30 17.43
C SER C 915 -8.93 -35.79 17.49
N HIS C 916 -7.80 -35.28 17.02
CA HIS C 916 -7.51 -33.85 17.02
C HIS C 916 -7.60 -33.25 15.62
N LEU C 917 -7.89 -34.05 14.62
CA LEU C 917 -7.89 -33.59 13.23
C LEU C 917 -9.15 -32.79 12.91
N PRO C 918 -9.02 -31.62 12.31
CA PRO C 918 -10.21 -30.93 11.79
C PRO C 918 -10.80 -31.68 10.59
N VAL C 919 -12.12 -31.60 10.47
CA VAL C 919 -12.86 -32.21 9.36
C VAL C 919 -13.56 -31.10 8.60
N HIS C 920 -13.49 -31.16 7.27
CA HIS C 920 -13.85 -30.07 6.38
C HIS C 920 -15.26 -30.25 5.86
N GLN C 921 -15.99 -29.14 5.70
CA GLN C 921 -17.22 -29.11 4.94
C GLN C 921 -17.23 -27.87 4.06
N ASP C 922 -17.20 -28.08 2.75
CA ASP C 922 -17.09 -27.02 1.76
C ASP C 922 -18.43 -26.82 1.06
N GLY C 923 -18.55 -25.73 0.30
CA GLY C 923 -19.76 -25.42 -0.43
C GLY C 923 -19.62 -25.80 -1.90
N SER C 924 -20.74 -26.13 -2.53
CA SER C 924 -20.71 -26.60 -3.91
C SER C 924 -20.50 -25.45 -4.88
N CYS C 925 -21.46 -24.53 -4.95
CA CYS C 925 -21.34 -23.28 -5.70
C CYS C 925 -22.17 -22.27 -4.91
N ASN C 926 -21.52 -21.59 -3.95
CA ASN C 926 -22.27 -20.94 -2.89
C ASN C 926 -22.97 -19.67 -3.34
N GLY C 927 -22.29 -18.82 -4.12
CA GLY C 927 -22.90 -17.58 -4.57
C GLY C 927 -24.09 -17.80 -5.48
N LEU C 928 -24.04 -18.84 -6.30
CA LEU C 928 -25.18 -19.18 -7.15
C LEU C 928 -26.33 -19.71 -6.31
N GLN C 929 -26.03 -20.45 -5.23
CA GLN C 929 -27.07 -20.86 -4.30
C GLN C 929 -27.73 -19.66 -3.65
N HIS C 930 -26.94 -18.67 -3.27
CA HIS C 930 -27.49 -17.49 -2.61
C HIS C 930 -28.30 -16.62 -3.57
N TYR C 931 -27.91 -16.56 -4.84
CA TYR C 931 -28.80 -15.96 -5.85
C TYR C 931 -30.08 -16.75 -6.01
N ALA C 932 -29.99 -18.09 -5.99
CA ALA C 932 -31.17 -18.92 -6.19
C ALA C 932 -32.16 -18.78 -5.05
N ALA C 933 -31.66 -18.47 -3.84
CA ALA C 933 -32.56 -18.32 -2.71
C ALA C 933 -33.28 -16.97 -2.75
N LEU C 934 -32.59 -15.90 -3.16
CA LEU C 934 -33.19 -14.57 -3.21
C LEU C 934 -34.12 -14.50 -4.42
N GLY C 935 -35.29 -15.11 -4.26
CA GLY C 935 -36.17 -15.32 -5.40
C GLY C 935 -36.01 -16.74 -5.87
N ARG C 936 -36.93 -17.61 -5.47
CA ARG C 936 -36.76 -19.04 -5.67
C ARG C 936 -36.89 -19.41 -7.13
N ASP C 937 -36.18 -20.46 -7.53
CA ASP C 937 -36.25 -20.97 -8.88
C ASP C 937 -36.42 -22.48 -8.84
N SER C 938 -37.03 -23.02 -9.90
CA SER C 938 -37.07 -24.47 -10.09
C SER C 938 -35.91 -24.94 -10.95
N VAL C 939 -35.42 -24.09 -11.84
CA VAL C 939 -34.26 -24.37 -12.67
C VAL C 939 -33.12 -23.50 -12.19
N GLY C 940 -31.94 -24.10 -12.05
CA GLY C 940 -30.81 -23.38 -11.50
C GLY C 940 -30.64 -23.61 -10.01
N ALA C 941 -31.72 -23.48 -9.25
CA ALA C 941 -31.66 -23.81 -7.83
C ALA C 941 -31.48 -25.31 -7.62
N ALA C 942 -32.13 -26.13 -8.46
CA ALA C 942 -31.85 -27.55 -8.45
C ALA C 942 -30.49 -27.87 -9.04
N SER C 943 -29.93 -26.96 -9.83
CA SER C 943 -28.61 -27.16 -10.40
C SER C 943 -27.49 -26.83 -9.43
N VAL C 944 -27.79 -26.13 -8.33
CA VAL C 944 -26.79 -25.80 -7.32
C VAL C 944 -27.02 -26.60 -6.03
N ASN C 945 -27.69 -27.75 -6.12
CA ASN C 945 -27.90 -28.71 -5.03
C ASN C 945 -28.69 -28.14 -3.86
N LEU C 946 -29.54 -27.15 -4.10
CA LEU C 946 -30.48 -26.71 -3.06
C LEU C 946 -31.60 -27.72 -2.89
N GLU C 947 -32.22 -28.13 -3.99
CA GLU C 947 -33.19 -29.22 -3.95
C GLU C 947 -32.47 -30.53 -3.67
N PRO C 948 -33.03 -31.40 -2.83
CA PRO C 948 -32.35 -32.65 -2.50
C PRO C 948 -32.15 -33.55 -3.71
N SER C 949 -30.99 -34.21 -3.74
CA SER C 949 -30.66 -35.13 -4.82
C SER C 949 -29.63 -36.13 -4.31
N ASP C 950 -29.69 -37.35 -4.86
CA ASP C 950 -28.75 -38.38 -4.46
C ASP C 950 -27.37 -38.18 -5.07
N VAL C 951 -27.31 -37.61 -6.26
CA VAL C 951 -26.05 -37.36 -6.97
C VAL C 951 -25.82 -35.86 -7.02
N PRO C 952 -24.66 -35.37 -6.60
CA PRO C 952 -24.42 -33.92 -6.62
C PRO C 952 -24.39 -33.36 -8.03
N GLN C 953 -24.94 -32.16 -8.19
CA GLN C 953 -25.04 -31.48 -9.48
C GLN C 953 -24.21 -30.22 -9.43
N ASP C 954 -23.20 -30.14 -10.30
CA ASP C 954 -22.33 -28.99 -10.38
C ASP C 954 -22.55 -28.27 -11.69
N VAL C 955 -22.81 -26.96 -11.62
CA VAL C 955 -23.03 -26.18 -12.83
C VAL C 955 -21.73 -26.03 -13.61
N TYR C 956 -20.59 -26.05 -12.92
CA TYR C 956 -19.31 -25.79 -13.58
C TYR C 956 -18.97 -26.92 -14.54
N SER C 957 -19.25 -28.16 -14.15
CA SER C 957 -18.97 -29.31 -15.01
C SER C 957 -19.89 -29.31 -16.23
N GLY C 958 -21.14 -28.91 -16.05
CA GLY C 958 -22.05 -28.82 -17.19
C GLY C 958 -21.65 -27.74 -18.18
N VAL C 959 -21.23 -26.57 -17.67
CA VAL C 959 -20.75 -25.50 -18.54
C VAL C 959 -19.46 -25.93 -19.24
N ALA C 960 -18.58 -26.64 -18.53
CA ALA C 960 -17.36 -27.14 -19.15
C ALA C 960 -17.66 -28.16 -20.24
N ALA C 961 -18.65 -29.03 -20.01
CA ALA C 961 -19.05 -29.99 -21.02
C ALA C 961 -19.63 -29.30 -22.25
N GLN C 962 -20.42 -28.23 -22.04
CA GLN C 962 -20.97 -27.51 -23.17
C GLN C 962 -19.87 -26.81 -23.99
N VAL C 963 -18.88 -26.23 -23.29
CA VAL C 963 -17.76 -25.61 -23.99
C VAL C 963 -16.96 -26.66 -24.75
N GLU C 964 -16.80 -27.85 -24.17
CA GLU C 964 -16.04 -28.90 -24.82
C GLU C 964 -16.77 -29.45 -26.04
N VAL C 965 -18.11 -29.56 -25.98
CA VAL C 965 -18.82 -30.05 -27.15
C VAL C 965 -18.99 -28.97 -28.22
N PHE C 966 -18.85 -27.69 -27.87
CA PHE C 966 -18.63 -26.69 -28.92
C PHE C 966 -17.24 -26.81 -29.53
N ARG C 967 -16.24 -27.07 -28.68
CA ARG C 967 -14.85 -27.16 -29.15
C ARG C 967 -14.65 -28.37 -30.06
N ARG C 968 -15.38 -29.47 -29.83
CA ARG C 968 -15.27 -30.63 -30.70
C ARG C 968 -15.73 -30.32 -32.11
N GLN C 969 -16.86 -29.60 -32.24
CA GLN C 969 -17.32 -29.18 -33.56
C GLN C 969 -16.37 -28.18 -34.20
N ASP C 970 -15.80 -27.27 -33.39
CA ASP C 970 -14.82 -26.34 -33.91
C ASP C 970 -13.54 -27.05 -34.37
N ALA C 971 -13.19 -28.15 -33.72
CA ALA C 971 -12.03 -28.93 -34.13
C ALA C 971 -12.32 -29.70 -35.42
N GLN C 972 -13.55 -30.21 -35.55
CA GLN C 972 -13.95 -30.82 -36.81
C GLN C 972 -13.98 -29.81 -37.95
N ARG C 973 -14.27 -28.54 -37.64
CA ARG C 973 -14.19 -27.48 -38.64
C ARG C 973 -12.75 -27.24 -39.09
N GLY C 974 -11.81 -27.23 -38.16
CA GLY C 974 -10.40 -27.12 -38.47
C GLY C 974 -9.66 -25.89 -37.95
N MET C 975 -10.09 -25.30 -36.84
CA MET C 975 -9.38 -24.17 -36.28
C MET C 975 -8.10 -24.61 -35.58
N ARG C 976 -7.09 -23.74 -35.62
CA ARG C 976 -5.80 -24.08 -35.03
C ARG C 976 -5.83 -24.04 -33.51
N VAL C 977 -6.68 -23.18 -32.93
CA VAL C 977 -6.79 -23.06 -31.49
C VAL C 977 -7.44 -24.30 -30.86
N ALA C 978 -8.23 -25.05 -31.63
CA ALA C 978 -8.84 -26.26 -31.09
C ALA C 978 -7.81 -27.34 -30.83
N GLN C 979 -6.69 -27.33 -31.55
CA GLN C 979 -5.62 -28.27 -31.26
C GLN C 979 -4.80 -27.85 -30.05
N VAL C 980 -4.75 -26.56 -29.74
CA VAL C 980 -3.95 -26.13 -28.59
C VAL C 980 -4.77 -26.10 -27.31
N LEU C 981 -6.09 -26.18 -27.38
CA LEU C 981 -6.84 -26.49 -26.17
C LEU C 981 -6.78 -27.99 -25.86
N GLU C 982 -7.07 -28.84 -26.86
CA GLU C 982 -6.78 -30.29 -26.82
C GLU C 982 -7.43 -31.00 -25.64
N GLY C 983 -8.60 -30.55 -25.23
CA GLY C 983 -9.29 -31.23 -24.14
C GLY C 983 -8.66 -31.06 -22.78
N PHE C 984 -7.87 -30.00 -22.57
CA PHE C 984 -7.30 -29.72 -21.27
C PHE C 984 -8.23 -28.89 -20.40
N ILE C 985 -9.45 -28.62 -20.87
CA ILE C 985 -10.42 -27.85 -20.10
C ILE C 985 -11.02 -28.72 -19.00
N THR C 986 -11.03 -28.19 -17.78
CA THR C 986 -11.62 -28.87 -16.63
C THR C 986 -12.41 -27.86 -15.83
N ARG C 987 -12.83 -28.27 -14.63
CA ARG C 987 -13.56 -27.37 -13.73
C ARG C 987 -12.68 -26.20 -13.27
N LYS C 988 -11.42 -26.48 -12.94
CA LYS C 988 -10.52 -25.46 -12.43
C LYS C 988 -10.16 -24.44 -13.50
N VAL C 989 -10.23 -24.85 -14.78
CA VAL C 989 -9.91 -23.93 -15.88
C VAL C 989 -10.94 -22.80 -15.93
N VAL C 990 -12.22 -23.12 -15.79
CA VAL C 990 -13.30 -22.19 -16.05
C VAL C 990 -14.05 -21.77 -14.79
N LYS C 991 -13.60 -22.18 -13.61
CA LYS C 991 -14.35 -21.91 -12.38
C LYS C 991 -14.52 -20.42 -12.13
N GLN C 992 -13.41 -19.67 -12.21
CA GLN C 992 -13.44 -18.24 -11.93
C GLN C 992 -14.34 -17.50 -12.94
N THR C 993 -14.21 -17.84 -14.22
CA THR C 993 -14.94 -17.09 -15.24
C THR C 993 -16.43 -17.40 -15.21
N VAL C 994 -16.82 -18.67 -15.13
CA VAL C 994 -18.24 -19.02 -15.06
C VAL C 994 -18.86 -18.50 -13.77
N MET C 995 -18.08 -18.49 -12.69
CA MET C 995 -18.57 -17.97 -11.43
C MET C 995 -18.66 -16.46 -11.41
N THR C 996 -17.89 -15.76 -12.25
CA THR C 996 -18.04 -14.32 -12.35
C THR C 996 -18.98 -13.90 -13.49
N VAL C 997 -19.51 -14.86 -14.26
CA VAL C 997 -20.57 -14.55 -15.22
C VAL C 997 -21.80 -14.00 -14.49
N VAL C 998 -22.13 -14.57 -13.34
CA VAL C 998 -23.30 -14.11 -12.60
C VAL C 998 -23.07 -12.74 -11.96
N TYR C 999 -21.82 -12.31 -11.84
CA TYR C 999 -21.54 -10.92 -11.48
C TYR C 999 -21.35 -10.12 -12.77
N GLY C 1000 -21.06 -8.83 -12.62
CA GLY C 1000 -20.86 -8.01 -13.81
C GLY C 1000 -19.46 -8.17 -14.36
N VAL C 1001 -19.31 -8.94 -15.42
CA VAL C 1001 -18.01 -9.35 -15.92
C VAL C 1001 -17.74 -8.70 -17.28
N THR C 1002 -16.53 -8.17 -17.42
CA THR C 1002 -16.01 -7.68 -18.68
C THR C 1002 -15.05 -8.74 -19.23
N ARG C 1003 -15.00 -8.88 -20.56
CA ARG C 1003 -14.26 -9.97 -21.20
C ARG C 1003 -12.77 -9.91 -20.90
N TYR C 1004 -12.24 -8.74 -20.55
CA TYR C 1004 -10.86 -8.66 -20.07
C TYR C 1004 -10.71 -9.41 -18.76
N GLY C 1005 -11.69 -9.27 -17.86
CA GLY C 1005 -11.67 -10.02 -16.61
C GLY C 1005 -11.79 -11.51 -16.82
N GLY C 1006 -12.55 -11.92 -17.84
CA GLY C 1006 -12.61 -13.32 -18.19
C GLY C 1006 -11.31 -13.84 -18.75
N ARG C 1007 -10.64 -13.05 -19.60
CA ARG C 1007 -9.43 -13.51 -20.23
C ARG C 1007 -8.21 -13.42 -19.32
N LEU C 1008 -8.28 -12.65 -18.23
CA LEU C 1008 -7.20 -12.68 -17.25
C LEU C 1008 -7.29 -13.87 -16.31
N GLN C 1009 -8.44 -14.54 -16.25
CA GLN C 1009 -8.59 -15.73 -15.42
C GLN C 1009 -8.59 -17.02 -16.19
N ILE C 1010 -9.02 -17.01 -17.46
CA ILE C 1010 -8.95 -18.24 -18.24
C ILE C 1010 -7.54 -18.47 -18.77
N GLU C 1011 -6.68 -17.45 -18.73
CA GLU C 1011 -5.31 -17.59 -19.20
C GLU C 1011 -4.34 -17.97 -18.09
N LYS C 1012 -4.59 -17.53 -16.86
CA LYS C 1012 -3.69 -17.84 -15.76
C LYS C 1012 -3.69 -19.33 -15.44
N ARG C 1013 -4.88 -19.96 -15.50
CA ARG C 1013 -4.99 -21.40 -15.28
C ARG C 1013 -4.17 -22.17 -16.31
N LEU C 1014 -4.29 -21.80 -17.59
CA LEU C 1014 -3.48 -22.45 -18.62
C LEU C 1014 -2.00 -22.07 -18.52
N ARG C 1015 -1.69 -20.97 -17.83
CA ARG C 1015 -0.30 -20.68 -17.52
C ARG C 1015 0.26 -21.64 -16.47
N GLU C 1016 -0.54 -22.03 -15.47
CA GLU C 1016 -0.02 -23.02 -14.53
C GLU C 1016 0.07 -24.43 -15.13
N LEU C 1017 -0.88 -24.80 -15.99
CA LEU C 1017 -0.73 -26.06 -16.71
C LEU C 1017 0.44 -25.99 -17.69
N SER C 1018 1.17 -27.10 -17.80
CA SER C 1018 2.44 -27.17 -18.51
C SER C 1018 2.35 -28.00 -19.79
N ASP C 1019 1.20 -28.02 -20.44
CA ASP C 1019 1.04 -28.87 -21.62
C ASP C 1019 1.33 -28.11 -22.92
N PHE C 1020 0.58 -27.03 -23.18
CA PHE C 1020 0.75 -26.31 -24.45
C PHE C 1020 1.44 -24.97 -24.23
N PRO C 1021 2.47 -24.66 -25.03
CA PRO C 1021 3.34 -23.52 -24.71
C PRO C 1021 2.79 -22.13 -24.99
N GLN C 1022 2.17 -21.92 -26.16
CA GLN C 1022 1.78 -20.59 -26.62
C GLN C 1022 0.28 -20.44 -26.54
N GLU C 1023 -0.18 -19.41 -25.82
CA GLU C 1023 -1.58 -19.30 -25.44
C GLU C 1023 -2.18 -18.08 -26.13
N PHE C 1024 -3.36 -18.28 -26.71
CA PHE C 1024 -4.33 -17.21 -26.93
C PHE C 1024 -5.69 -17.78 -26.55
N VAL C 1025 -6.26 -17.24 -25.47
CA VAL C 1025 -7.34 -17.87 -24.74
C VAL C 1025 -8.70 -17.32 -25.12
N TRP C 1026 -8.78 -16.53 -26.19
CA TRP C 1026 -10.01 -15.82 -26.48
C TRP C 1026 -11.09 -16.73 -27.04
N GLU C 1027 -10.74 -17.95 -27.46
CA GLU C 1027 -11.78 -18.91 -27.80
C GLU C 1027 -12.62 -19.26 -26.58
N ALA C 1028 -11.97 -19.48 -25.44
CA ALA C 1028 -12.69 -19.90 -24.24
C ALA C 1028 -13.58 -18.77 -23.70
N SER C 1029 -13.08 -17.54 -23.71
CA SER C 1029 -13.91 -16.42 -23.27
C SER C 1029 -15.01 -16.12 -24.28
N HIS C 1030 -14.69 -16.14 -25.57
CA HIS C 1030 -15.69 -15.85 -26.59
C HIS C 1030 -16.72 -16.96 -26.71
N TYR C 1031 -16.41 -18.16 -26.20
CA TYR C 1031 -17.44 -19.17 -26.06
C TYR C 1031 -18.14 -19.10 -24.72
N LEU C 1032 -17.50 -18.50 -23.72
CA LEU C 1032 -17.96 -18.64 -22.34
C LEU C 1032 -18.86 -17.50 -21.87
N VAL C 1033 -18.65 -16.29 -22.38
CA VAL C 1033 -19.56 -15.18 -22.10
C VAL C 1033 -20.34 -14.75 -23.32
N ARG C 1034 -20.15 -15.40 -24.47
CA ARG C 1034 -20.92 -15.08 -25.67
C ARG C 1034 -21.68 -16.26 -26.23
N GLN C 1035 -21.02 -17.41 -26.40
CA GLN C 1035 -21.66 -18.52 -27.12
C GLN C 1035 -22.47 -19.41 -26.18
N VAL C 1036 -21.90 -19.82 -25.04
CA VAL C 1036 -22.69 -20.56 -24.05
C VAL C 1036 -23.52 -19.61 -23.22
N PHE C 1037 -23.33 -18.30 -23.40
CA PHE C 1037 -24.15 -17.31 -22.71
C PHE C 1037 -25.60 -17.35 -23.18
N LYS C 1038 -25.86 -17.85 -24.39
CA LYS C 1038 -27.23 -18.20 -24.76
C LYS C 1038 -27.73 -19.37 -23.91
N SER C 1039 -26.92 -20.42 -23.77
CA SER C 1039 -27.28 -21.52 -22.88
C SER C 1039 -27.26 -21.09 -21.43
N LEU C 1040 -26.35 -20.17 -21.07
CA LEU C 1040 -26.35 -19.61 -19.71
C LEU C 1040 -27.64 -18.86 -19.43
N GLN C 1041 -28.14 -18.10 -20.41
CA GLN C 1041 -29.45 -17.50 -20.28
C GLN C 1041 -30.54 -18.56 -20.24
N GLU C 1042 -30.32 -19.69 -20.91
CA GLU C 1042 -31.33 -20.74 -20.94
C GLU C 1042 -31.54 -21.38 -19.58
N MET C 1043 -30.46 -21.79 -18.90
CA MET C 1043 -30.68 -22.45 -17.62
C MET C 1043 -30.64 -21.50 -16.43
N PHE C 1044 -30.06 -20.30 -16.59
CA PHE C 1044 -30.08 -19.29 -15.54
C PHE C 1044 -31.02 -18.18 -16.00
N SER C 1045 -32.29 -18.31 -15.64
CA SER C 1045 -33.30 -17.31 -15.95
C SER C 1045 -33.87 -16.79 -14.63
N GLY C 1046 -33.85 -15.48 -14.46
CA GLY C 1046 -34.32 -14.88 -13.22
C GLY C 1046 -33.20 -14.38 -12.36
N THR C 1047 -32.10 -15.15 -12.28
CA THR C 1047 -30.92 -14.69 -11.55
C THR C 1047 -30.27 -13.50 -12.25
N ARG C 1048 -30.23 -13.53 -13.59
CA ARG C 1048 -29.70 -12.39 -14.31
C ARG C 1048 -30.63 -11.19 -14.21
N ALA C 1049 -31.92 -11.41 -14.00
CA ALA C 1049 -32.82 -10.30 -13.69
C ALA C 1049 -32.45 -9.66 -12.37
N ILE C 1050 -32.08 -10.47 -11.37
CA ILE C 1050 -31.60 -9.94 -10.09
C ILE C 1050 -30.31 -9.16 -10.31
N GLN C 1051 -29.42 -9.69 -11.14
CA GLN C 1051 -28.15 -9.02 -11.42
C GLN C 1051 -28.38 -7.66 -12.08
N HIS C 1052 -29.27 -7.61 -13.07
CA HIS C 1052 -29.56 -6.34 -13.75
C HIS C 1052 -30.26 -5.36 -12.82
N TRP C 1053 -31.14 -5.87 -11.94
CA TRP C 1053 -31.81 -5.00 -10.98
C TRP C 1053 -30.82 -4.37 -10.01
N LEU C 1054 -29.91 -5.17 -9.47
CA LEU C 1054 -28.90 -4.65 -8.56
C LEU C 1054 -27.96 -3.68 -9.26
N THR C 1055 -27.57 -4.01 -10.50
CA THR C 1055 -26.68 -3.14 -11.26
C THR C 1055 -27.33 -1.80 -11.57
N GLU C 1056 -28.61 -1.81 -11.96
CA GLU C 1056 -29.31 -0.56 -12.26
C GLU C 1056 -29.53 0.27 -11.00
N SER C 1057 -29.83 -0.40 -9.88
CA SER C 1057 -29.98 0.31 -8.60
C SER C 1057 -28.68 0.98 -8.19
N ALA C 1058 -27.56 0.26 -8.29
CA ALA C 1058 -26.27 0.85 -7.97
C ALA C 1058 -25.89 1.95 -8.95
N ARG C 1059 -26.26 1.81 -10.22
CA ARG C 1059 -25.97 2.83 -11.21
C ARG C 1059 -26.71 4.13 -10.89
N LEU C 1060 -28.00 4.04 -10.57
CA LEU C 1060 -28.74 5.25 -10.24
C LEU C 1060 -28.33 5.83 -8.89
N ILE C 1061 -27.87 4.97 -7.96
CA ILE C 1061 -27.30 5.49 -6.72
C ILE C 1061 -26.03 6.27 -6.99
N SER C 1062 -25.17 5.75 -7.87
CA SER C 1062 -23.94 6.44 -8.23
C SER C 1062 -24.23 7.74 -8.97
N HIS C 1063 -25.26 7.76 -9.81
CA HIS C 1063 -25.67 9.00 -10.45
C HIS C 1063 -26.23 10.00 -9.45
N MET C 1064 -26.89 9.51 -8.40
CA MET C 1064 -27.35 10.40 -7.34
C MET C 1064 -26.19 10.98 -6.54
N GLY C 1065 -25.08 10.25 -6.44
CA GLY C 1065 -23.90 10.74 -5.76
C GLY C 1065 -23.59 10.09 -4.43
N SER C 1066 -24.24 8.97 -4.09
CA SER C 1066 -24.05 8.33 -2.80
C SER C 1066 -23.34 6.99 -2.96
N VAL C 1067 -22.83 6.48 -1.84
CA VAL C 1067 -22.25 5.15 -1.76
C VAL C 1067 -23.29 4.21 -1.16
N VAL C 1068 -23.31 2.96 -1.63
CA VAL C 1068 -24.39 2.06 -1.29
C VAL C 1068 -24.16 1.48 0.10
N GLU C 1069 -25.14 1.64 0.98
CA GLU C 1069 -25.14 1.06 2.31
C GLU C 1069 -26.22 0.00 2.39
N TRP C 1070 -25.89 -1.15 2.95
CA TRP C 1070 -26.91 -2.18 3.14
C TRP C 1070 -26.71 -2.89 4.47
N VAL C 1071 -27.82 -3.31 5.05
CA VAL C 1071 -27.81 -4.02 6.32
C VAL C 1071 -27.98 -5.52 6.07
N THR C 1072 -27.13 -6.31 6.72
CA THR C 1072 -27.27 -7.74 6.70
C THR C 1072 -28.44 -8.15 7.57
N PRO C 1073 -28.98 -9.36 7.36
CA PRO C 1073 -30.06 -9.84 8.26
C PRO C 1073 -29.62 -9.99 9.71
N LEU C 1074 -28.33 -10.16 9.98
CA LEU C 1074 -27.86 -10.30 11.35
C LEU C 1074 -27.70 -8.95 12.03
N GLY C 1075 -27.28 -7.91 11.31
CA GLY C 1075 -27.19 -6.60 11.89
C GLY C 1075 -25.95 -5.82 11.52
N VAL C 1076 -25.06 -6.43 10.74
CA VAL C 1076 -23.82 -5.78 10.33
C VAL C 1076 -24.11 -4.81 9.18
N PRO C 1077 -23.80 -3.52 9.33
CA PRO C 1077 -23.97 -2.60 8.20
C PRO C 1077 -22.74 -2.53 7.32
N VAL C 1078 -22.92 -2.60 5.99
CA VAL C 1078 -21.84 -2.69 5.03
C VAL C 1078 -21.90 -1.48 4.10
N ILE C 1079 -20.74 -0.85 3.89
CA ILE C 1079 -20.60 0.29 3.00
C ILE C 1079 -19.42 0.00 2.08
N GLN C 1080 -19.43 0.63 0.89
CA GLN C 1080 -18.40 0.39 -0.12
C GLN C 1080 -17.37 1.50 -0.13
N PRO C 1081 -16.09 1.18 -0.03
CA PRO C 1081 -15.03 2.21 -0.05
C PRO C 1081 -14.51 2.48 -1.46
N TYR C 1082 -15.40 2.88 -2.36
CA TYR C 1082 -15.03 3.17 -3.74
C TYR C 1082 -15.30 4.65 -4.00
N ARG C 1083 -14.25 5.47 -3.92
CA ARG C 1083 -14.36 6.91 -4.08
C ARG C 1083 -13.36 7.39 -5.12
N LEU C 1084 -13.74 8.42 -5.87
CA LEU C 1084 -12.83 9.01 -6.84
C LEU C 1084 -11.71 9.78 -6.14
N ASP C 1085 -10.61 9.96 -6.86
CA ASP C 1085 -9.47 10.68 -6.32
C ASP C 1085 -9.73 12.19 -6.30
N SER C 1107 -16.70 14.62 0.49
CA SER C 1107 -15.62 15.42 -0.07
C SER C 1107 -15.10 14.80 -1.37
N ARG C 1108 -15.11 13.48 -1.43
CA ARG C 1108 -14.63 12.74 -2.59
C ARG C 1108 -15.80 12.04 -3.26
N LYS C 1109 -15.94 12.23 -4.57
CA LYS C 1109 -17.08 11.70 -5.28
C LYS C 1109 -16.99 10.18 -5.41
N PRO C 1110 -18.14 9.50 -5.45
CA PRO C 1110 -18.13 8.06 -5.71
C PRO C 1110 -17.71 7.74 -7.13
N ASN C 1111 -17.06 6.59 -7.28
CA ASN C 1111 -16.65 6.10 -8.59
C ASN C 1111 -17.72 5.15 -9.10
N THR C 1112 -18.28 5.46 -10.27
CA THR C 1112 -19.41 4.68 -10.78
C THR C 1112 -18.98 3.29 -11.23
N ARG C 1113 -17.82 3.17 -11.87
CA ARG C 1113 -17.44 1.92 -12.53
C ARG C 1113 -17.21 0.80 -11.52
N LYS C 1114 -16.45 1.06 -10.47
CA LYS C 1114 -16.24 0.05 -9.44
C LYS C 1114 -17.34 0.04 -8.38
N GLN C 1115 -18.51 0.58 -8.68
CA GLN C 1115 -19.63 0.54 -7.76
C GLN C 1115 -20.88 -0.13 -8.32
N LYS C 1116 -21.21 0.08 -9.60
CA LYS C 1116 -22.27 -0.73 -10.20
C LYS C 1116 -21.80 -2.17 -10.38
N ASN C 1117 -20.60 -2.34 -10.89
CA ASN C 1117 -19.90 -3.61 -10.78
C ASN C 1117 -19.27 -3.69 -9.40
N GLY C 1118 -19.18 -4.90 -8.87
CA GLY C 1118 -18.68 -5.04 -7.52
C GLY C 1118 -19.67 -4.65 -6.44
N PHE C 1119 -20.92 -4.36 -6.80
CA PHE C 1119 -22.00 -4.29 -5.82
C PHE C 1119 -22.57 -5.70 -5.52
N PRO C 1120 -22.87 -6.55 -6.50
CA PRO C 1120 -23.32 -7.91 -6.15
C PRO C 1120 -22.25 -8.75 -5.47
N PRO C 1121 -20.93 -8.76 -5.92
CA PRO C 1121 -19.95 -9.49 -5.11
C PRO C 1121 -19.40 -8.65 -3.97
N ASN C 1122 -20.30 -7.96 -3.28
CA ASN C 1122 -19.98 -7.23 -2.07
C ASN C 1122 -21.14 -7.32 -1.09
N PHE C 1123 -22.33 -7.69 -1.58
CA PHE C 1123 -23.55 -7.98 -0.85
C PHE C 1123 -23.83 -9.47 -0.73
N ILE C 1124 -23.52 -10.24 -1.78
CA ILE C 1124 -23.78 -11.66 -1.70
C ILE C 1124 -22.79 -12.32 -0.74
N HIS C 1125 -21.59 -11.73 -0.62
CA HIS C 1125 -20.64 -12.15 0.39
C HIS C 1125 -21.09 -11.77 1.80
N SER C 1126 -21.81 -10.65 1.93
CA SER C 1126 -22.38 -10.29 3.23
C SER C 1126 -23.42 -11.32 3.66
N LEU C 1127 -24.22 -11.79 2.70
CA LEU C 1127 -25.17 -12.87 3.01
C LEU C 1127 -24.44 -14.16 3.38
N ASP C 1128 -23.34 -14.46 2.68
CA ASP C 1128 -22.49 -15.59 3.05
C ASP C 1128 -21.99 -15.48 4.49
N SER C 1129 -21.51 -14.30 4.88
CA SER C 1129 -20.98 -14.14 6.23
C SER C 1129 -22.08 -14.20 7.29
N SER C 1130 -23.27 -13.68 6.98
CA SER C 1130 -24.39 -13.77 7.91
C SER C 1130 -24.78 -15.23 8.15
N HIS C 1131 -24.82 -16.02 7.07
CA HIS C 1131 -25.08 -17.45 7.21
C HIS C 1131 -23.99 -18.14 8.02
N MET C 1132 -22.73 -17.75 7.78
CA MET C 1132 -21.61 -18.37 8.50
C MET C 1132 -21.68 -18.07 10.00
N MET C 1133 -22.00 -16.83 10.37
CA MET C 1133 -22.08 -16.50 11.80
C MET C 1133 -23.29 -17.17 12.45
N LEU C 1134 -24.41 -17.29 11.73
CA LEU C 1134 -25.55 -18.02 12.29
C LEU C 1134 -25.21 -19.48 12.54
N THR C 1135 -24.50 -20.11 11.58
CA THR C 1135 -24.05 -21.47 11.76
C THR C 1135 -23.10 -21.58 12.94
N ALA C 1136 -22.25 -20.56 13.12
CA ALA C 1136 -21.32 -20.54 14.24
C ALA C 1136 -22.04 -20.50 15.58
N LEU C 1137 -23.05 -19.63 15.71
CA LEU C 1137 -23.74 -19.49 16.98
C LEU C 1137 -24.57 -20.73 17.31
N HIS C 1138 -25.31 -21.26 16.33
CA HIS C 1138 -26.08 -22.47 16.61
C HIS C 1138 -25.21 -23.71 16.69
N CYS C 1139 -23.96 -23.64 16.23
CA CYS C 1139 -22.98 -24.68 16.50
C CYS C 1139 -22.46 -24.59 17.93
N TYR C 1140 -22.22 -23.37 18.41
CA TYR C 1140 -21.72 -23.17 19.77
C TYR C 1140 -22.75 -23.56 20.81
N ARG C 1141 -24.04 -23.39 20.50
CA ARG C 1141 -25.06 -23.69 21.50
C ARG C 1141 -25.18 -25.19 21.81
N LYS C 1142 -24.72 -26.07 20.94
CA LYS C 1142 -24.89 -27.50 21.14
C LYS C 1142 -23.61 -28.18 21.63
N GLY C 1143 -22.72 -27.45 22.27
CA GLY C 1143 -21.51 -28.04 22.79
C GLY C 1143 -20.47 -28.42 21.74
N LEU C 1144 -20.48 -27.76 20.60
CA LEU C 1144 -19.56 -28.05 19.51
C LEU C 1144 -18.50 -26.95 19.42
N THR C 1145 -17.26 -27.36 19.18
CA THR C 1145 -16.16 -26.43 18.92
C THR C 1145 -16.10 -26.18 17.43
N PHE C 1146 -15.99 -24.92 17.04
CA PHE C 1146 -16.26 -24.52 15.66
C PHE C 1146 -15.25 -23.46 15.21
N VAL C 1147 -14.45 -23.81 14.20
CA VAL C 1147 -13.60 -22.86 13.50
C VAL C 1147 -13.91 -22.96 12.01
N SER C 1148 -14.08 -21.82 11.36
CA SER C 1148 -14.66 -21.78 10.03
C SER C 1148 -13.78 -20.96 9.11
N VAL C 1149 -13.14 -21.63 8.14
CA VAL C 1149 -12.80 -20.94 6.91
C VAL C 1149 -14.11 -20.47 6.32
N HIS C 1150 -14.11 -19.25 5.79
CA HIS C 1150 -15.32 -18.76 5.13
C HIS C 1150 -15.63 -19.57 3.88
N ASP C 1151 -16.81 -20.21 3.91
CA ASP C 1151 -17.42 -21.12 2.93
C ASP C 1151 -16.67 -22.45 3.03
N CYS C 1152 -16.03 -22.71 4.18
CA CYS C 1152 -15.45 -24.02 4.48
C CYS C 1152 -15.37 -24.19 5.99
N TYR C 1153 -16.37 -24.84 6.57
CA TYR C 1153 -16.40 -24.97 8.03
C TYR C 1153 -15.59 -26.18 8.48
N TRP C 1154 -15.12 -26.13 9.73
CA TRP C 1154 -14.28 -27.17 10.30
C TRP C 1154 -14.92 -27.65 11.59
N THR C 1155 -14.92 -28.96 11.80
CA THR C 1155 -15.41 -29.52 13.05
C THR C 1155 -14.84 -30.92 13.24
N HIS C 1156 -14.94 -31.43 14.45
CA HIS C 1156 -14.39 -32.73 14.78
C HIS C 1156 -15.17 -33.85 14.09
N ALA C 1157 -14.69 -35.08 14.26
CA ALA C 1157 -15.26 -36.21 13.54
C ALA C 1157 -16.67 -36.55 14.02
N ALA C 1158 -16.90 -36.48 15.34
CA ALA C 1158 -18.19 -36.86 15.87
C ALA C 1158 -19.25 -35.80 15.58
N ASP C 1159 -18.84 -34.55 15.46
CA ASP C 1159 -19.76 -33.43 15.57
C ASP C 1159 -20.25 -32.90 14.22
N VAL C 1160 -19.92 -33.55 13.11
CA VAL C 1160 -20.14 -32.95 11.81
C VAL C 1160 -21.62 -33.01 11.41
N SER C 1161 -22.35 -34.02 11.90
CA SER C 1161 -23.76 -34.13 11.54
C SER C 1161 -24.59 -33.04 12.19
N VAL C 1162 -24.30 -32.74 13.45
CA VAL C 1162 -25.01 -31.68 14.17
C VAL C 1162 -24.72 -30.33 13.53
N MET C 1163 -23.44 -30.10 13.16
CA MET C 1163 -23.07 -28.86 12.48
C MET C 1163 -23.74 -28.75 11.11
N ASN C 1164 -23.91 -29.89 10.42
CA ASN C 1164 -24.62 -29.87 9.14
C ASN C 1164 -26.07 -29.45 9.32
N GLN C 1165 -26.78 -30.08 10.28
CA GLN C 1165 -28.17 -29.72 10.51
C GLN C 1165 -28.31 -28.27 10.95
N VAL C 1166 -27.32 -27.79 11.71
CA VAL C 1166 -27.24 -26.36 12.04
C VAL C 1166 -27.14 -25.52 10.77
N CYS C 1167 -26.31 -25.95 9.82
CA CYS C 1167 -26.11 -25.18 8.59
C CYS C 1167 -27.39 -25.09 7.76
N ARG C 1168 -28.09 -26.21 7.58
CA ARG C 1168 -29.34 -26.16 6.82
C ARG C 1168 -30.39 -25.34 7.55
N GLU C 1169 -30.46 -25.45 8.88
CA GLU C 1169 -31.44 -24.67 9.64
C GLU C 1169 -31.18 -23.17 9.52
N GLN C 1170 -29.91 -22.77 9.57
CA GLN C 1170 -29.59 -21.35 9.43
C GLN C 1170 -29.84 -20.86 8.02
N PHE C 1171 -29.62 -21.69 7.00
CA PHE C 1171 -29.91 -21.26 5.63
C PHE C 1171 -31.41 -21.07 5.44
N VAL C 1172 -32.23 -21.95 6.01
CA VAL C 1172 -33.67 -21.77 5.92
C VAL C 1172 -34.11 -20.55 6.72
N ARG C 1173 -33.53 -20.32 7.89
CA ARG C 1173 -33.93 -19.18 8.73
C ARG C 1173 -33.55 -17.85 8.10
N LEU C 1174 -32.38 -17.76 7.47
CA LEU C 1174 -31.89 -16.47 6.97
C LEU C 1174 -32.70 -15.98 5.78
N HIS C 1175 -33.08 -16.87 4.88
CA HIS C 1175 -33.83 -16.50 3.69
C HIS C 1175 -35.34 -16.57 3.89
N SER C 1176 -35.81 -17.07 5.03
CA SER C 1176 -37.23 -17.00 5.33
C SER C 1176 -37.69 -15.56 5.49
N GLU C 1177 -36.88 -14.74 6.15
CA GLU C 1177 -37.11 -13.32 6.14
C GLU C 1177 -36.83 -12.78 4.74
N PRO C 1178 -37.75 -12.06 4.11
CA PRO C 1178 -37.53 -11.60 2.73
C PRO C 1178 -36.47 -10.52 2.65
N ILE C 1179 -35.28 -10.90 2.16
CA ILE C 1179 -34.15 -9.98 2.13
C ILE C 1179 -34.34 -8.94 1.04
N LEU C 1180 -34.94 -9.33 -0.08
CA LEU C 1180 -35.05 -8.44 -1.23
C LEU C 1180 -36.00 -7.28 -0.95
N GLN C 1181 -37.15 -7.55 -0.32
CA GLN C 1181 -38.11 -6.48 -0.05
C GLN C 1181 -37.61 -5.55 1.06
N ASP C 1182 -36.99 -6.09 2.09
CA ASP C 1182 -36.40 -5.26 3.14
C ASP C 1182 -35.26 -4.42 2.59
N LEU C 1183 -34.46 -5.00 1.69
CA LEU C 1183 -33.39 -4.25 1.03
C LEU C 1183 -33.95 -3.14 0.17
N SER C 1184 -35.05 -3.42 -0.54
CA SER C 1184 -35.70 -2.38 -1.34
C SER C 1184 -36.23 -1.24 -0.48
N ARG C 1185 -36.84 -1.58 0.66
CA ARG C 1185 -37.34 -0.55 1.57
C ARG C 1185 -36.20 0.29 2.15
N PHE C 1186 -35.10 -0.36 2.53
CA PHE C 1186 -33.97 0.38 3.08
C PHE C 1186 -33.31 1.26 2.02
N LEU C 1187 -33.23 0.76 0.78
CA LEU C 1187 -32.66 1.55 -0.30
C LEU C 1187 -33.54 2.74 -0.64
N VAL C 1188 -34.86 2.57 -0.58
CA VAL C 1188 -35.78 3.69 -0.76
C VAL C 1188 -35.61 4.72 0.35
N LYS C 1189 -35.52 4.25 1.60
CA LYS C 1189 -35.43 5.16 2.73
C LYS C 1189 -34.10 5.92 2.76
N ARG C 1190 -33.02 5.29 2.31
CA ARG C 1190 -31.73 5.95 2.35
C ARG C 1190 -31.46 6.79 1.12
N PHE C 1191 -31.79 6.28 -0.07
CA PHE C 1191 -31.34 6.88 -1.33
C PHE C 1191 -32.46 7.56 -2.10
N CYS C 1192 -33.65 7.71 -1.52
CA CYS C 1192 -34.73 8.38 -2.21
C CYS C 1192 -35.54 9.29 -1.28
N SER C 1193 -35.06 9.53 -0.05
CA SER C 1193 -35.80 10.34 0.91
C SER C 1193 -35.48 11.82 0.82
N GLU C 1194 -34.63 12.23 -0.12
CA GLU C 1194 -34.34 13.65 -0.29
C GLU C 1194 -34.69 14.11 -1.70
N PRO C 1195 -35.32 15.27 -1.85
CA PRO C 1195 -35.72 15.77 -3.18
C PRO C 1195 -34.65 16.61 -3.89
N GLN C 1196 -33.62 15.91 -4.39
CA GLN C 1196 -32.59 16.58 -5.16
C GLN C 1196 -33.13 17.10 -6.50
N LYS C 1197 -33.82 16.23 -7.24
CA LYS C 1197 -34.50 16.63 -8.47
C LYS C 1197 -35.58 15.60 -8.76
N ILE C 1198 -36.51 15.98 -9.64
CA ILE C 1198 -37.65 15.12 -9.93
C ILE C 1198 -37.25 13.87 -10.71
N LEU C 1199 -36.28 13.99 -11.62
CA LEU C 1199 -35.90 12.85 -12.45
C LEU C 1199 -35.18 11.78 -11.65
N GLU C 1200 -34.20 12.19 -10.83
CA GLU C 1200 -33.44 11.24 -10.04
C GLU C 1200 -34.30 10.58 -8.96
N ALA C 1201 -35.32 11.29 -8.46
CA ALA C 1201 -36.26 10.66 -7.56
C ALA C 1201 -37.15 9.67 -8.29
N SER C 1202 -37.73 10.08 -9.43
CA SER C 1202 -38.77 9.30 -10.08
C SER C 1202 -38.21 8.03 -10.71
N GLN C 1203 -37.10 8.15 -11.46
CA GLN C 1203 -36.53 6.98 -12.13
C GLN C 1203 -36.03 5.96 -11.12
N LEU C 1204 -35.37 6.43 -10.06
CA LEU C 1204 -34.86 5.51 -9.04
C LEU C 1204 -36.00 4.84 -8.29
N LYS C 1205 -37.07 5.59 -8.01
CA LYS C 1205 -38.23 4.99 -7.35
C LYS C 1205 -38.88 3.92 -8.22
N GLU C 1206 -39.05 4.21 -9.51
CA GLU C 1206 -39.69 3.24 -10.42
C GLU C 1206 -38.83 2.00 -10.60
N THR C 1207 -37.52 2.16 -10.70
CA THR C 1207 -36.64 1.00 -10.87
C THR C 1207 -36.45 0.22 -9.57
N LEU C 1208 -36.57 0.89 -8.43
CA LEU C 1208 -36.20 0.30 -7.15
C LEU C 1208 -37.38 -0.34 -6.45
N GLN C 1209 -38.61 0.11 -6.73
CA GLN C 1209 -39.78 -0.51 -6.12
C GLN C 1209 -40.03 -1.91 -6.68
N ALA C 1210 -39.48 -2.22 -7.85
CA ALA C 1210 -39.70 -3.52 -8.49
C ALA C 1210 -38.72 -4.55 -7.94
N VAL C 1211 -39.25 -5.72 -7.58
CA VAL C 1211 -38.46 -6.85 -7.08
C VAL C 1211 -38.79 -8.03 -7.98
N PRO C 1212 -37.79 -8.82 -8.41
CA PRO C 1212 -38.08 -10.01 -9.23
C PRO C 1212 -38.93 -11.02 -8.47
N LYS C 1213 -39.85 -11.65 -9.19
CA LYS C 1213 -40.82 -12.55 -8.58
C LYS C 1213 -40.18 -13.90 -8.29
N PRO C 1214 -40.29 -14.39 -7.05
CA PRO C 1214 -39.80 -15.74 -6.76
C PRO C 1214 -40.69 -16.80 -7.42
N GLY C 1215 -40.09 -17.96 -7.66
CA GLY C 1215 -40.77 -19.05 -8.34
C GLY C 1215 -41.39 -20.03 -7.39
N ALA C 1216 -41.89 -21.13 -7.96
CA ALA C 1216 -42.59 -22.16 -7.20
C ALA C 1216 -41.60 -23.21 -6.70
N PHE C 1217 -40.79 -22.80 -5.73
CA PHE C 1217 -39.86 -23.69 -5.06
C PHE C 1217 -39.85 -23.34 -3.57
N ASP C 1218 -39.85 -24.38 -2.74
CA ASP C 1218 -39.95 -24.20 -1.30
C ASP C 1218 -38.54 -24.20 -0.69
N LEU C 1219 -38.27 -23.20 0.15
CA LEU C 1219 -36.99 -23.13 0.85
C LEU C 1219 -36.87 -24.23 1.89
N GLU C 1220 -38.00 -24.71 2.42
CA GLU C 1220 -38.02 -25.72 3.48
C GLU C 1220 -37.45 -27.05 3.06
N GLN C 1221 -37.24 -27.28 1.76
CA GLN C 1221 -36.60 -28.49 1.29
C GLN C 1221 -35.12 -28.54 1.64
N VAL C 1222 -34.52 -27.41 2.01
CA VAL C 1222 -33.08 -27.37 2.28
C VAL C 1222 -32.72 -28.22 3.50
N LYS C 1223 -33.63 -28.33 4.47
CA LYS C 1223 -33.40 -29.22 5.62
C LYS C 1223 -33.26 -30.67 5.20
N ARG C 1224 -33.87 -31.07 4.08
CA ARG C 1224 -33.68 -32.39 3.54
C ARG C 1224 -32.56 -32.45 2.51
N SER C 1225 -31.94 -31.32 2.17
CA SER C 1225 -30.89 -31.32 1.17
C SER C 1225 -29.64 -31.97 1.74
N THR C 1226 -29.16 -33.02 1.07
CA THR C 1226 -28.06 -33.78 1.60
C THR C 1226 -26.71 -33.20 1.18
N TYR C 1227 -26.61 -32.70 -0.05
CA TYR C 1227 -25.32 -32.31 -0.62
C TYR C 1227 -25.25 -30.80 -0.80
N PHE C 1228 -25.86 -30.07 0.12
CA PHE C 1228 -25.73 -28.62 0.20
C PHE C 1228 -24.27 -28.25 0.43
N PHE C 1229 -23.75 -28.61 1.61
CA PHE C 1229 -22.40 -28.27 2.01
C PHE C 1229 -21.69 -29.59 2.32
N SER C 1230 -21.10 -30.20 1.30
CA SER C 1230 -20.41 -31.47 1.45
C SER C 1230 -19.34 -31.64 0.39
#